data_9GJY
#
_entry.id   9GJY
#
_cell.length_a   77.106
_cell.length_b   115.380
_cell.length_c   103.228
_cell.angle_alpha   90.00
_cell.angle_beta   109.92
_cell.angle_gamma   90.00
#
_symmetry.space_group_name_H-M   'P 1 21 1'
#
loop_
_entity.id
_entity.type
_entity.pdbx_description
1 polymer 'NADH-dependent nitro/flavin oxidoreductase'
2 non-polymer 'FLAVIN MONONUCLEOTIDE'
3 non-polymer DI(HYDROXYETHYL)ETHER
4 non-polymer 1,2-ETHANEDIOL
5 non-polymer 'ACETATE ION'
6 non-polymer GLYCEROL
7 non-polymer 'SULFATE ION'
8 non-polymer 'TRIETHYLENE GLYCOL'
9 water water
#
_entity_poly.entity_id   1
_entity_poly.type   'polypeptide(L)'
_entity_poly.pdbx_seq_one_letter_code
;MGSSHHHHHHSSGLVPRGSHMMTEQSKKQEILDAFQFRHATKEFDPDRKISDEDFQFILEAGRLSPSSVGLEPWQFVVVQ
NKELREKLRQVSWGAQGQLPTASHFVLLLGRTAKEMRRDSGYVADQLKHVKKMPEDIIENMLKEDGVLESFQDGDFHLYE
SDRAMFDWVSKQTYIALANMMTAAALIGIDSCPIEGFNYDKVHDILEKEGVLEDGRFDISVMAAFGYRVKEPRPKTRRAL
DQIVKWVE
;
_entity_poly.pdbx_strand_id   A,B,C,D,E,F
#
loop_
_chem_comp.id
_chem_comp.type
_chem_comp.name
_chem_comp.formula
ACT non-polymer 'ACETATE ION' 'C2 H3 O2 -1'
EDO non-polymer 1,2-ETHANEDIOL 'C2 H6 O2'
FMN non-polymer 'FLAVIN MONONUCLEOTIDE' 'C17 H21 N4 O9 P'
GOL non-polymer GLYCEROL 'C3 H8 O3'
PEG non-polymer DI(HYDROXYETHYL)ETHER 'C4 H10 O3'
PGE non-polymer 'TRIETHYLENE GLYCOL' 'C6 H14 O4'
SO4 non-polymer 'SULFATE ION' 'O4 S -2'
#
# COMPACT_ATOMS: atom_id res chain seq x y z
N MET A 22 36.01 -3.14 9.18
CA MET A 22 36.56 -3.34 7.85
C MET A 22 37.18 -2.02 7.35
N THR A 23 38.51 -2.00 7.22
CA THR A 23 39.18 -0.78 6.79
C THR A 23 38.64 -0.32 5.43
N GLU A 24 38.74 0.98 5.16
CA GLU A 24 38.27 1.50 3.88
C GLU A 24 39.19 1.07 2.75
N GLN A 25 40.46 0.76 3.04
CA GLN A 25 41.33 0.22 2.00
C GLN A 25 40.94 -1.21 1.64
N SER A 26 40.49 -1.99 2.63
CA SER A 26 40.02 -3.34 2.37
C SER A 26 38.74 -3.31 1.55
N LYS A 27 37.83 -2.38 1.89
CA LYS A 27 36.60 -2.22 1.12
C LYS A 27 36.91 -1.91 -0.34
N LYS A 28 37.86 -1.03 -0.59
CA LYS A 28 38.21 -0.71 -1.97
C LYS A 28 38.75 -1.94 -2.69
N GLN A 29 39.56 -2.75 -2.01
CA GLN A 29 40.11 -3.93 -2.67
C GLN A 29 39.01 -4.94 -2.96
N GLU A 30 38.07 -5.09 -2.04
CA GLU A 30 36.91 -5.97 -2.25
C GLU A 30 36.12 -5.53 -3.47
N ILE A 31 35.92 -4.22 -3.64
CA ILE A 31 35.17 -3.72 -4.78
C ILE A 31 35.95 -3.92 -6.09
N LEU A 32 37.25 -3.58 -6.10
CA LEU A 32 38.05 -3.87 -7.29
C LEU A 32 38.04 -5.36 -7.59
N ASP A 33 38.04 -6.21 -6.56
CA ASP A 33 37.99 -7.63 -6.83
C ASP A 33 36.73 -7.99 -7.61
N ALA A 34 35.60 -7.36 -7.28
CA ALA A 34 34.36 -7.66 -8.00
C ALA A 34 34.43 -7.16 -9.45
N PHE A 35 35.00 -5.97 -9.66
CA PHE A 35 35.22 -5.49 -11.02
C PHE A 35 36.13 -6.43 -11.81
N GLN A 36 37.07 -7.10 -11.14
CA GLN A 36 37.93 -8.05 -11.82
C GLN A 36 37.23 -9.36 -12.07
N PHE A 37 36.31 -9.72 -11.18
CA PHE A 37 35.53 -10.94 -11.29
C PHE A 37 34.57 -10.87 -12.48
N ARG A 38 33.88 -9.74 -12.63
CA ARG A 38 32.98 -9.59 -13.76
C ARG A 38 33.77 -9.70 -15.06
N HIS A 39 33.23 -10.49 -15.99
CA HIS A 39 33.80 -10.59 -17.33
C HIS A 39 32.65 -10.93 -18.28
N ALA A 40 32.93 -10.88 -19.58
CA ALA A 40 31.91 -11.13 -20.61
C ALA A 40 31.76 -12.64 -20.74
N THR A 41 30.97 -13.21 -19.84
CA THR A 41 30.83 -14.66 -19.74
C THR A 41 30.14 -15.21 -20.98
N LYS A 42 30.80 -16.15 -21.67
CA LYS A 42 30.27 -16.64 -22.94
C LYS A 42 29.24 -17.76 -22.78
N GLU A 43 29.29 -18.48 -21.67
CA GLU A 43 28.34 -19.54 -21.37
C GLU A 43 28.26 -19.72 -19.86
N PHE A 44 27.10 -20.20 -19.41
CA PHE A 44 26.80 -20.29 -18.00
C PHE A 44 26.51 -21.75 -17.64
N ASP A 45 26.54 -22.03 -16.36
CA ASP A 45 26.20 -23.36 -15.88
C ASP A 45 24.70 -23.57 -16.10
N PRO A 46 24.30 -24.56 -16.90
CA PRO A 46 22.86 -24.71 -17.19
C PRO A 46 22.09 -25.41 -16.08
N ASP A 47 22.76 -25.84 -15.02
CA ASP A 47 22.11 -26.49 -13.89
C ASP A 47 22.24 -25.70 -12.60
N ARG A 48 22.53 -24.40 -12.68
N ARG A 48 22.52 -24.39 -12.68
CA ARG A 48 22.63 -23.54 -11.51
CA ARG A 48 22.63 -23.55 -11.49
C ARG A 48 21.87 -22.25 -11.75
C ARG A 48 21.89 -22.25 -11.72
N LYS A 49 20.75 -22.09 -11.05
CA LYS A 49 19.87 -20.95 -11.24
C LYS A 49 20.12 -19.93 -10.13
N ILE A 50 20.11 -18.66 -10.52
CA ILE A 50 20.14 -17.58 -9.54
C ILE A 50 18.85 -17.62 -8.72
N SER A 51 19.01 -17.43 -7.42
CA SER A 51 17.87 -17.40 -6.52
C SER A 51 16.94 -16.23 -6.86
N ASP A 52 15.67 -16.38 -6.49
CA ASP A 52 14.74 -15.29 -6.72
C ASP A 52 15.19 -14.02 -6.00
N GLU A 53 15.71 -14.17 -4.77
CA GLU A 53 16.13 -13.02 -3.97
C GLU A 53 17.30 -12.33 -4.62
N ASP A 54 18.31 -13.11 -5.02
CA ASP A 54 19.51 -12.54 -5.64
C ASP A 54 19.12 -11.84 -6.95
N PHE A 55 18.25 -12.45 -7.72
CA PHE A 55 17.90 -11.81 -8.98
C PHE A 55 17.10 -10.52 -8.73
N GLN A 56 16.17 -10.55 -7.77
CA GLN A 56 15.46 -9.33 -7.42
C GLN A 56 16.45 -8.22 -7.00
N PHE A 57 17.53 -8.59 -6.33
CA PHE A 57 18.56 -7.63 -5.95
C PHE A 57 19.22 -7.04 -7.19
N ILE A 58 19.50 -7.89 -8.17
CA ILE A 58 20.11 -7.39 -9.42
C ILE A 58 19.16 -6.40 -10.09
N LEU A 59 17.87 -6.74 -10.17
CA LEU A 59 16.90 -5.85 -10.78
C LEU A 59 16.82 -4.52 -10.02
N GLU A 60 16.88 -4.58 -8.68
CA GLU A 60 16.81 -3.35 -7.88
C GLU A 60 17.98 -2.41 -8.19
N ALA A 61 19.18 -2.95 -8.44
CA ALA A 61 20.30 -2.13 -8.87
C ALA A 61 19.98 -1.39 -10.16
N GLY A 62 19.28 -2.03 -11.08
CA GLY A 62 18.81 -1.34 -12.26
C GLY A 62 17.77 -0.28 -11.92
N ARG A 63 16.77 -0.66 -11.13
CA ARG A 63 15.71 0.27 -10.76
C ARG A 63 16.24 1.51 -10.09
N LEU A 64 17.25 1.36 -9.20
CA LEU A 64 17.75 2.52 -8.47
C LEU A 64 18.71 3.36 -9.29
N SER A 65 18.94 3.02 -10.53
CA SER A 65 19.94 3.74 -11.28
C SER A 65 19.45 5.17 -11.56
N PRO A 66 20.39 6.13 -11.66
CA PRO A 66 20.02 7.47 -12.12
C PRO A 66 19.75 7.51 -13.63
N SER A 67 19.05 8.57 -14.04
CA SER A 67 18.70 8.78 -15.43
C SER A 67 18.58 10.28 -15.67
N SER A 68 18.82 10.70 -16.88
CA SER A 68 18.71 12.11 -17.21
C SER A 68 17.30 12.63 -16.95
N VAL A 69 17.21 13.77 -16.28
CA VAL A 69 15.95 14.39 -15.91
C VAL A 69 15.11 13.45 -15.05
N GLY A 70 15.73 12.40 -14.51
CA GLY A 70 15.01 11.47 -13.65
C GLY A 70 13.90 10.72 -14.33
N LEU A 71 13.95 10.58 -15.65
CA LEU A 71 12.80 10.09 -16.38
C LEU A 71 12.71 8.57 -16.44
N GLU A 72 13.73 7.83 -15.98
CA GLU A 72 13.73 6.37 -15.93
C GLU A 72 13.16 5.78 -17.22
N PRO A 73 13.72 6.09 -18.34
CA PRO A 73 13.05 5.78 -19.63
C PRO A 73 13.31 4.35 -20.12
N TRP A 74 13.03 3.38 -19.24
CA TRP A 74 13.45 2.01 -19.49
C TRP A 74 12.40 1.03 -19.02
N GLN A 75 12.56 -0.20 -19.48
CA GLN A 75 11.80 -1.37 -19.04
C GLN A 75 12.76 -2.54 -19.13
N PHE A 76 12.72 -3.42 -18.14
CA PHE A 76 13.54 -4.62 -18.10
C PHE A 76 12.63 -5.83 -18.33
N VAL A 77 12.87 -6.56 -19.41
CA VAL A 77 12.05 -7.72 -19.75
C VAL A 77 12.86 -8.98 -19.46
N VAL A 78 12.37 -9.80 -18.54
CA VAL A 78 13.09 -11.02 -18.16
C VAL A 78 12.56 -12.14 -19.04
N VAL A 79 13.38 -12.62 -19.96
CA VAL A 79 12.95 -13.59 -20.98
C VAL A 79 13.38 -14.96 -20.49
N GLN A 80 12.49 -15.63 -19.76
CA GLN A 80 12.71 -17.01 -19.38
C GLN A 80 12.04 -17.99 -20.35
N ASN A 81 11.03 -17.55 -21.09
CA ASN A 81 10.37 -18.37 -22.08
C ASN A 81 11.39 -18.95 -23.06
N LYS A 82 11.40 -20.28 -23.19
CA LYS A 82 12.39 -20.94 -24.04
C LYS A 82 12.18 -20.64 -25.52
N GLU A 83 10.93 -20.60 -26.00
CA GLU A 83 10.69 -20.33 -27.40
C GLU A 83 11.17 -18.94 -27.79
N LEU A 84 10.95 -17.95 -26.93
CA LEU A 84 11.38 -16.59 -27.25
C LEU A 84 12.90 -16.47 -27.18
N ARG A 85 13.52 -17.14 -26.20
CA ARG A 85 14.99 -17.15 -26.16
C ARG A 85 15.52 -17.70 -27.48
N GLU A 86 14.90 -18.76 -27.99
CA GLU A 86 15.40 -19.36 -29.23
C GLU A 86 15.14 -18.46 -30.43
N LYS A 87 14.01 -17.77 -30.47
CA LYS A 87 13.78 -16.81 -31.56
C LYS A 87 14.86 -15.74 -31.56
N LEU A 88 15.22 -15.28 -30.37
CA LEU A 88 16.27 -14.27 -30.28
C LEU A 88 17.62 -14.85 -30.67
N ARG A 89 17.89 -16.08 -30.26
CA ARG A 89 19.20 -16.66 -30.52
C ARG A 89 19.42 -16.81 -32.02
N GLN A 90 18.36 -17.08 -32.78
CA GLN A 90 18.53 -17.23 -34.23
C GLN A 90 19.01 -15.94 -34.89
N VAL A 91 18.84 -14.78 -34.25
CA VAL A 91 19.22 -13.51 -34.84
C VAL A 91 20.21 -12.75 -33.99
N SER A 92 20.87 -13.42 -33.03
CA SER A 92 21.80 -12.77 -32.10
C SER A 92 23.15 -13.46 -32.13
N TRP A 93 23.98 -13.08 -33.12
CA TRP A 93 25.27 -13.73 -33.31
C TRP A 93 26.14 -13.67 -32.06
N GLY A 94 25.96 -12.65 -31.24
CA GLY A 94 26.77 -12.47 -30.04
C GLY A 94 26.31 -13.19 -28.80
N ALA A 95 25.20 -13.93 -28.87
CA ALA A 95 24.57 -14.52 -27.70
C ALA A 95 24.37 -16.02 -27.85
N GLN A 96 25.24 -16.68 -28.62
CA GLN A 96 25.01 -18.09 -28.94
C GLN A 96 25.13 -18.99 -27.73
N GLY A 97 26.11 -18.76 -26.86
CA GLY A 97 26.23 -19.58 -25.68
C GLY A 97 25.41 -19.02 -24.55
N GLN A 98 25.23 -17.71 -24.52
CA GLN A 98 24.58 -17.08 -23.37
C GLN A 98 23.08 -17.30 -23.34
N LEU A 99 22.42 -17.21 -24.49
CA LEU A 99 20.96 -17.31 -24.48
C LEU A 99 20.48 -18.66 -23.99
N PRO A 100 21.04 -19.79 -24.46
CA PRO A 100 20.53 -21.09 -23.99
C PRO A 100 20.89 -21.41 -22.54
N THR A 101 21.96 -20.84 -22.02
CA THR A 101 22.51 -21.27 -20.75
C THR A 101 22.30 -20.28 -19.61
N ALA A 102 21.94 -19.03 -19.90
CA ALA A 102 21.79 -18.07 -18.84
C ALA A 102 20.71 -18.53 -17.84
N SER A 103 20.99 -18.31 -16.57
CA SER A 103 19.94 -18.47 -15.57
C SER A 103 18.76 -17.53 -15.86
N HIS A 104 19.08 -16.25 -16.11
CA HIS A 104 18.11 -15.19 -16.36
C HIS A 104 18.66 -14.36 -17.50
N PHE A 105 17.78 -13.94 -18.40
CA PHE A 105 18.15 -13.16 -19.57
C PHE A 105 17.26 -11.93 -19.62
N VAL A 106 17.86 -10.76 -19.83
CA VAL A 106 17.17 -9.49 -19.67
C VAL A 106 17.29 -8.70 -20.95
N LEU A 107 16.15 -8.22 -21.44
CA LEU A 107 16.10 -7.23 -22.50
C LEU A 107 15.94 -5.87 -21.85
N LEU A 108 16.90 -4.99 -22.06
CA LEU A 108 16.75 -3.60 -21.63
C LEU A 108 16.12 -2.84 -22.78
N LEU A 109 14.87 -2.39 -22.56
CA LEU A 109 14.14 -1.57 -23.51
C LEU A 109 14.25 -0.12 -23.10
N GLY A 110 14.29 0.76 -24.10
CA GLY A 110 14.17 2.19 -23.88
C GLY A 110 12.82 2.70 -24.36
N ARG A 111 12.30 3.73 -23.68
CA ARG A 111 11.16 4.45 -24.22
C ARG A 111 11.48 5.00 -25.61
N THR A 112 10.49 5.00 -26.50
CA THR A 112 10.68 5.54 -27.83
C THR A 112 10.60 7.06 -27.85
N ALA A 113 11.01 7.61 -28.99
CA ALA A 113 11.10 9.06 -29.10
C ALA A 113 9.79 9.76 -28.80
N LYS A 114 8.66 9.16 -29.17
CA LYS A 114 7.38 9.85 -28.95
C LYS A 114 6.99 9.92 -27.48
N GLU A 115 7.67 9.14 -26.62
CA GLU A 115 7.40 9.08 -25.20
C GLU A 115 8.13 10.15 -24.40
N MET A 116 9.11 10.83 -24.99
CA MET A 116 10.12 11.57 -24.23
C MET A 116 10.11 13.08 -24.42
N ARG A 117 9.16 13.65 -25.13
CA ARG A 117 9.17 15.10 -25.28
C ARG A 117 8.34 15.82 -24.22
N ARG A 118 8.48 17.15 -24.19
CA ARG A 118 7.81 17.97 -23.19
C ARG A 118 6.30 17.78 -23.19
N ASP A 119 5.71 17.34 -24.31
CA ASP A 119 4.27 17.16 -24.38
C ASP A 119 3.85 15.69 -24.38
N SER A 120 4.76 14.77 -24.08
CA SER A 120 4.40 13.36 -23.97
C SER A 120 3.78 13.05 -22.63
N GLY A 121 2.76 12.20 -22.67
CA GLY A 121 2.11 11.83 -21.44
C GLY A 121 3.02 11.10 -20.47
N TYR A 122 3.92 10.26 -21.00
CA TYR A 122 4.83 9.54 -20.10
C TYR A 122 5.64 10.51 -19.24
N VAL A 123 6.19 11.54 -19.88
CA VAL A 123 7.02 12.51 -19.16
C VAL A 123 6.23 13.21 -18.08
N ALA A 124 5.02 13.69 -18.42
CA ALA A 124 4.23 14.41 -17.44
C ALA A 124 3.87 13.53 -16.25
N ASP A 125 3.46 12.29 -16.50
CA ASP A 125 3.07 11.40 -15.41
C ASP A 125 4.26 11.04 -14.53
N GLN A 126 5.43 10.80 -15.14
CA GLN A 126 6.63 10.47 -14.38
C GLN A 126 6.99 11.62 -13.45
N LEU A 127 7.06 12.84 -13.97
CA LEU A 127 7.51 13.95 -13.16
C LEU A 127 6.51 14.27 -12.07
N LYS A 128 5.21 14.15 -12.39
CA LYS A 128 4.17 14.51 -11.41
C LYS A 128 3.95 13.42 -10.38
N HIS A 129 3.72 12.18 -10.81
CA HIS A 129 3.29 11.17 -9.88
C HIS A 129 4.42 10.35 -9.27
N VAL A 130 5.58 10.25 -9.93
CA VAL A 130 6.70 9.52 -9.35
C VAL A 130 7.70 10.45 -8.70
N LYS A 131 8.15 11.47 -9.45
CA LYS A 131 9.11 12.41 -8.92
C LYS A 131 8.48 13.44 -7.98
N LYS A 132 7.15 13.54 -7.93
CA LYS A 132 6.47 14.51 -7.07
C LYS A 132 6.97 15.92 -7.32
N MET A 133 7.20 16.27 -8.58
CA MET A 133 7.65 17.61 -8.91
C MET A 133 6.51 18.60 -8.69
N PRO A 134 6.74 19.70 -7.97
CA PRO A 134 5.65 20.66 -7.73
C PRO A 134 5.12 21.24 -9.04
N GLU A 135 3.85 21.66 -9.00
CA GLU A 135 3.19 22.11 -10.23
C GLU A 135 3.96 23.24 -10.89
N ASP A 136 4.48 24.19 -10.11
CA ASP A 136 5.18 25.31 -10.73
C ASP A 136 6.45 24.81 -11.41
N ILE A 137 7.20 23.94 -10.73
CA ILE A 137 8.43 23.41 -11.30
C ILE A 137 8.14 22.64 -12.58
N ILE A 138 7.08 21.82 -12.58
CA ILE A 138 6.72 21.06 -13.76
C ILE A 138 6.42 22.00 -14.94
N GLU A 139 5.70 23.09 -14.69
CA GLU A 139 5.28 23.94 -15.80
C GLU A 139 6.50 24.59 -16.46
N ASN A 140 7.45 25.07 -15.66
CA ASN A 140 8.70 25.60 -16.21
C ASN A 140 9.52 24.51 -16.89
N MET A 141 9.44 23.28 -16.39
CA MET A 141 10.14 22.17 -17.02
C MET A 141 9.58 21.84 -18.40
N LEU A 142 8.26 21.87 -18.53
CA LEU A 142 7.58 21.28 -19.68
C LEU A 142 6.93 22.30 -20.59
N LYS A 143 7.06 23.59 -20.29
CA LYS A 143 6.50 24.61 -21.15
C LYS A 143 7.26 24.65 -22.47
N GLU A 144 6.64 25.27 -23.47
N GLU A 144 6.64 25.27 -23.47
CA GLU A 144 7.34 25.49 -24.73
CA GLU A 144 7.34 25.52 -24.73
C GLU A 144 8.60 26.29 -24.46
C GLU A 144 8.62 26.27 -24.43
N ASP A 145 9.73 25.80 -24.98
CA ASP A 145 11.02 26.43 -24.77
C ASP A 145 11.37 26.49 -23.29
N GLY A 146 10.80 25.57 -22.51
CA GLY A 146 11.12 25.39 -21.11
C GLY A 146 12.37 24.57 -20.92
N VAL A 147 12.57 24.10 -19.68
CA VAL A 147 13.83 23.46 -19.33
C VAL A 147 14.08 22.25 -20.21
N LEU A 148 13.09 21.35 -20.31
CA LEU A 148 13.29 20.10 -21.04
C LEU A 148 13.52 20.35 -22.53
N GLU A 149 12.69 21.17 -23.17
CA GLU A 149 12.85 21.40 -24.61
C GLU A 149 14.14 22.14 -24.94
N SER A 150 14.50 23.14 -24.14
CA SER A 150 15.73 23.85 -24.41
C SER A 150 16.94 22.92 -24.35
N PHE A 151 16.89 21.95 -23.44
CA PHE A 151 17.97 20.98 -23.31
C PHE A 151 17.94 19.98 -24.44
N GLN A 152 16.77 19.37 -24.67
CA GLN A 152 16.67 18.30 -25.66
C GLN A 152 16.97 18.83 -27.05
N ASP A 153 16.40 19.97 -27.40
CA ASP A 153 16.56 20.55 -28.73
C ASP A 153 17.86 21.33 -28.82
N GLY A 154 17.92 22.48 -28.15
CA GLY A 154 19.06 23.36 -28.31
C GLY A 154 20.38 22.75 -27.84
N ASP A 155 20.38 22.11 -26.68
CA ASP A 155 21.65 21.70 -26.11
C ASP A 155 22.15 20.38 -26.73
N PHE A 156 21.27 19.37 -26.80
CA PHE A 156 21.68 18.03 -27.18
C PHE A 156 21.21 17.61 -28.57
N HIS A 157 20.40 18.44 -29.25
CA HIS A 157 20.01 18.24 -30.66
C HIS A 157 19.26 16.92 -30.85
N LEU A 158 18.39 16.59 -29.90
CA LEU A 158 17.64 15.34 -29.94
C LEU A 158 16.41 15.40 -30.83
N TYR A 159 16.07 16.58 -31.36
CA TYR A 159 14.96 16.69 -32.33
C TYR A 159 15.43 16.39 -33.76
N GLU A 160 16.72 16.16 -33.96
N GLU A 160 16.73 16.18 -33.96
CA GLU A 160 17.26 15.92 -35.30
CA GLU A 160 17.30 15.88 -35.27
C GLU A 160 16.74 14.63 -35.92
C GLU A 160 16.64 14.67 -35.91
N SER A 161 16.26 13.68 -35.11
CA SER A 161 15.65 12.46 -35.62
C SER A 161 15.10 11.65 -34.46
N ASP A 162 14.26 10.68 -34.79
CA ASP A 162 13.82 9.76 -33.76
C ASP A 162 15.00 9.00 -33.17
N ARG A 163 15.98 8.64 -34.03
CA ARG A 163 17.09 7.85 -33.55
C ARG A 163 17.93 8.64 -32.56
N ALA A 164 18.08 9.95 -32.80
CA ALA A 164 18.90 10.74 -31.90
C ALA A 164 18.28 10.74 -30.50
N MET A 165 16.96 10.89 -30.43
CA MET A 165 16.27 10.88 -29.15
C MET A 165 16.35 9.50 -28.53
N PHE A 166 16.17 8.44 -29.34
CA PHE A 166 16.21 7.08 -28.79
C PHE A 166 17.62 6.72 -28.33
N ASP A 167 18.64 7.13 -29.06
CA ASP A 167 19.98 6.79 -28.60
C ASP A 167 20.30 7.48 -27.28
N TRP A 168 19.77 8.68 -27.07
CA TRP A 168 19.92 9.33 -25.77
C TRP A 168 19.22 8.55 -24.67
N VAL A 169 18.00 8.08 -24.96
CA VAL A 169 17.33 7.18 -24.02
C VAL A 169 18.19 5.96 -23.74
N SER A 170 18.74 5.39 -24.81
CA SER A 170 19.52 4.17 -24.70
C SER A 170 20.75 4.38 -23.84
N LYS A 171 21.40 5.55 -23.94
CA LYS A 171 22.51 5.83 -23.02
C LYS A 171 22.08 5.67 -21.57
N GLN A 172 20.89 6.14 -21.23
CA GLN A 172 20.43 6.00 -19.86
C GLN A 172 20.31 4.52 -19.49
N THR A 173 19.82 3.68 -20.43
CA THR A 173 19.70 2.25 -20.10
C THR A 173 21.08 1.61 -19.85
N TYR A 174 22.18 2.16 -20.42
CA TYR A 174 23.48 1.57 -20.18
C TYR A 174 23.97 1.82 -18.75
N ILE A 175 23.45 2.86 -18.10
CA ILE A 175 23.73 3.04 -16.66
C ILE A 175 23.10 1.90 -15.87
N ALA A 176 21.83 1.59 -16.18
CA ALA A 176 21.14 0.47 -15.53
C ALA A 176 21.86 -0.84 -15.81
N LEU A 177 22.27 -1.03 -17.07
CA LEU A 177 23.05 -2.21 -17.45
C LEU A 177 24.29 -2.36 -16.58
N ALA A 178 25.10 -1.29 -16.48
CA ALA A 178 26.36 -1.36 -15.72
C ALA A 178 26.11 -1.70 -14.27
N ASN A 179 25.10 -1.06 -13.66
CA ASN A 179 24.80 -1.27 -12.25
C ASN A 179 24.27 -2.68 -12.00
N MET A 180 23.48 -3.24 -12.92
CA MET A 180 23.05 -4.63 -12.74
C MET A 180 24.23 -5.59 -12.80
N MET A 181 25.16 -5.42 -13.75
CA MET A 181 26.30 -6.33 -13.82
C MET A 181 27.20 -6.18 -12.61
N THR A 182 27.40 -4.95 -12.15
CA THR A 182 28.26 -4.71 -11.00
C THR A 182 27.64 -5.29 -9.73
N ALA A 183 26.33 -5.07 -9.52
CA ALA A 183 25.67 -5.63 -8.36
C ALA A 183 25.80 -7.15 -8.34
N ALA A 184 25.54 -7.78 -9.49
CA ALA A 184 25.70 -9.22 -9.61
C ALA A 184 27.11 -9.66 -9.24
N ALA A 185 28.11 -8.98 -9.79
CA ALA A 185 29.48 -9.39 -9.54
C ALA A 185 29.86 -9.23 -8.08
N LEU A 186 29.34 -8.19 -7.44
CA LEU A 186 29.66 -7.96 -6.02
C LEU A 186 29.18 -9.11 -5.14
N ILE A 187 28.16 -9.85 -5.57
CA ILE A 187 27.70 -11.04 -4.86
C ILE A 187 28.03 -12.33 -5.61
N GLY A 188 29.03 -12.30 -6.50
CA GLY A 188 29.59 -13.52 -7.07
C GLY A 188 28.81 -14.14 -8.21
N ILE A 189 27.93 -13.37 -8.85
CA ILE A 189 27.12 -13.83 -9.98
C ILE A 189 27.69 -13.21 -11.25
N ASP A 190 27.88 -14.05 -12.28
CA ASP A 190 28.42 -13.62 -13.55
C ASP A 190 27.34 -13.06 -14.46
N SER A 191 27.79 -12.36 -15.49
CA SER A 191 26.89 -11.70 -16.41
C SER A 191 27.58 -11.60 -17.75
N CYS A 192 26.81 -11.16 -18.78
CA CYS A 192 27.43 -10.75 -20.03
C CYS A 192 26.52 -9.71 -20.66
N PRO A 193 27.05 -8.51 -20.92
CA PRO A 193 26.28 -7.54 -21.73
C PRO A 193 26.31 -7.96 -23.19
N ILE A 194 25.24 -7.65 -23.91
CA ILE A 194 25.05 -8.20 -25.26
C ILE A 194 24.46 -7.14 -26.19
N GLU A 195 25.25 -6.74 -27.18
CA GLU A 195 24.82 -5.95 -28.32
C GLU A 195 24.81 -6.72 -29.63
N GLY A 196 25.32 -7.95 -29.63
CA GLY A 196 25.56 -8.67 -30.84
C GLY A 196 24.30 -9.30 -31.40
N PHE A 197 23.43 -8.47 -31.94
CA PHE A 197 22.16 -8.93 -32.45
C PHE A 197 21.75 -8.01 -33.58
N ASN A 198 20.95 -8.54 -34.50
CA ASN A 198 20.43 -7.73 -35.58
C ASN A 198 19.28 -6.88 -35.08
N TYR A 199 19.44 -5.56 -35.08
CA TYR A 199 18.41 -4.71 -34.48
C TYR A 199 17.05 -4.89 -35.18
N ASP A 200 17.05 -4.86 -36.53
CA ASP A 200 15.80 -4.92 -37.27
C ASP A 200 15.03 -6.21 -36.95
N LYS A 201 15.74 -7.33 -36.91
CA LYS A 201 15.07 -8.61 -36.69
C LYS A 201 14.62 -8.74 -35.25
N VAL A 202 15.42 -8.28 -34.28
CA VAL A 202 14.99 -8.34 -32.90
C VAL A 202 13.81 -7.40 -32.69
N HIS A 203 13.88 -6.20 -33.25
CA HIS A 203 12.74 -5.29 -33.13
C HIS A 203 11.45 -5.94 -33.63
N ASP A 204 11.53 -6.58 -34.79
CA ASP A 204 10.34 -7.20 -35.38
C ASP A 204 9.80 -8.32 -34.51
N ILE A 205 10.69 -9.17 -33.99
CA ILE A 205 10.27 -10.22 -33.07
C ILE A 205 9.53 -9.64 -31.88
N LEU A 206 10.14 -8.64 -31.22
CA LEU A 206 9.54 -8.10 -30.00
C LEU A 206 8.26 -7.34 -30.31
N GLU A 207 8.22 -6.62 -31.43
CA GLU A 207 6.99 -5.93 -31.82
C GLU A 207 5.85 -6.93 -32.02
N LYS A 208 6.11 -7.99 -32.77
CA LYS A 208 5.08 -9.00 -33.02
C LYS A 208 4.66 -9.71 -31.74
N GLU A 209 5.59 -9.88 -30.79
CA GLU A 209 5.22 -10.54 -29.54
C GLU A 209 4.46 -9.66 -28.56
N GLY A 210 4.30 -8.37 -28.82
CA GLY A 210 3.65 -7.48 -27.88
C GLY A 210 4.56 -6.80 -26.89
N VAL A 211 5.86 -7.11 -26.94
CA VAL A 211 6.79 -6.70 -25.90
C VAL A 211 7.07 -5.20 -25.96
N LEU A 212 6.88 -4.56 -27.10
CA LEU A 212 7.17 -3.14 -27.26
C LEU A 212 5.96 -2.25 -26.96
N GLU A 213 4.81 -2.84 -26.57
CA GLU A 213 3.67 -2.10 -26.02
C GLU A 213 3.20 -0.97 -26.92
N ASP A 214 2.72 -1.34 -28.11
CA ASP A 214 2.19 -0.38 -29.08
C ASP A 214 3.14 0.78 -29.34
N GLY A 215 4.42 0.43 -29.56
CA GLY A 215 5.43 1.41 -29.92
C GLY A 215 5.89 2.32 -28.82
N ARG A 216 5.63 1.97 -27.57
CA ARG A 216 6.13 2.74 -26.43
C ARG A 216 7.60 2.47 -26.14
N PHE A 217 8.09 1.29 -26.53
CA PHE A 217 9.44 0.84 -26.21
C PHE A 217 10.13 0.33 -27.46
N ASP A 218 11.46 0.28 -27.40
CA ASP A 218 12.27 -0.38 -28.41
C ASP A 218 13.48 -0.99 -27.72
N ILE A 219 14.07 -2.00 -28.37
CA ILE A 219 15.21 -2.70 -27.79
C ILE A 219 16.41 -1.76 -27.74
N SER A 220 17.07 -1.74 -26.58
CA SER A 220 18.35 -1.04 -26.44
C SER A 220 19.54 -2.00 -26.38
N VAL A 221 19.58 -2.89 -25.38
CA VAL A 221 20.72 -3.76 -25.14
C VAL A 221 20.22 -4.94 -24.33
N MET A 222 21.01 -6.02 -24.31
CA MET A 222 20.62 -7.27 -23.65
C MET A 222 21.62 -7.60 -22.57
N ALA A 223 21.20 -8.39 -21.58
CA ALA A 223 22.15 -8.85 -20.57
C ALA A 223 21.81 -10.24 -20.10
N ALA A 224 22.81 -11.12 -20.05
CA ALA A 224 22.66 -12.44 -19.46
C ALA A 224 23.26 -12.50 -18.06
N PHE A 225 22.67 -13.34 -17.21
CA PHE A 225 23.16 -13.56 -15.87
C PHE A 225 23.16 -15.04 -15.52
N GLY A 226 24.15 -15.43 -14.73
CA GLY A 226 24.25 -16.81 -14.29
C GLY A 226 25.58 -17.04 -13.62
N TYR A 227 25.99 -18.31 -13.58
CA TYR A 227 27.26 -18.74 -13.00
C TYR A 227 28.21 -19.29 -14.07
N ARG A 228 29.46 -18.86 -14.02
CA ARG A 228 30.44 -19.29 -15.00
C ARG A 228 30.62 -20.81 -14.95
N VAL A 229 31.13 -21.37 -16.07
CA VAL A 229 31.55 -22.76 -16.14
C VAL A 229 33.06 -22.92 -16.21
N LYS A 230 33.78 -21.88 -16.61
CA LYS A 230 35.22 -21.91 -16.81
C LYS A 230 35.79 -20.62 -16.25
N GLU A 231 37.07 -20.67 -15.81
CA GLU A 231 37.70 -19.41 -15.46
C GLU A 231 38.06 -18.67 -16.75
N PRO A 232 37.88 -17.35 -16.79
CA PRO A 232 38.22 -16.61 -18.00
C PRO A 232 39.72 -16.35 -18.10
N ARG A 233 40.11 -15.95 -19.30
CA ARG A 233 41.45 -15.47 -19.56
C ARG A 233 41.67 -14.19 -18.76
N PRO A 234 42.92 -13.81 -18.55
CA PRO A 234 43.18 -12.57 -17.79
C PRO A 234 42.55 -11.37 -18.46
N LYS A 235 42.00 -10.49 -17.62
CA LYS A 235 41.39 -9.27 -18.10
C LYS A 235 42.45 -8.35 -18.68
N THR A 236 42.10 -7.67 -19.77
CA THR A 236 42.96 -6.67 -20.40
C THR A 236 42.23 -5.35 -20.56
N ARG A 237 42.94 -4.27 -20.23
CA ARG A 237 42.47 -2.91 -20.41
C ARG A 237 43.65 -2.03 -20.81
N ARG A 238 43.34 -0.89 -21.41
CA ARG A 238 44.32 0.18 -21.56
C ARG A 238 44.78 0.67 -20.21
N ALA A 239 45.99 1.22 -20.15
CA ALA A 239 46.53 1.66 -18.87
C ALA A 239 45.86 2.93 -18.40
N LEU A 240 45.81 3.08 -17.07
CA LEU A 240 45.21 4.28 -16.49
C LEU A 240 45.92 5.54 -16.99
N ASP A 241 47.23 5.50 -17.19
CA ASP A 241 47.88 6.72 -17.69
C ASP A 241 47.70 6.94 -19.19
N GLN A 242 47.18 5.97 -19.95
CA GLN A 242 46.71 6.24 -21.30
C GLN A 242 45.38 6.96 -21.32
N ILE A 243 44.45 6.62 -20.40
CA ILE A 243 43.06 7.00 -20.58
C ILE A 243 42.63 8.17 -19.71
N VAL A 244 43.46 8.57 -18.74
CA VAL A 244 43.19 9.71 -17.87
C VAL A 244 44.11 10.85 -18.25
N LYS A 245 43.51 12.03 -18.43
CA LYS A 245 44.21 13.29 -18.64
C LYS A 245 43.80 14.24 -17.54
N TRP A 246 44.75 15.02 -17.04
CA TRP A 246 44.52 16.02 -16.01
C TRP A 246 44.70 17.40 -16.59
N VAL A 247 43.83 18.31 -16.21
CA VAL A 247 43.93 19.71 -16.60
C VAL A 247 43.93 20.48 -15.29
N GLU A 248 45.12 20.91 -14.86
CA GLU A 248 45.27 21.41 -13.49
C GLU A 248 45.30 22.93 -13.47
N ARG B 17 20.65 -23.24 7.37
CA ARG B 17 21.17 -22.19 6.51
C ARG B 17 20.78 -20.76 6.94
N GLY B 18 20.06 -20.64 8.06
CA GLY B 18 19.58 -19.33 8.46
C GLY B 18 20.71 -18.31 8.62
N SER B 19 21.77 -18.68 9.33
CA SER B 19 22.84 -17.73 9.58
C SER B 19 23.48 -17.26 8.26
N HIS B 20 23.65 -18.18 7.32
CA HIS B 20 24.18 -17.78 6.01
C HIS B 20 23.21 -16.84 5.29
N MET B 21 21.91 -17.10 5.40
CA MET B 21 20.95 -16.19 4.77
C MET B 21 21.09 -14.77 5.30
N MET B 22 21.33 -14.62 6.60
CA MET B 22 21.45 -13.27 7.13
C MET B 22 22.73 -12.59 6.67
N THR B 23 23.82 -13.35 6.58
CA THR B 23 25.06 -12.72 6.12
C THR B 23 24.94 -12.27 4.66
N GLU B 24 24.34 -13.12 3.81
CA GLU B 24 24.16 -12.73 2.41
C GLU B 24 23.24 -11.53 2.29
N GLN B 25 22.17 -11.52 3.09
CA GLN B 25 21.25 -10.38 3.03
C GLN B 25 21.95 -9.11 3.49
N SER B 26 22.82 -9.21 4.50
CA SER B 26 23.50 -8.00 4.98
C SER B 26 24.50 -7.47 3.97
N LYS B 27 25.13 -8.35 3.21
CA LYS B 27 26.02 -7.84 2.16
C LYS B 27 25.22 -7.15 1.08
N LYS B 28 24.12 -7.77 0.64
CA LYS B 28 23.26 -7.09 -0.32
C LYS B 28 22.79 -5.75 0.23
N GLN B 29 22.46 -5.69 1.53
CA GLN B 29 21.97 -4.44 2.10
C GLN B 29 23.01 -3.34 1.99
N GLU B 30 24.27 -3.65 2.29
CA GLU B 30 25.34 -2.67 2.18
C GLU B 30 25.38 -2.05 0.79
N ILE B 31 25.21 -2.89 -0.24
CA ILE B 31 25.23 -2.41 -1.60
C ILE B 31 23.99 -1.57 -1.90
N LEU B 32 22.81 -2.05 -1.52
CA LEU B 32 21.63 -1.23 -1.71
C LEU B 32 21.78 0.10 -0.99
N ASP B 33 22.39 0.09 0.20
CA ASP B 33 22.55 1.34 0.94
C ASP B 33 23.41 2.34 0.18
N ALA B 34 24.43 1.85 -0.53
CA ALA B 34 25.23 2.74 -1.37
C ALA B 34 24.42 3.27 -2.55
N PHE B 35 23.56 2.43 -3.14
CA PHE B 35 22.70 2.92 -4.21
C PHE B 35 21.69 3.95 -3.71
N GLN B 36 21.25 3.83 -2.46
CA GLN B 36 20.35 4.82 -1.90
C GLN B 36 21.09 6.09 -1.54
N PHE B 37 22.35 5.95 -1.12
CA PHE B 37 23.18 7.09 -0.72
C PHE B 37 23.51 7.97 -1.91
N ARG B 38 23.87 7.36 -3.05
CA ARG B 38 24.13 8.11 -4.26
C ARG B 38 22.88 8.86 -4.68
N HIS B 39 23.05 10.14 -4.97
CA HIS B 39 21.98 10.98 -5.49
C HIS B 39 22.63 12.05 -6.36
N ALA B 40 21.80 12.81 -7.07
CA ALA B 40 22.34 13.83 -7.99
C ALA B 40 22.70 15.09 -7.19
N THR B 41 23.89 15.06 -6.61
CA THR B 41 24.35 16.10 -5.69
C THR B 41 24.55 17.44 -6.41
N LYS B 42 23.88 18.48 -5.91
CA LYS B 42 23.82 19.76 -6.61
C LYS B 42 24.98 20.67 -6.25
N GLU B 43 25.57 20.50 -5.07
CA GLU B 43 26.76 21.24 -4.70
C GLU B 43 27.52 20.45 -3.65
N PHE B 44 28.81 20.67 -3.61
CA PHE B 44 29.71 19.89 -2.79
C PHE B 44 30.41 20.80 -1.77
N ASP B 45 31.08 20.15 -0.84
CA ASP B 45 31.86 20.85 0.18
C ASP B 45 33.10 21.41 -0.48
N PRO B 46 33.23 22.74 -0.60
CA PRO B 46 34.37 23.31 -1.35
C PRO B 46 35.72 23.09 -0.70
N ASP B 47 35.74 22.67 0.56
CA ASP B 47 37.00 22.49 1.25
C ASP B 47 37.43 21.04 1.36
N ARG B 48 36.49 20.10 1.40
N ARG B 48 36.49 20.11 1.38
CA ARG B 48 36.83 18.70 1.62
CA ARG B 48 36.80 18.70 1.61
C ARG B 48 37.14 18.04 0.29
C ARG B 48 37.13 18.03 0.28
N LYS B 49 38.40 17.63 0.12
CA LYS B 49 38.88 17.00 -1.10
C LYS B 49 38.93 15.49 -0.98
N ILE B 50 38.52 14.80 -2.05
CA ILE B 50 38.73 13.36 -2.13
C ILE B 50 40.22 13.07 -2.15
N SER B 51 40.63 12.03 -1.42
CA SER B 51 42.05 11.70 -1.39
C SER B 51 42.53 11.24 -2.76
N ASP B 52 43.83 11.36 -2.97
CA ASP B 52 44.38 10.89 -4.24
C ASP B 52 44.11 9.40 -4.43
N GLU B 53 44.29 8.62 -3.35
N GLU B 53 44.25 8.63 -3.34
CA GLU B 53 44.02 7.18 -3.43
CA GLU B 53 44.03 7.20 -3.41
C GLU B 53 42.57 6.93 -3.79
C GLU B 53 42.58 6.88 -3.73
N ASP B 54 41.65 7.59 -3.08
CA ASP B 54 40.24 7.31 -3.31
C ASP B 54 39.84 7.68 -4.72
N PHE B 55 40.41 8.76 -5.25
CA PHE B 55 40.03 9.18 -6.61
C PHE B 55 40.62 8.25 -7.65
N GLN B 56 41.85 7.79 -7.44
N GLN B 56 41.85 7.79 -7.45
CA GLN B 56 42.41 6.80 -8.37
CA GLN B 56 42.39 6.80 -8.39
C GLN B 56 41.54 5.54 -8.40
C GLN B 56 41.50 5.55 -8.42
N PHE B 57 40.96 5.17 -7.25
CA PHE B 57 40.08 4.01 -7.19
C PHE B 57 38.81 4.25 -8.00
N ILE B 58 38.24 5.45 -7.92
CA ILE B 58 37.09 5.82 -8.76
C ILE B 58 37.44 5.69 -10.24
N LEU B 59 38.56 6.28 -10.65
CA LEU B 59 39.02 6.15 -12.04
C LEU B 59 39.19 4.69 -12.45
N GLU B 60 39.75 3.88 -11.57
CA GLU B 60 39.96 2.46 -11.90
C GLU B 60 38.64 1.77 -12.19
N ALA B 61 37.58 2.14 -11.47
CA ALA B 61 36.29 1.56 -11.77
C ALA B 61 35.85 1.92 -13.18
N GLY B 62 36.16 3.14 -13.62
CA GLY B 62 35.91 3.51 -15.01
C GLY B 62 36.75 2.66 -15.96
N ARG B 63 38.05 2.53 -15.65
CA ARG B 63 38.96 1.81 -16.53
C ARG B 63 38.56 0.35 -16.68
N LEU B 64 38.08 -0.26 -15.61
CA LEU B 64 37.78 -1.68 -15.64
C LEU B 64 36.41 -1.97 -16.21
N SER B 65 35.70 -0.92 -16.61
CA SER B 65 34.37 -1.10 -17.19
C SER B 65 34.43 -1.90 -18.50
N PRO B 66 33.41 -2.72 -18.76
CA PRO B 66 33.28 -3.36 -20.07
C PRO B 66 32.82 -2.37 -21.12
N SER B 67 33.09 -2.72 -22.38
CA SER B 67 32.73 -1.93 -23.55
C SER B 67 32.53 -2.87 -24.73
N SER B 68 31.66 -2.47 -25.64
CA SER B 68 31.35 -3.27 -26.83
C SER B 68 32.63 -3.56 -27.62
N VAL B 69 32.80 -4.85 -27.96
CA VAL B 69 33.99 -5.36 -28.65
C VAL B 69 35.28 -5.07 -27.87
N GLY B 70 35.17 -4.73 -26.60
CA GLY B 70 36.30 -4.42 -25.74
C GLY B 70 37.13 -3.25 -26.24
N LEU B 71 36.53 -2.31 -26.96
CA LEU B 71 37.28 -1.23 -27.59
C LEU B 71 37.56 -0.04 -26.67
N GLU B 72 37.03 0.02 -25.46
CA GLU B 72 37.32 1.06 -24.47
C GLU B 72 37.38 2.45 -25.10
N PRO B 73 36.32 2.87 -25.82
CA PRO B 73 36.41 4.05 -26.69
C PRO B 73 36.26 5.38 -25.97
N TRP B 74 36.95 5.53 -24.84
CA TRP B 74 36.76 6.64 -23.95
C TRP B 74 38.10 7.24 -23.49
N GLN B 75 38.00 8.45 -22.95
CA GLN B 75 39.09 9.14 -22.28
C GLN B 75 38.44 9.93 -21.15
N PHE B 76 39.07 9.94 -19.97
CA PHE B 76 38.55 10.67 -18.82
C PHE B 76 39.47 11.86 -18.60
N VAL B 77 38.91 13.07 -18.62
CA VAL B 77 39.65 14.31 -18.40
C VAL B 77 39.25 14.90 -17.05
N VAL B 78 40.22 15.00 -16.16
CA VAL B 78 39.96 15.52 -14.81
C VAL B 78 40.23 17.02 -14.86
N VAL B 79 39.18 17.82 -14.78
CA VAL B 79 39.29 19.26 -14.95
C VAL B 79 39.31 19.87 -13.55
N GLN B 80 40.52 20.10 -13.02
CA GLN B 80 40.71 20.79 -11.76
C GLN B 80 40.98 22.28 -11.94
N ASN B 81 41.47 22.69 -13.10
CA ASN B 81 41.71 24.09 -13.43
C ASN B 81 40.46 24.93 -13.22
N LYS B 82 40.58 25.93 -12.34
CA LYS B 82 39.41 26.74 -12.00
C LYS B 82 38.94 27.55 -13.21
N GLU B 83 39.87 28.06 -14.01
CA GLU B 83 39.46 28.89 -15.13
C GLU B 83 38.65 28.09 -16.15
N LEU B 84 39.10 26.88 -16.48
CA LEU B 84 38.36 26.06 -17.43
C LEU B 84 37.04 25.60 -16.85
N ARG B 85 37.02 25.24 -15.57
CA ARG B 85 35.74 24.92 -14.92
C ARG B 85 34.75 26.06 -15.09
N GLU B 86 35.24 27.29 -14.96
CA GLU B 86 34.35 28.43 -15.06
C GLU B 86 33.89 28.68 -16.50
N LYS B 87 34.77 28.46 -17.48
CA LYS B 87 34.35 28.52 -18.88
C LYS B 87 33.22 27.53 -19.14
N LEU B 88 33.37 26.30 -18.66
CA LEU B 88 32.33 25.30 -18.83
C LEU B 88 31.06 25.69 -18.08
N ARG B 89 31.20 26.26 -16.88
CA ARG B 89 30.03 26.63 -16.10
C ARG B 89 29.18 27.65 -16.84
N GLN B 90 29.82 28.55 -17.59
CA GLN B 90 29.09 29.59 -18.30
C GLN B 90 28.16 29.01 -19.37
N VAL B 91 28.43 27.79 -19.83
CA VAL B 91 27.61 27.16 -20.87
C VAL B 91 26.99 25.85 -20.41
N SER B 92 26.89 25.62 -19.10
CA SER B 92 26.43 24.34 -18.52
C SER B 92 25.36 24.63 -17.46
N TRP B 93 24.11 24.82 -17.93
CA TRP B 93 23.01 25.21 -17.05
C TRP B 93 22.77 24.17 -15.96
N GLY B 94 23.09 22.91 -16.21
CA GLY B 94 22.88 21.89 -15.21
C GLY B 94 23.99 21.72 -14.18
N ALA B 95 25.08 22.48 -14.29
CA ALA B 95 26.24 22.27 -13.44
C ALA B 95 26.60 23.52 -12.62
N GLN B 96 25.62 24.37 -12.32
CA GLN B 96 25.96 25.65 -11.71
C GLN B 96 26.54 25.48 -10.31
N GLY B 97 25.96 24.60 -9.50
CA GLY B 97 26.54 24.35 -8.20
C GLY B 97 27.72 23.40 -8.21
N GLN B 98 27.75 22.47 -9.17
CA GLN B 98 28.72 21.38 -9.13
C GLN B 98 30.10 21.83 -9.59
N LEU B 99 30.17 22.59 -10.67
CA LEU B 99 31.47 22.98 -11.21
C LEU B 99 32.32 23.78 -10.23
N PRO B 100 31.80 24.78 -9.52
CA PRO B 100 32.67 25.54 -8.61
C PRO B 100 33.09 24.77 -7.37
N THR B 101 32.28 23.79 -6.91
CA THR B 101 32.53 23.20 -5.61
C THR B 101 33.04 21.77 -5.65
N ALA B 102 32.90 21.07 -6.77
CA ALA B 102 33.28 19.67 -6.80
C ALA B 102 34.74 19.47 -6.40
N SER B 103 35.01 18.40 -5.64
CA SER B 103 36.40 18.02 -5.39
C SER B 103 37.11 17.73 -6.71
N HIS B 104 36.47 16.92 -7.56
CA HIS B 104 37.01 16.49 -8.83
C HIS B 104 35.90 16.55 -9.86
N PHE B 105 36.22 17.03 -11.04
CA PHE B 105 35.25 17.13 -12.12
C PHE B 105 35.81 16.40 -13.33
N VAL B 106 35.01 15.49 -13.91
CA VAL B 106 35.47 14.60 -14.95
C VAL B 106 34.65 14.82 -16.22
N LEU B 107 35.35 15.00 -17.33
CA LEU B 107 34.75 14.98 -18.65
C LEU B 107 34.98 13.59 -19.24
N LEU B 108 33.91 12.92 -19.61
CA LEU B 108 34.01 11.63 -20.27
C LEU B 108 33.93 11.92 -21.77
N LEU B 109 35.02 11.68 -22.48
CA LEU B 109 35.08 11.81 -23.92
C LEU B 109 34.91 10.45 -24.58
N GLY B 110 34.32 10.45 -25.77
CA GLY B 110 34.23 9.27 -26.59
C GLY B 110 35.02 9.45 -27.88
N ARG B 111 35.57 8.35 -28.36
CA ARG B 111 36.23 8.36 -29.67
C ARG B 111 35.23 8.78 -30.74
N THR B 112 35.69 9.53 -31.73
CA THR B 112 34.84 9.93 -32.84
C THR B 112 34.76 8.87 -33.94
N ALA B 113 33.87 9.13 -34.90
CA ALA B 113 33.40 8.11 -35.82
C ALA B 113 34.52 7.49 -36.64
N LYS B 114 35.48 8.29 -37.09
CA LYS B 114 36.52 7.68 -37.92
C LYS B 114 37.56 6.89 -37.14
N GLU B 115 37.54 6.96 -35.82
CA GLU B 115 38.41 6.16 -34.97
C GLU B 115 37.93 4.73 -34.83
N MET B 116 36.69 4.42 -35.23
CA MET B 116 36.02 3.24 -34.70
C MET B 116 35.75 2.15 -35.73
N ARG B 117 36.23 2.30 -36.97
CA ARG B 117 36.00 1.27 -37.98
C ARG B 117 37.12 0.24 -38.00
N ARG B 118 36.86 -0.84 -38.75
CA ARG B 118 37.67 -2.04 -38.67
C ARG B 118 39.13 -1.81 -39.07
N ASP B 119 39.38 -0.81 -39.88
CA ASP B 119 40.76 -0.55 -40.35
C ASP B 119 41.29 0.80 -39.83
N SER B 120 40.67 1.35 -38.81
CA SER B 120 41.22 2.48 -38.08
C SER B 120 42.36 2.02 -37.18
N GLY B 121 43.43 2.82 -37.10
CA GLY B 121 44.53 2.45 -36.23
C GLY B 121 44.14 2.27 -34.77
N TYR B 122 43.24 3.11 -34.27
CA TYR B 122 42.83 2.94 -32.86
C TYR B 122 42.31 1.53 -32.62
N VAL B 123 41.37 1.08 -33.46
CA VAL B 123 40.78 -0.24 -33.33
C VAL B 123 41.81 -1.34 -33.55
N ALA B 124 42.63 -1.20 -34.59
CA ALA B 124 43.58 -2.26 -34.92
C ALA B 124 44.57 -2.48 -33.78
N ASP B 125 45.11 -1.39 -33.25
CA ASP B 125 46.10 -1.50 -32.17
C ASP B 125 45.44 -1.94 -30.87
N GLN B 126 44.24 -1.45 -30.60
CA GLN B 126 43.55 -1.85 -29.36
C GLN B 126 43.32 -3.35 -29.34
N LEU B 127 42.84 -3.92 -30.45
CA LEU B 127 42.56 -5.35 -30.45
C LEU B 127 43.83 -6.18 -30.56
N LYS B 128 44.83 -5.70 -31.32
CA LYS B 128 46.05 -6.49 -31.44
C LYS B 128 46.93 -6.40 -30.18
N HIS B 129 47.07 -5.22 -29.59
CA HIS B 129 48.07 -5.02 -28.55
C HIS B 129 47.53 -4.95 -27.14
N VAL B 130 46.30 -4.47 -26.94
CA VAL B 130 45.73 -4.49 -25.59
C VAL B 130 44.94 -5.77 -25.38
N LYS B 131 44.04 -6.06 -26.29
CA LYS B 131 43.23 -7.27 -26.17
C LYS B 131 44.00 -8.53 -26.58
N LYS B 132 45.18 -8.39 -27.21
CA LYS B 132 46.02 -9.54 -27.55
C LYS B 132 45.26 -10.56 -28.38
N MET B 133 44.46 -10.11 -29.30
CA MET B 133 43.62 -11.01 -30.05
C MET B 133 44.47 -11.76 -31.06
N PRO B 134 44.42 -13.09 -31.07
CA PRO B 134 45.31 -13.84 -31.97
C PRO B 134 45.00 -13.61 -33.44
N GLU B 135 45.97 -13.99 -34.28
CA GLU B 135 45.94 -13.55 -35.66
C GLU B 135 44.69 -14.05 -36.39
N ASP B 136 44.34 -15.32 -36.21
CA ASP B 136 43.18 -15.81 -36.95
C ASP B 136 41.92 -15.09 -36.49
N ILE B 137 41.81 -14.81 -35.19
CA ILE B 137 40.63 -14.12 -34.68
C ILE B 137 40.59 -12.67 -35.15
N ILE B 138 41.73 -11.96 -35.07
CA ILE B 138 41.69 -10.56 -35.49
C ILE B 138 41.42 -10.43 -36.99
N GLU B 139 41.91 -11.39 -37.79
N GLU B 139 41.89 -11.39 -37.80
CA GLU B 139 41.65 -11.35 -39.23
CA GLU B 139 41.65 -11.31 -39.23
C GLU B 139 40.16 -11.41 -39.50
C GLU B 139 40.15 -11.43 -39.53
N ASN B 140 39.48 -12.39 -38.90
CA ASN B 140 38.05 -12.55 -39.05
C ASN B 140 37.28 -11.37 -38.45
N MET B 141 37.81 -10.77 -37.40
CA MET B 141 37.14 -9.64 -36.78
C MET B 141 37.18 -8.41 -37.68
N LEU B 142 38.30 -8.16 -38.37
CA LEU B 142 38.55 -6.85 -38.96
C LEU B 142 38.60 -6.85 -40.48
N LYS B 143 38.41 -8.02 -41.10
CA LYS B 143 38.36 -8.08 -42.55
C LYS B 143 37.07 -7.45 -43.08
N GLU B 144 37.07 -7.16 -44.37
CA GLU B 144 35.87 -6.64 -45.03
C GLU B 144 34.73 -7.63 -44.83
N ASP B 145 33.57 -7.09 -44.42
CA ASP B 145 32.39 -7.89 -44.07
C ASP B 145 32.72 -8.96 -43.03
N GLY B 146 33.67 -8.67 -42.16
CA GLY B 146 34.00 -9.52 -41.04
C GLY B 146 33.08 -9.26 -39.85
N VAL B 147 33.50 -9.73 -38.68
CA VAL B 147 32.61 -9.65 -37.50
C VAL B 147 32.27 -8.19 -37.16
N LEU B 148 33.29 -7.33 -37.09
CA LEU B 148 33.05 -5.97 -36.63
C LEU B 148 32.18 -5.21 -37.63
N GLU B 149 32.52 -5.29 -38.92
CA GLU B 149 31.76 -4.53 -39.90
C GLU B 149 30.33 -5.02 -39.99
N SER B 150 30.13 -6.34 -39.99
CA SER B 150 28.80 -6.88 -40.08
C SER B 150 27.95 -6.40 -38.93
N PHE B 151 28.55 -6.35 -37.75
CA PHE B 151 27.84 -5.83 -36.58
C PHE B 151 27.60 -4.32 -36.72
N GLN B 152 28.67 -3.54 -36.97
CA GLN B 152 28.51 -2.08 -36.94
C GLN B 152 27.54 -1.61 -38.01
N ASP B 153 27.67 -2.15 -39.21
CA ASP B 153 26.89 -1.69 -40.37
C ASP B 153 25.55 -2.41 -40.39
N GLY B 154 25.58 -3.71 -40.68
CA GLY B 154 24.34 -4.45 -40.86
C GLY B 154 23.46 -4.52 -39.61
N ASP B 155 24.05 -4.82 -38.45
CA ASP B 155 23.23 -5.07 -37.26
C ASP B 155 22.76 -3.77 -36.60
N PHE B 156 23.67 -2.80 -36.42
CA PHE B 156 23.39 -1.63 -35.59
C PHE B 156 23.34 -0.33 -36.39
N HIS B 157 23.61 -0.38 -37.70
CA HIS B 157 23.41 0.76 -38.59
C HIS B 157 24.27 1.96 -38.22
N LEU B 158 25.51 1.69 -37.81
CA LEU B 158 26.41 2.71 -37.31
C LEU B 158 27.16 3.42 -38.43
N TYR B 159 27.12 2.90 -39.65
CA TYR B 159 27.72 3.57 -40.79
C TYR B 159 26.81 4.67 -41.32
N GLU B 160 25.61 4.80 -40.75
CA GLU B 160 24.59 5.74 -41.26
C GLU B 160 25.05 7.18 -41.17
N SER B 161 25.81 7.52 -40.14
CA SER B 161 26.24 8.90 -39.93
C SER B 161 27.32 8.88 -38.86
N ASP B 162 28.09 9.97 -38.80
CA ASP B 162 29.06 10.13 -37.72
C ASP B 162 28.36 10.08 -36.37
N ARG B 163 27.16 10.68 -36.28
CA ARG B 163 26.50 10.77 -34.99
C ARG B 163 26.05 9.40 -34.51
N ALA B 164 25.56 8.54 -35.43
CA ALA B 164 25.16 7.20 -35.04
C ALA B 164 26.32 6.46 -34.40
N MET B 165 27.52 6.55 -35.02
CA MET B 165 28.69 5.86 -34.49
C MET B 165 29.13 6.50 -33.18
N PHE B 166 29.08 7.83 -33.09
CA PHE B 166 29.50 8.47 -31.84
C PHE B 166 28.54 8.13 -30.71
N ASP B 167 27.24 8.10 -31.00
CA ASP B 167 26.29 7.80 -29.93
C ASP B 167 26.44 6.36 -29.42
N TRP B 168 26.82 5.43 -30.28
CA TRP B 168 27.16 4.07 -29.85
C TRP B 168 28.37 4.10 -28.92
N VAL B 169 29.43 4.81 -29.32
CA VAL B 169 30.55 5.02 -28.41
C VAL B 169 30.10 5.62 -27.10
N SER B 170 29.26 6.65 -27.17
CA SER B 170 28.82 7.38 -25.99
C SER B 170 28.06 6.47 -25.02
N LYS B 171 27.27 5.52 -25.56
CA LYS B 171 26.64 4.54 -24.69
C LYS B 171 27.68 3.75 -23.86
N GLN B 172 28.80 3.36 -24.47
CA GLN B 172 29.83 2.69 -23.72
C GLN B 172 30.34 3.57 -22.59
N THR B 173 30.51 4.88 -22.85
CA THR B 173 30.98 5.76 -21.79
C THR B 173 30.01 5.83 -20.62
N TYR B 174 28.69 5.63 -20.86
CA TYR B 174 27.74 5.67 -19.73
C TYR B 174 27.93 4.47 -18.81
N ILE B 175 28.49 3.36 -19.30
CA ILE B 175 28.85 2.26 -18.42
C ILE B 175 29.93 2.71 -17.46
N ALA B 176 30.97 3.35 -17.99
CA ALA B 176 32.04 3.83 -17.12
C ALA B 176 31.52 4.88 -16.14
N LEU B 177 30.66 5.78 -16.61
CA LEU B 177 30.06 6.77 -15.74
C LEU B 177 29.33 6.11 -14.57
N ALA B 178 28.49 5.13 -14.87
CA ALA B 178 27.71 4.47 -13.83
C ALA B 178 28.60 3.78 -12.81
N ASN B 179 29.67 3.14 -13.29
CA ASN B 179 30.56 2.41 -12.41
C ASN B 179 31.39 3.35 -11.55
N MET B 180 31.84 4.49 -12.10
CA MET B 180 32.54 5.47 -11.26
C MET B 180 31.63 5.98 -10.15
N MET B 181 30.36 6.26 -10.47
CA MET B 181 29.42 6.81 -9.49
C MET B 181 29.16 5.76 -8.39
N THR B 182 29.00 4.50 -8.80
CA THR B 182 28.70 3.45 -7.83
C THR B 182 29.91 3.15 -6.97
N ALA B 183 31.12 3.10 -7.58
CA ALA B 183 32.33 2.93 -6.77
C ALA B 183 32.47 4.05 -5.74
N ALA B 184 32.23 5.29 -6.16
CA ALA B 184 32.34 6.40 -5.21
C ALA B 184 31.35 6.22 -4.07
N ALA B 185 30.11 5.90 -4.40
CA ALA B 185 29.08 5.79 -3.37
C ALA B 185 29.37 4.66 -2.40
N LEU B 186 29.95 3.57 -2.89
CA LEU B 186 30.26 2.44 -2.02
C LEU B 186 31.28 2.81 -0.95
N ILE B 187 32.07 3.87 -1.18
CA ILE B 187 33.01 4.37 -0.16
C ILE B 187 32.61 5.74 0.38
N GLY B 188 31.32 6.07 0.30
CA GLY B 188 30.78 7.26 0.91
C GLY B 188 31.08 8.56 0.22
N ILE B 189 31.38 8.54 -1.07
CA ILE B 189 31.69 9.74 -1.84
C ILE B 189 30.51 10.06 -2.76
N ASP B 190 30.05 11.29 -2.71
CA ASP B 190 28.94 11.74 -3.53
C ASP B 190 29.39 12.05 -4.94
N SER B 191 28.42 12.12 -5.84
CA SER B 191 28.72 12.41 -7.24
C SER B 191 27.49 13.07 -7.85
N CYS B 192 27.66 13.55 -9.08
CA CYS B 192 26.50 13.96 -9.87
C CYS B 192 26.82 13.76 -11.35
N PRO B 193 26.02 12.95 -12.06
CA PRO B 193 26.18 12.88 -13.52
C PRO B 193 25.58 14.12 -14.16
N ILE B 194 26.18 14.57 -15.27
CA ILE B 194 25.83 15.88 -15.82
C ILE B 194 25.74 15.84 -17.33
N GLU B 195 24.53 16.05 -17.86
CA GLU B 195 24.28 16.27 -19.27
C GLU B 195 23.88 17.70 -19.57
N GLY B 196 23.57 18.50 -18.55
CA GLY B 196 22.99 19.81 -18.76
C GLY B 196 24.00 20.83 -19.23
N PHE B 197 24.46 20.69 -20.46
CA PHE B 197 25.41 21.61 -21.06
C PHE B 197 25.08 21.76 -22.53
N ASN B 198 25.45 22.90 -23.07
CA ASN B 198 25.25 23.12 -24.50
C ASN B 198 26.35 22.39 -25.26
N TYR B 199 25.97 21.40 -26.08
CA TYR B 199 26.99 20.60 -26.74
C TYR B 199 27.92 21.46 -27.59
N ASP B 200 27.34 22.36 -28.39
CA ASP B 200 28.14 23.10 -29.36
C ASP B 200 29.20 23.96 -28.65
N LYS B 201 28.78 24.70 -27.64
CA LYS B 201 29.69 25.59 -26.95
C LYS B 201 30.73 24.80 -26.14
N VAL B 202 30.32 23.71 -25.48
CA VAL B 202 31.31 22.91 -24.77
C VAL B 202 32.29 22.30 -25.74
N HIS B 203 31.79 21.78 -26.86
CA HIS B 203 32.67 21.22 -27.87
C HIS B 203 33.76 22.22 -28.26
N ASP B 204 33.35 23.46 -28.51
CA ASP B 204 34.31 24.47 -29.00
C ASP B 204 35.36 24.79 -27.94
N ILE B 205 34.91 24.97 -26.69
CA ILE B 205 35.84 25.19 -25.59
C ILE B 205 36.89 24.08 -25.54
N LEU B 206 36.43 22.82 -25.55
CA LEU B 206 37.38 21.72 -25.43
C LEU B 206 38.25 21.63 -26.68
N GLU B 207 37.70 21.96 -27.83
CA GLU B 207 38.48 21.92 -29.06
C GLU B 207 39.63 22.92 -28.98
N LYS B 208 39.33 24.14 -28.55
CA LYS B 208 40.37 25.18 -28.44
C LYS B 208 41.41 24.83 -27.39
N GLU B 209 40.98 24.18 -26.31
CA GLU B 209 41.87 23.76 -25.23
C GLU B 209 42.84 22.67 -25.65
N GLY B 210 42.60 22.01 -26.77
CA GLY B 210 43.41 20.87 -27.16
C GLY B 210 42.94 19.54 -26.64
N VAL B 211 41.89 19.52 -25.83
CA VAL B 211 41.44 18.30 -25.16
C VAL B 211 40.88 17.23 -26.12
N LEU B 212 40.43 17.61 -27.30
CA LEU B 212 39.82 16.65 -28.21
C LEU B 212 40.82 16.02 -29.19
N GLU B 213 42.11 16.40 -29.11
CA GLU B 213 43.18 15.66 -29.78
C GLU B 213 42.94 15.56 -31.28
N ASP B 214 42.85 16.73 -31.91
CA ASP B 214 42.80 16.79 -33.37
C ASP B 214 41.58 16.02 -33.90
N GLY B 215 40.47 16.12 -33.17
CA GLY B 215 39.21 15.51 -33.58
C GLY B 215 39.04 14.03 -33.27
N ARG B 216 39.97 13.45 -32.49
CA ARG B 216 39.86 12.04 -32.16
C ARG B 216 38.81 11.79 -31.09
N PHE B 217 38.45 12.82 -30.33
CA PHE B 217 37.49 12.69 -29.22
C PHE B 217 36.44 13.78 -29.34
N ASP B 218 35.28 13.55 -28.70
CA ASP B 218 34.29 14.58 -28.49
C ASP B 218 33.64 14.33 -27.14
N ILE B 219 33.01 15.36 -26.61
CA ILE B 219 32.40 15.28 -25.28
C ILE B 219 31.20 14.34 -25.31
N SER B 220 31.12 13.47 -24.29
CA SER B 220 29.97 12.58 -24.13
C SER B 220 29.12 13.00 -22.95
N VAL B 221 29.69 13.05 -21.75
CA VAL B 221 28.92 13.32 -20.55
C VAL B 221 29.93 13.71 -19.49
N MET B 222 29.45 14.36 -18.44
CA MET B 222 30.24 14.93 -17.35
C MET B 222 29.89 14.26 -16.04
N ALA B 223 30.81 14.35 -15.07
CA ALA B 223 30.55 13.79 -13.75
C ALA B 223 31.33 14.56 -12.70
N ALA B 224 30.63 15.00 -11.66
CA ALA B 224 31.23 15.67 -10.50
C ALA B 224 31.31 14.72 -9.33
N PHE B 225 32.35 14.92 -8.50
CA PHE B 225 32.58 14.09 -7.31
C PHE B 225 32.99 14.96 -6.13
N GLY B 226 32.53 14.57 -4.95
CA GLY B 226 32.88 15.27 -3.72
C GLY B 226 32.00 14.81 -2.58
N TYR B 227 31.89 15.67 -1.56
CA TYR B 227 31.12 15.39 -0.36
C TYR B 227 29.97 16.37 -0.29
N ARG B 228 28.78 15.83 0.00
CA ARG B 228 27.58 16.65 0.07
C ARG B 228 27.69 17.68 1.19
N VAL B 229 26.96 18.78 1.02
CA VAL B 229 26.80 19.77 2.07
C VAL B 229 25.38 19.81 2.61
N LYS B 230 24.41 19.28 1.87
CA LYS B 230 23.03 19.18 2.31
C LYS B 230 22.55 17.75 2.09
N GLU B 231 21.60 17.33 2.92
CA GLU B 231 20.98 16.03 2.73
C GLU B 231 19.88 16.12 1.67
N PRO B 232 19.80 15.15 0.77
CA PRO B 232 18.78 15.17 -0.28
C PRO B 232 17.39 14.77 0.21
N ARG B 233 16.39 15.15 -0.60
CA ARG B 233 15.01 14.68 -0.39
C ARG B 233 14.96 13.17 -0.62
N PRO B 234 13.89 12.53 -0.18
CA PRO B 234 13.76 11.08 -0.41
C PRO B 234 13.86 10.75 -1.89
N LYS B 235 14.61 9.69 -2.17
CA LYS B 235 14.74 9.20 -3.53
C LYS B 235 13.39 8.67 -4.03
N THR B 236 13.13 8.89 -5.32
CA THR B 236 11.91 8.43 -5.96
C THR B 236 12.26 7.64 -7.20
N ARG B 237 11.60 6.51 -7.39
CA ARG B 237 11.69 5.69 -8.59
C ARG B 237 10.34 5.06 -8.87
N ARG B 238 10.14 4.71 -10.14
CA ARG B 238 9.04 3.84 -10.51
C ARG B 238 9.11 2.51 -9.77
N ALA B 239 7.94 1.90 -9.56
CA ALA B 239 7.92 0.63 -8.85
C ALA B 239 8.48 -0.49 -9.70
N LEU B 240 9.03 -1.50 -9.02
CA LEU B 240 9.53 -2.68 -9.71
C LEU B 240 8.48 -3.30 -10.62
N ASP B 241 7.21 -3.32 -10.18
CA ASP B 241 6.22 -3.95 -11.06
C ASP B 241 5.75 -3.04 -12.19
N GLN B 242 6.29 -1.83 -12.30
CA GLN B 242 6.06 -0.97 -13.43
C GLN B 242 7.16 -1.13 -14.45
N ILE B 243 8.39 -1.32 -13.98
CA ILE B 243 9.50 -1.35 -14.91
C ILE B 243 10.00 -2.74 -15.29
N VAL B 244 9.57 -3.79 -14.61
CA VAL B 244 10.03 -5.14 -14.89
C VAL B 244 8.86 -5.98 -15.40
N LYS B 245 9.06 -6.60 -16.56
CA LYS B 245 8.08 -7.51 -17.15
C LYS B 245 8.73 -8.88 -17.32
N TRP B 246 7.96 -9.94 -17.13
CA TRP B 246 8.45 -11.31 -17.24
C TRP B 246 7.76 -11.95 -18.42
N VAL B 247 8.53 -12.62 -19.26
CA VAL B 247 7.99 -13.43 -20.34
C VAL B 247 8.42 -14.86 -20.00
N GLU B 248 7.49 -15.65 -19.50
CA GLU B 248 7.86 -16.91 -18.88
C GLU B 248 7.45 -18.08 -19.74
N ARG C 17 3.98 -16.43 -12.50
CA ARG C 17 4.95 -16.46 -11.41
C ARG C 17 5.73 -15.15 -11.28
N GLY C 18 6.60 -14.88 -12.25
CA GLY C 18 7.47 -13.71 -12.13
C GLY C 18 6.69 -12.43 -11.95
N SER C 19 5.62 -12.25 -12.73
CA SER C 19 4.81 -11.05 -12.60
C SER C 19 4.27 -10.88 -11.18
N HIS C 20 3.85 -11.98 -10.55
CA HIS C 20 3.35 -11.86 -9.17
C HIS C 20 4.47 -11.56 -8.21
N MET C 21 5.68 -12.12 -8.44
CA MET C 21 6.80 -11.76 -7.59
C MET C 21 7.05 -10.27 -7.64
N MET C 22 6.88 -9.65 -8.82
CA MET C 22 7.19 -8.23 -8.92
C MET C 22 6.16 -7.42 -8.16
N THR C 23 4.91 -7.85 -8.20
CA THR C 23 3.87 -7.13 -7.47
C THR C 23 4.04 -7.29 -5.97
N GLU C 24 4.33 -8.51 -5.52
CA GLU C 24 4.63 -8.72 -4.11
C GLU C 24 5.85 -7.91 -3.68
N GLN C 25 6.89 -7.89 -4.52
CA GLN C 25 8.08 -7.17 -4.14
C GLN C 25 7.81 -5.67 -4.12
N SER C 26 6.97 -5.17 -5.04
CA SER C 26 6.68 -3.72 -5.04
C SER C 26 5.89 -3.32 -3.80
N LYS C 27 4.98 -4.18 -3.35
CA LYS C 27 4.25 -3.86 -2.12
C LYS C 27 5.20 -3.82 -0.94
N LYS C 28 6.07 -4.84 -0.83
CA LYS C 28 7.06 -4.81 0.23
C LYS C 28 7.92 -3.56 0.17
N GLN C 29 8.29 -3.13 -1.05
CA GLN C 29 9.17 -1.98 -1.19
C GLN C 29 8.52 -0.69 -0.72
N GLU C 30 7.22 -0.51 -1.01
CA GLU C 30 6.53 0.67 -0.50
C GLU C 30 6.57 0.70 1.02
N ILE C 31 6.38 -0.45 1.67
CA ILE C 31 6.40 -0.50 3.12
C ILE C 31 7.80 -0.21 3.64
N LEU C 32 8.82 -0.82 3.04
CA LEU C 32 10.19 -0.51 3.44
C LEU C 32 10.50 0.97 3.22
N ASP C 33 9.96 1.56 2.16
CA ASP C 33 10.20 2.97 1.91
C ASP C 33 9.61 3.82 3.02
N ALA C 34 8.45 3.41 3.54
CA ALA C 34 7.87 4.15 4.65
C ALA C 34 8.72 4.00 5.91
N PHE C 35 9.23 2.78 6.16
CA PHE C 35 10.16 2.61 7.29
C PHE C 35 11.42 3.44 7.14
N GLN C 36 11.90 3.63 5.90
CA GLN C 36 13.06 4.47 5.67
C GLN C 36 12.74 5.96 5.79
N PHE C 37 11.53 6.35 5.37
CA PHE C 37 11.08 7.73 5.43
C PHE C 37 10.97 8.22 6.87
N ARG C 38 10.40 7.38 7.73
CA ARG C 38 10.27 7.71 9.14
C ARG C 38 11.65 7.89 9.75
N HIS C 39 11.82 8.96 10.51
CA HIS C 39 13.05 9.25 11.24
C HIS C 39 12.68 10.11 12.43
N ALA C 40 13.65 10.34 13.31
CA ALA C 40 13.33 11.08 14.55
C ALA C 40 13.36 12.57 14.24
N THR C 41 12.23 13.08 13.75
CA THR C 41 12.19 14.45 13.27
C THR C 41 12.31 15.42 14.44
N LYS C 42 13.27 16.36 14.32
CA LYS C 42 13.65 17.24 15.43
C LYS C 42 12.85 18.53 15.45
N GLU C 43 12.23 18.89 14.33
CA GLU C 43 11.59 20.16 14.10
C GLU C 43 10.58 19.95 12.98
N PHE C 44 9.38 20.51 13.11
CA PHE C 44 8.33 20.33 12.10
C PHE C 44 7.97 21.68 11.48
N ASP C 45 7.25 21.62 10.37
CA ASP C 45 6.79 22.84 9.71
C ASP C 45 5.65 23.45 10.54
N PRO C 46 5.84 24.65 11.11
CA PRO C 46 4.82 25.19 12.02
C PRO C 46 3.55 25.60 11.34
N ASP C 47 3.56 25.76 10.01
CA ASP C 47 2.36 26.19 9.30
C ASP C 47 1.64 25.04 8.60
N ARG C 48 2.30 23.90 8.40
N ARG C 48 2.27 23.88 8.44
CA ARG C 48 1.68 22.71 7.80
CA ARG C 48 1.65 22.73 7.80
C ARG C 48 1.01 21.89 8.89
C ARG C 48 1.02 21.84 8.85
N LYS C 49 -0.32 21.82 8.87
CA LYS C 49 -1.06 21.03 9.84
C LYS C 49 -1.60 19.75 9.21
N ILE C 50 -1.48 18.65 9.95
CA ILE C 50 -2.07 17.39 9.53
C ILE C 50 -3.58 17.54 9.48
N SER C 51 -4.19 17.02 8.42
CA SER C 51 -5.64 17.10 8.27
C SER C 51 -6.35 16.34 9.38
N ASP C 52 -7.56 16.77 9.72
CA ASP C 52 -8.31 16.04 10.71
C ASP C 52 -8.42 14.57 10.33
N GLU C 53 -8.66 14.29 9.05
N GLU C 53 -8.67 14.31 9.04
CA GLU C 53 -8.86 12.91 8.60
CA GLU C 53 -8.85 12.94 8.59
C GLU C 53 -7.59 12.09 8.81
C GLU C 53 -7.60 12.10 8.81
N ASP C 54 -6.45 12.65 8.40
CA ASP C 54 -5.19 11.92 8.50
C ASP C 54 -4.85 11.65 9.96
N PHE C 55 -5.11 12.63 10.83
CA PHE C 55 -4.77 12.41 12.23
C PHE C 55 -5.70 11.41 12.89
N GLN C 56 -6.97 11.38 12.49
CA GLN C 56 -7.85 10.36 13.01
C GLN C 56 -7.37 8.98 12.60
N PHE C 57 -6.85 8.84 11.37
CA PHE C 57 -6.28 7.58 10.92
C PHE C 57 -5.07 7.19 11.77
N ILE C 58 -4.21 8.14 12.08
CA ILE C 58 -3.06 7.86 12.94
C ILE C 58 -3.53 7.37 14.30
N LEU C 59 -4.49 8.07 14.89
CA LEU C 59 -5.04 7.62 16.17
C LEU C 59 -5.63 6.22 16.08
N GLU C 60 -6.32 5.94 14.98
CA GLU C 60 -6.93 4.63 14.81
C GLU C 60 -5.88 3.52 14.79
N ALA C 61 -4.71 3.78 14.21
CA ALA C 61 -3.67 2.77 14.29
C ALA C 61 -3.25 2.52 15.73
N GLY C 62 -3.27 3.54 16.57
CA GLY C 62 -3.09 3.30 18.01
C GLY C 62 -4.21 2.47 18.61
N ARG C 63 -5.48 2.85 18.31
CA ARG C 63 -6.63 2.16 18.88
C ARG C 63 -6.63 0.68 18.55
N LEU C 64 -6.29 0.32 17.30
CA LEU C 64 -6.37 -1.05 16.85
C LEU C 64 -5.16 -1.88 17.31
N SER C 65 -4.25 -1.27 18.05
CA SER C 65 -3.05 -2.00 18.47
C SER C 65 -3.41 -3.14 19.43
N PRO C 66 -2.70 -4.28 19.35
CA PRO C 66 -2.85 -5.32 20.35
C PRO C 66 -2.19 -4.94 21.66
N SER C 67 -2.67 -5.58 22.73
CA SER C 67 -2.17 -5.33 24.07
C SER C 67 -2.30 -6.60 24.88
N SER C 68 -1.44 -6.74 25.90
CA SER C 68 -1.44 -7.95 26.70
C SER C 68 -2.79 -8.04 27.42
N VAL C 69 -3.41 -9.22 27.31
CA VAL C 69 -4.69 -9.59 27.92
C VAL C 69 -5.80 -8.76 27.27
N GLY C 70 -5.51 -8.15 26.13
CA GLY C 70 -6.51 -7.31 25.48
C GLY C 70 -6.97 -6.13 26.30
N LEU C 71 -6.19 -5.71 27.29
CA LEU C 71 -6.67 -4.72 28.24
C LEU C 71 -6.52 -3.27 27.80
N GLU C 72 -5.89 -2.96 26.67
CA GLU C 72 -5.80 -1.61 26.14
C GLU C 72 -5.50 -0.57 27.22
N PRO C 73 -4.39 -0.73 27.98
CA PRO C 73 -4.14 0.06 29.19
C PRO C 73 -3.58 1.45 28.92
N TRP C 74 -4.19 2.17 27.99
CA TRP C 74 -3.63 3.39 27.52
C TRP C 74 -4.70 4.45 27.31
N GLN C 75 -4.22 5.69 27.20
CA GLN C 75 -5.00 6.85 26.81
C GLN C 75 -4.08 7.74 26.01
N PHE C 76 -4.55 8.24 24.88
CA PHE C 76 -3.77 9.16 24.05
C PHE C 76 -4.31 10.57 24.28
N VAL C 77 -3.43 11.49 24.66
CA VAL C 77 -3.80 12.87 24.96
C VAL C 77 -3.16 13.81 23.93
N VAL C 78 -4.02 14.49 23.17
CA VAL C 78 -3.54 15.34 22.10
C VAL C 78 -3.42 16.74 22.68
N VAL C 79 -2.18 17.19 22.89
CA VAL C 79 -1.91 18.47 23.53
C VAL C 79 -1.64 19.49 22.43
N GLN C 80 -2.71 20.20 22.03
CA GLN C 80 -2.60 21.32 21.11
C GLN C 80 -2.43 22.66 21.83
N ASN C 81 -2.95 22.76 23.05
CA ASN C 81 -2.81 23.96 23.88
C ASN C 81 -1.36 24.43 23.94
N LYS C 82 -1.13 25.67 23.49
CA LYS C 82 0.23 26.21 23.46
C LYS C 82 0.80 26.35 24.88
N GLU C 83 -0.02 26.77 25.84
CA GLU C 83 0.48 27.00 27.19
C GLU C 83 1.03 25.70 27.78
N LEU C 84 0.27 24.61 27.64
CA LEU C 84 0.70 23.34 28.22
C LEU C 84 1.89 22.75 27.45
N ARG C 85 1.91 22.91 26.13
CA ARG C 85 3.10 22.50 25.39
C ARG C 85 4.35 23.19 25.95
N GLU C 86 4.24 24.50 26.21
CA GLU C 86 5.37 25.26 26.75
C GLU C 86 5.76 24.75 28.14
N LYS C 87 4.78 24.44 28.98
CA LYS C 87 5.08 23.92 30.31
C LYS C 87 5.86 22.61 30.22
N LEU C 88 5.46 21.74 29.29
CA LEU C 88 6.20 20.50 29.06
C LEU C 88 7.56 20.77 28.44
N ARG C 89 7.66 21.78 27.57
CA ARG C 89 8.95 22.06 26.94
C ARG C 89 10.00 22.45 27.97
N GLN C 90 9.59 23.14 29.03
CA GLN C 90 10.53 23.60 30.05
C GLN C 90 11.16 22.44 30.79
N VAL C 91 10.55 21.26 30.76
CA VAL C 91 11.06 20.10 31.48
C VAL C 91 11.32 18.92 30.55
N SER C 92 11.47 19.16 29.23
CA SER C 92 11.64 18.08 28.26
C SER C 92 12.80 18.43 27.35
N TRP C 93 14.01 18.08 27.80
CA TRP C 93 15.21 18.38 27.04
C TRP C 93 15.18 17.78 25.64
N GLY C 94 14.48 16.67 25.46
CA GLY C 94 14.49 16.02 24.17
C GLY C 94 13.46 16.53 23.18
N ALA C 95 12.61 17.48 23.58
CA ALA C 95 11.51 17.91 22.72
C ALA C 95 11.55 19.42 22.45
N GLN C 96 12.75 20.01 22.43
CA GLN C 96 12.83 21.47 22.32
C GLN C 96 12.33 21.98 20.98
N GLY C 97 12.62 21.26 19.90
CA GLY C 97 12.14 21.66 18.60
C GLY C 97 10.77 21.12 18.28
N GLN C 98 10.44 19.96 18.83
CA GLN C 98 9.20 19.28 18.48
C GLN C 98 8.00 19.97 19.11
N LEU C 99 8.07 20.27 20.40
CA LEU C 99 6.88 20.80 21.08
C LEU C 99 6.37 22.10 20.47
N PRO C 100 7.22 23.10 20.20
CA PRO C 100 6.70 24.33 19.58
C PRO C 100 6.18 24.16 18.15
N THR C 101 6.70 23.21 17.37
CA THR C 101 6.40 23.18 15.94
C THR C 101 5.47 22.05 15.50
N ALA C 102 5.30 21.01 16.31
CA ALA C 102 4.53 19.85 15.87
C ALA C 102 3.12 20.28 15.46
N SER C 103 2.60 19.64 14.42
CA SER C 103 1.20 19.81 14.09
C SER C 103 0.33 19.27 15.21
N HIS C 104 0.62 18.05 15.66
CA HIS C 104 -0.08 17.36 16.73
C HIS C 104 0.95 16.77 17.67
N PHE C 105 0.67 16.81 18.97
CA PHE C 105 1.57 16.30 19.97
C PHE C 105 0.77 15.40 20.89
N VAL C 106 1.25 14.18 21.10
CA VAL C 106 0.49 13.16 21.80
C VAL C 106 1.26 12.73 23.05
N LEU C 107 0.58 12.80 24.19
CA LEU C 107 1.04 12.11 25.39
C LEU C 107 0.43 10.72 25.41
N LEU C 108 1.26 9.69 25.49
CA LEU C 108 0.74 8.33 25.63
C LEU C 108 0.76 8.03 27.11
N LEU C 109 -0.42 7.94 27.72
CA LEU C 109 -0.53 7.60 29.11
C LEU C 109 -0.76 6.12 29.29
N GLY C 110 -0.30 5.59 30.41
CA GLY C 110 -0.59 4.22 30.77
C GLY C 110 -1.47 4.22 32.02
N ARG C 111 -2.30 3.18 32.10
CA ARG C 111 -3.10 2.93 33.30
C ARG C 111 -2.15 2.65 34.47
N THR C 112 -2.52 3.14 35.65
CA THR C 112 -1.65 2.95 36.82
C THR C 112 -1.84 1.54 37.37
N ALA C 113 -0.98 1.18 38.35
CA ALA C 113 -0.98 -0.20 38.81
C ALA C 113 -2.30 -0.57 39.51
N LYS C 114 -2.93 0.38 40.18
CA LYS C 114 -4.18 0.08 40.86
C LYS C 114 -5.30 -0.25 39.87
N GLU C 115 -5.16 0.18 38.62
CA GLU C 115 -6.16 -0.08 37.59
C GLU C 115 -6.06 -1.47 37.00
N MET C 116 -4.95 -2.21 37.24
CA MET C 116 -4.62 -3.31 36.34
C MET C 116 -4.57 -4.69 36.98
N ARG C 117 -5.07 -4.86 38.19
CA ARG C 117 -5.09 -6.16 38.84
C ARG C 117 -6.44 -6.86 38.71
N ARG C 118 -6.43 -8.16 39.06
CA ARG C 118 -7.60 -9.01 38.88
C ARG C 118 -8.82 -8.48 39.61
N ASP C 119 -8.65 -7.59 40.58
CA ASP C 119 -9.75 -7.02 41.35
C ASP C 119 -9.94 -5.55 41.06
N SER C 120 -9.33 -5.05 40.00
CA SER C 120 -9.48 -3.66 39.60
C SER C 120 -10.75 -3.50 38.78
N GLY C 121 -11.42 -2.36 38.97
CA GLY C 121 -12.66 -2.13 38.23
C GLY C 121 -12.44 -2.02 36.73
N TYR C 122 -11.41 -1.27 36.33
CA TYR C 122 -11.09 -1.14 34.91
C TYR C 122 -10.99 -2.50 34.24
N VAL C 123 -10.25 -3.42 34.83
CA VAL C 123 -10.03 -4.73 34.21
C VAL C 123 -11.35 -5.43 33.97
N ALA C 124 -12.20 -5.53 35.01
CA ALA C 124 -13.45 -6.25 34.87
C ALA C 124 -14.35 -5.60 33.84
N ASP C 125 -14.42 -4.27 33.83
CA ASP C 125 -15.26 -3.59 32.85
C ASP C 125 -14.73 -3.80 31.43
N GLN C 126 -13.42 -3.70 31.26
CA GLN C 126 -12.85 -3.90 29.92
C GLN C 126 -13.16 -5.30 29.39
N LEU C 127 -12.92 -6.32 30.21
CA LEU C 127 -13.13 -7.67 29.72
C LEU C 127 -14.60 -7.96 29.49
N LYS C 128 -15.47 -7.44 30.35
CA LYS C 128 -16.88 -7.77 30.20
C LYS C 128 -17.54 -6.99 29.08
N HIS C 129 -17.41 -5.66 29.10
CA HIS C 129 -18.19 -4.79 28.22
C HIS C 129 -17.52 -4.46 26.90
N VAL C 130 -16.20 -4.57 26.80
CA VAL C 130 -15.52 -4.35 25.51
C VAL C 130 -15.12 -5.66 24.87
N LYS C 131 -14.43 -6.52 25.61
CA LYS C 131 -14.00 -7.78 25.03
C LYS C 131 -15.12 -8.80 24.97
N LYS C 132 -16.21 -8.58 25.70
CA LYS C 132 -17.35 -9.50 25.68
C LYS C 132 -16.96 -10.88 26.16
N MET C 133 -16.09 -10.94 27.15
CA MET C 133 -15.68 -12.24 27.69
C MET C 133 -16.85 -12.87 28.44
N PRO C 134 -17.23 -14.13 28.12
CA PRO C 134 -18.29 -14.80 28.87
C PRO C 134 -18.02 -14.81 30.37
N GLU C 135 -19.08 -14.95 31.18
N GLU C 135 -19.08 -14.94 31.18
CA GLU C 135 -18.91 -14.89 32.62
CA GLU C 135 -18.91 -14.89 32.63
C GLU C 135 -18.04 -16.03 33.14
C GLU C 135 -18.03 -16.02 33.13
N ASP C 136 -18.19 -17.23 32.59
CA ASP C 136 -17.36 -18.35 33.03
C ASP C 136 -15.89 -18.07 32.75
N ILE C 137 -15.57 -17.62 31.53
CA ILE C 137 -14.18 -17.26 31.22
C ILE C 137 -13.69 -16.17 32.15
N ILE C 138 -14.51 -15.14 32.36
CA ILE C 138 -14.04 -14.01 33.16
C ILE C 138 -13.70 -14.46 34.57
N GLU C 139 -14.52 -15.38 35.12
CA GLU C 139 -14.27 -15.81 36.50
C GLU C 139 -12.91 -16.48 36.60
N ASN C 140 -12.66 -17.48 35.75
CA ASN C 140 -11.36 -18.14 35.71
C ASN C 140 -10.25 -17.12 35.48
N MET C 141 -10.54 -16.04 34.77
CA MET C 141 -9.51 -15.06 34.49
C MET C 141 -9.22 -14.19 35.71
N LEU C 142 -10.24 -13.86 36.51
CA LEU C 142 -10.06 -12.83 37.52
C LEU C 142 -10.19 -13.35 38.95
N LYS C 143 -10.39 -14.65 39.16
CA LYS C 143 -10.44 -15.22 40.51
C LYS C 143 -9.06 -15.10 41.17
N GLU C 144 -9.02 -15.26 42.49
CA GLU C 144 -7.73 -15.29 43.15
C GLU C 144 -6.94 -16.48 42.63
N ASP C 145 -5.66 -16.25 42.30
CA ASP C 145 -4.81 -17.28 41.73
C ASP C 145 -5.32 -17.74 40.36
N GLY C 146 -6.08 -16.89 39.67
CA GLY C 146 -6.59 -17.21 38.35
C GLY C 146 -5.58 -16.81 37.28
N VAL C 147 -6.05 -16.81 36.02
CA VAL C 147 -5.14 -16.65 34.88
C VAL C 147 -4.38 -15.33 34.97
N LEU C 148 -5.09 -14.24 35.20
CA LEU C 148 -4.43 -12.94 35.23
C LEU C 148 -3.45 -12.84 36.39
N GLU C 149 -3.87 -13.26 37.58
CA GLU C 149 -3.00 -13.10 38.74
C GLU C 149 -1.80 -14.03 38.67
N SER C 150 -2.00 -15.25 38.19
CA SER C 150 -0.90 -16.18 38.02
C SER C 150 0.14 -15.59 37.07
N PHE C 151 -0.34 -15.04 35.96
CA PHE C 151 0.58 -14.43 35.00
C PHE C 151 1.25 -13.21 35.59
N GLN C 152 0.46 -12.26 36.10
CA GLN C 152 1.04 -11.02 36.57
C GLN C 152 2.01 -11.26 37.73
N ASP C 153 1.64 -12.14 38.65
CA ASP C 153 2.46 -12.38 39.84
C ASP C 153 3.52 -13.44 39.56
N GLY C 154 3.08 -14.67 39.37
CA GLY C 154 4.01 -15.78 39.24
C GLY C 154 4.94 -15.63 38.06
N ASP C 155 4.39 -15.27 36.90
CA ASP C 155 5.18 -15.32 35.66
C ASP C 155 6.02 -14.07 35.46
N PHE C 156 5.43 -12.89 35.62
CA PHE C 156 6.11 -11.65 35.28
C PHE C 156 6.51 -10.81 36.48
N HIS C 157 6.19 -11.26 37.70
CA HIS C 157 6.66 -10.61 38.91
C HIS C 157 6.21 -9.15 38.99
N LEU C 158 5.00 -8.86 38.51
CA LEU C 158 4.54 -7.49 38.46
C LEU C 158 4.02 -6.97 39.80
N TYR C 159 3.86 -7.85 40.79
CA TYR C 159 3.46 -7.40 42.13
C TYR C 159 4.64 -6.85 42.94
N GLU C 160 5.87 -6.97 42.45
CA GLU C 160 7.05 -6.52 43.21
C GLU C 160 6.95 -5.05 43.58
N SER C 161 6.37 -4.24 42.71
CA SER C 161 6.19 -2.83 43.01
C SER C 161 5.15 -2.26 42.04
N ASP C 162 4.74 -1.03 42.34
CA ASP C 162 3.88 -0.31 41.40
C ASP C 162 4.63 -0.07 40.09
N ARG C 163 5.93 0.26 40.19
CA ARG C 163 6.68 0.58 38.98
C ARG C 163 6.80 -0.63 38.06
N ALA C 164 6.94 -1.83 38.63
CA ALA C 164 6.99 -3.01 37.77
C ALA C 164 5.69 -3.17 37.00
N MET C 165 4.56 -3.02 37.70
CA MET C 165 3.28 -3.08 37.00
C MET C 165 3.17 -1.97 35.97
N PHE C 166 3.56 -0.74 36.33
CA PHE C 166 3.35 0.33 35.38
C PHE C 166 4.29 0.18 34.18
N ASP C 167 5.52 -0.31 34.38
CA ASP C 167 6.39 -0.46 33.22
C ASP C 167 5.85 -1.53 32.26
N TRP C 168 5.18 -2.56 32.78
CA TRP C 168 4.53 -3.56 31.92
C TRP C 168 3.42 -2.90 31.08
N VAL C 169 2.57 -2.09 31.73
CA VAL C 169 1.60 -1.30 30.98
C VAL C 169 2.30 -0.45 29.94
N SER C 170 3.40 0.19 30.33
CA SER C 170 4.11 1.09 29.44
C SER C 170 4.63 0.36 28.21
N LYS C 171 5.10 -0.88 28.38
CA LYS C 171 5.49 -1.65 27.19
C LYS C 171 4.33 -1.75 26.20
N GLN C 172 3.11 -1.99 26.68
CA GLN C 172 1.97 -2.05 25.76
C GLN C 172 1.79 -0.74 25.01
N THR C 173 2.00 0.39 25.70
CA THR C 173 1.82 1.66 25.03
C THR C 173 2.86 1.86 23.93
N TYR C 174 4.01 1.17 24.01
CA TYR C 174 5.03 1.33 22.95
C TYR C 174 4.60 0.65 21.65
N ILE C 175 3.77 -0.38 21.75
CA ILE C 175 3.15 -0.98 20.57
C ILE C 175 2.29 0.06 19.86
N ALA C 176 1.40 0.74 20.59
CA ALA C 176 0.60 1.79 19.98
C ALA C 176 1.48 2.90 19.42
N LEU C 177 2.55 3.28 20.14
CA LEU C 177 3.46 4.31 19.66
C LEU C 177 4.03 3.92 18.30
N ALA C 178 4.50 2.67 18.20
CA ALA C 178 5.13 2.17 16.98
C ALA C 178 4.13 2.17 15.82
N ASN C 179 2.91 1.72 16.08
CA ASN C 179 1.91 1.62 15.02
C ASN C 179 1.43 3.00 14.59
N MET C 180 1.38 3.96 15.51
CA MET C 180 1.04 5.33 15.12
C MET C 180 2.12 5.93 14.20
N MET C 181 3.40 5.76 14.58
CA MET C 181 4.49 6.28 13.74
C MET C 181 4.50 5.62 12.37
N THR C 182 4.28 4.32 12.30
CA THR C 182 4.34 3.63 11.02
C THR C 182 3.16 4.01 10.14
N ALA C 183 1.96 4.10 10.73
CA ALA C 183 0.79 4.57 9.98
C ALA C 183 1.03 5.95 9.39
N ALA C 184 1.54 6.88 10.21
CA ALA C 184 1.85 8.20 9.70
C ALA C 184 2.82 8.14 8.54
N ALA C 185 3.92 7.39 8.71
CA ALA C 185 4.94 7.34 7.68
C ALA C 185 4.39 6.78 6.37
N LEU C 186 3.51 5.78 6.47
CA LEU C 186 2.92 5.17 5.29
C LEU C 186 2.10 6.15 4.46
N ILE C 187 1.67 7.28 5.06
CA ILE C 187 0.96 8.32 4.32
C ILE C 187 1.76 9.62 4.28
N GLY C 188 3.07 9.54 4.46
CA GLY C 188 3.95 10.68 4.22
C GLY C 188 4.01 11.70 5.34
N ILE C 189 3.62 11.32 6.55
CA ILE C 189 3.62 12.21 7.70
C ILE C 189 4.77 11.80 8.63
N ASP C 190 5.56 12.78 9.05
CA ASP C 190 6.68 12.59 9.93
C ASP C 190 6.25 12.56 11.40
N SER C 191 7.15 12.04 12.22
CA SER C 191 6.87 11.89 13.64
C SER C 191 8.19 11.93 14.37
N CYS C 192 8.10 11.96 15.68
CA CYS C 192 9.26 11.74 16.54
C CYS C 192 8.78 11.12 17.85
N PRO C 193 9.27 9.93 18.21
CA PRO C 193 9.03 9.42 19.56
C PRO C 193 9.92 10.14 20.58
N ILE C 194 9.39 10.36 21.79
CA ILE C 194 10.04 11.24 22.73
C ILE C 194 10.00 10.66 24.14
N GLU C 195 11.19 10.37 24.68
CA GLU C 195 11.39 9.99 26.07
C GLU C 195 12.16 11.04 26.83
N GLY C 196 12.73 12.04 26.16
CA GLY C 196 13.66 12.99 26.76
C GLY C 196 12.93 14.01 27.61
N PHE C 197 12.35 13.54 28.71
CA PHE C 197 11.68 14.42 29.66
C PHE C 197 11.92 13.94 31.09
N ASN C 198 11.89 14.89 32.02
CA ASN C 198 12.00 14.59 33.44
C ASN C 198 10.69 14.01 33.93
N TYR C 199 10.70 12.72 34.26
CA TYR C 199 9.45 12.08 34.57
C TYR C 199 8.72 12.80 35.72
N ASP C 200 9.46 13.17 36.76
CA ASP C 200 8.79 13.69 37.95
C ASP C 200 8.12 15.02 37.68
N LYS C 201 8.80 15.90 36.94
CA LYS C 201 8.26 17.21 36.65
C LYS C 201 7.12 17.12 35.65
N VAL C 202 7.21 16.22 34.66
CA VAL C 202 6.07 16.01 33.76
C VAL C 202 4.89 15.44 34.52
N HIS C 203 5.15 14.45 35.38
CA HIS C 203 4.09 13.84 36.16
C HIS C 203 3.33 14.90 36.94
N ASP C 204 4.08 15.78 37.61
CA ASP C 204 3.47 16.80 38.47
C ASP C 204 2.64 17.77 37.63
N ILE C 205 3.19 18.22 36.50
CA ILE C 205 2.44 19.09 35.58
C ILE C 205 1.12 18.45 35.20
N LEU C 206 1.17 17.20 34.73
CA LEU C 206 -0.04 16.57 34.22
C LEU C 206 -1.03 16.30 35.35
N GLU C 207 -0.52 15.91 36.53
CA GLU C 207 -1.40 15.72 37.66
C GLU C 207 -2.17 17.00 37.98
N LYS C 208 -1.47 18.12 38.05
CA LYS C 208 -2.10 19.38 38.40
C LYS C 208 -3.09 19.83 37.34
N GLU C 209 -2.81 19.56 36.06
CA GLU C 209 -3.73 19.98 35.00
C GLU C 209 -4.94 19.08 34.89
N GLY C 210 -5.01 17.98 35.63
CA GLY C 210 -6.11 17.05 35.58
C GLY C 210 -5.99 15.93 34.58
N VAL C 211 -4.86 15.82 33.88
CA VAL C 211 -4.72 14.88 32.78
C VAL C 211 -4.71 13.44 33.27
N LEU C 212 -4.23 13.19 34.50
CA LEU C 212 -4.06 11.82 34.98
C LEU C 212 -5.29 11.26 35.67
N GLU C 213 -6.38 12.02 35.72
CA GLU C 213 -7.70 11.51 36.11
C GLU C 213 -7.66 10.75 37.43
N ASP C 214 -7.35 11.50 38.48
CA ASP C 214 -7.41 10.99 39.85
C ASP C 214 -6.53 9.75 40.02
N GLY C 215 -5.33 9.81 39.43
CA GLY C 215 -4.41 8.71 39.59
C GLY C 215 -4.73 7.48 38.78
N ARG C 216 -5.64 7.57 37.80
CA ARG C 216 -5.92 6.42 36.96
C ARG C 216 -4.83 6.23 35.90
N PHE C 217 -4.10 7.27 35.58
CA PHE C 217 -3.10 7.22 34.51
C PHE C 217 -1.79 7.85 34.95
N ASP C 218 -0.72 7.51 34.23
CA ASP C 218 0.57 8.17 34.39
C ASP C 218 1.22 8.29 33.01
N ILE C 219 2.17 9.21 32.89
CA ILE C 219 2.85 9.42 31.61
C ILE C 219 3.77 8.24 31.31
N SER C 220 3.69 7.75 30.06
CA SER C 220 4.56 6.68 29.59
C SER C 220 5.57 7.19 28.58
N VAL C 221 5.10 7.74 27.46
CA VAL C 221 5.99 8.20 26.39
C VAL C 221 5.21 9.22 25.58
N MET C 222 5.94 10.04 24.82
CA MET C 222 5.39 11.14 24.04
C MET C 222 5.65 10.88 22.56
N ALA C 223 4.86 11.53 21.69
CA ALA C 223 5.09 11.42 20.24
C ALA C 223 4.62 12.68 19.55
N ALA C 224 5.45 13.21 18.67
CA ALA C 224 5.12 14.40 17.89
C ALA C 224 4.84 13.98 16.44
N PHE C 225 3.95 14.74 15.78
CA PHE C 225 3.59 14.47 14.38
C PHE C 225 3.52 15.77 13.59
N GLY C 226 3.90 15.69 12.32
CA GLY C 226 3.94 16.88 11.47
C GLY C 226 4.72 16.58 10.21
N TYR C 227 5.16 17.64 9.55
CA TYR C 227 5.90 17.59 8.30
C TYR C 227 7.30 18.15 8.52
N ARG C 228 8.30 17.42 8.03
CA ARG C 228 9.68 17.84 8.20
C ARG C 228 9.93 19.20 7.54
N VAL C 229 10.92 19.91 8.08
CA VAL C 229 11.42 21.11 7.44
C VAL C 229 12.83 20.91 6.91
N LYS C 230 13.56 19.93 7.39
CA LYS C 230 14.91 19.61 6.97
C LYS C 230 14.96 18.13 6.63
N GLU C 231 15.86 17.78 5.71
CA GLU C 231 16.00 16.38 5.35
C GLU C 231 17.01 15.72 6.28
N PRO C 232 16.76 14.50 6.72
CA PRO C 232 17.66 13.85 7.66
C PRO C 232 18.89 13.25 7.01
N ARG C 233 19.91 12.97 7.84
CA ARG C 233 21.07 12.25 7.39
C ARG C 233 20.67 10.81 7.06
N PRO C 234 21.53 10.07 6.35
CA PRO C 234 21.25 8.65 6.09
C PRO C 234 20.95 7.87 7.37
N LYS C 235 19.92 7.04 7.30
CA LYS C 235 19.58 6.20 8.45
C LYS C 235 20.66 5.16 8.70
N THR C 236 20.93 4.88 9.97
CA THR C 236 21.89 3.88 10.41
C THR C 236 21.24 2.86 11.33
N ARG C 237 21.54 1.58 11.09
CA ARG C 237 21.14 0.47 11.91
C ARG C 237 22.22 -0.60 11.90
N ARG C 238 22.23 -1.39 12.95
CA ARG C 238 22.97 -2.65 12.97
C ARG C 238 22.53 -3.56 11.82
N ALA C 239 23.47 -4.39 11.38
CA ALA C 239 23.17 -5.28 10.27
C ALA C 239 22.32 -6.46 10.72
N LEU C 240 21.54 -6.98 9.78
CA LEU C 240 20.69 -8.13 10.06
C LEU C 240 21.48 -9.31 10.61
N ASP C 241 22.70 -9.51 10.08
CA ASP C 241 23.50 -10.61 10.57
C ASP C 241 24.17 -10.29 11.91
N GLN C 242 23.97 -9.10 12.45
CA GLN C 242 24.36 -8.83 13.83
C GLN C 242 23.22 -9.01 14.82
N ILE C 243 21.99 -8.72 14.40
CA ILE C 243 20.88 -8.75 15.37
C ILE C 243 19.99 -9.97 15.26
N VAL C 244 20.15 -10.79 14.23
CA VAL C 244 19.32 -11.98 14.07
C VAL C 244 20.18 -13.22 14.26
N LYS C 245 19.72 -14.12 15.12
CA LYS C 245 20.32 -15.43 15.30
C LYS C 245 19.27 -16.51 15.04
N TRP C 246 19.70 -17.60 14.44
CA TRP C 246 18.84 -18.72 14.14
C TRP C 246 19.22 -19.89 15.01
N VAL C 247 18.22 -20.55 15.59
CA VAL C 247 18.39 -21.81 16.31
C VAL C 247 17.57 -22.85 15.53
N GLU C 248 18.27 -23.65 14.73
CA GLU C 248 17.58 -24.51 13.79
C GLU C 248 17.62 -25.97 14.17
N ARG D 17 -10.06 17.45 -6.64
CA ARG D 17 -10.28 17.59 -5.20
C ARG D 17 -10.91 16.30 -4.63
N GLY D 18 -12.13 16.00 -5.08
CA GLY D 18 -12.81 14.81 -4.60
C GLY D 18 -12.12 13.53 -5.06
N SER D 19 -11.66 13.50 -6.30
CA SER D 19 -10.98 12.30 -6.78
C SER D 19 -9.74 12.02 -5.94
N HIS D 20 -8.97 13.06 -5.62
CA HIS D 20 -7.80 12.85 -4.76
C HIS D 20 -8.20 12.34 -3.39
N MET D 21 -9.32 12.83 -2.84
CA MET D 21 -9.73 12.37 -1.52
C MET D 21 -10.03 10.88 -1.55
N MET D 22 -10.61 10.37 -2.64
CA MET D 22 -10.90 8.96 -2.67
C MET D 22 -9.63 8.13 -2.76
N THR D 23 -8.63 8.62 -3.51
CA THR D 23 -7.38 7.88 -3.58
C THR D 23 -6.70 7.83 -2.22
N GLU D 24 -6.69 8.96 -1.51
CA GLU D 24 -6.08 8.95 -0.19
C GLU D 24 -6.85 8.04 0.76
N GLN D 25 -8.18 8.09 0.71
CA GLN D 25 -8.96 7.25 1.61
C GLN D 25 -8.72 5.79 1.28
N SER D 26 -8.58 5.44 0.00
CA SER D 26 -8.38 4.04 -0.36
C SER D 26 -7.03 3.54 0.15
N LYS D 27 -6.01 4.39 0.13
CA LYS D 27 -4.71 3.99 0.67
C LYS D 27 -4.80 3.77 2.18
N LYS D 28 -5.44 4.70 2.90
CA LYS D 28 -5.63 4.51 4.33
C LYS D 28 -6.45 3.25 4.59
N GLN D 29 -7.44 2.97 3.73
CA GLN D 29 -8.27 1.80 3.95
C GLN D 29 -7.46 0.52 3.85
N GLU D 30 -6.54 0.45 2.90
CA GLU D 30 -5.73 -0.75 2.76
C GLU D 30 -4.93 -1.00 4.03
N ILE D 31 -4.44 0.08 4.64
CA ILE D 31 -3.65 -0.02 5.84
C ILE D 31 -4.52 -0.43 7.03
N LEU D 32 -5.68 0.22 7.19
CA LEU D 32 -6.58 -0.20 8.26
C LEU D 32 -7.02 -1.64 8.09
N ASP D 33 -7.24 -2.07 6.85
CA ASP D 33 -7.58 -3.46 6.59
C ASP D 33 -6.49 -4.40 7.11
N ALA D 34 -5.22 -4.02 6.97
CA ALA D 34 -4.16 -4.84 7.54
C ALA D 34 -4.22 -4.85 9.06
N PHE D 35 -4.45 -3.69 9.67
CA PHE D 35 -4.61 -3.62 11.12
C PHE D 35 -5.78 -4.48 11.61
N GLN D 36 -6.85 -4.61 10.79
CA GLN D 36 -8.01 -5.43 11.14
C GLN D 36 -7.72 -6.91 10.90
N PHE D 37 -6.89 -7.21 9.88
CA PHE D 37 -6.51 -8.57 9.54
C PHE D 37 -5.67 -9.19 10.64
N ARG D 38 -4.72 -8.43 11.18
CA ARG D 38 -3.88 -8.94 12.25
C ARG D 38 -4.73 -9.24 13.46
N HIS D 39 -4.48 -10.39 14.08
CA HIS D 39 -5.17 -10.76 15.31
C HIS D 39 -4.24 -11.66 16.09
N ALA D 40 -4.63 -12.01 17.33
CA ALA D 40 -3.75 -12.86 18.16
C ALA D 40 -4.01 -14.32 17.79
N THR D 41 -3.35 -14.75 16.73
CA THR D 41 -3.58 -16.05 16.12
C THR D 41 -3.15 -17.14 17.07
N LYS D 42 -4.09 -18.03 17.41
CA LYS D 42 -3.83 -19.01 18.45
C LYS D 42 -3.16 -20.26 17.94
N GLU D 43 -3.30 -20.56 16.65
CA GLU D 43 -2.72 -21.74 16.03
C GLU D 43 -2.55 -21.43 14.54
N PHE D 44 -1.48 -21.98 13.96
CA PHE D 44 -1.13 -21.70 12.58
C PHE D 44 -1.21 -22.99 11.78
N ASP D 45 -1.22 -22.83 10.46
CA ASP D 45 -1.16 -23.95 9.53
C ASP D 45 0.22 -24.58 9.61
N PRO D 46 0.33 -25.84 10.04
CA PRO D 46 1.67 -26.44 10.22
C PRO D 46 2.36 -26.78 8.91
N ASP D 47 1.64 -26.80 7.81
CA ASP D 47 2.22 -27.15 6.52
C ASP D 47 2.62 -25.95 5.68
N ARG D 48 2.17 -24.74 6.01
CA ARG D 48 2.39 -23.59 5.16
C ARG D 48 3.46 -22.69 5.77
N LYS D 49 4.62 -22.65 5.12
CA LYS D 49 5.74 -21.89 5.63
C LYS D 49 5.83 -20.53 4.95
N ILE D 50 6.15 -19.51 5.74
CA ILE D 50 6.48 -18.21 5.19
C ILE D 50 7.75 -18.34 4.35
N SER D 51 7.75 -17.72 3.19
CA SER D 51 8.93 -17.76 2.31
C SER D 51 10.12 -17.10 2.99
N ASP D 52 11.33 -17.50 2.56
CA ASP D 52 12.51 -16.86 3.11
C ASP D 52 12.46 -15.35 2.89
N GLU D 53 12.08 -14.93 1.67
CA GLU D 53 11.96 -13.52 1.31
C GLU D 53 10.99 -12.77 2.21
N ASP D 54 9.79 -13.33 2.38
CA ASP D 54 8.81 -12.68 3.24
C ASP D 54 9.28 -12.58 4.68
N PHE D 55 9.95 -13.63 5.19
CA PHE D 55 10.39 -13.57 6.57
C PHE D 55 11.53 -12.58 6.74
N GLN D 56 12.42 -12.46 5.75
CA GLN D 56 13.46 -11.46 5.87
C GLN D 56 12.87 -10.05 5.87
N PHE D 57 11.77 -9.84 5.14
CA PHE D 57 11.07 -8.56 5.15
C PHE D 57 10.46 -8.26 6.52
N ILE D 58 9.88 -9.27 7.18
CA ILE D 58 9.39 -9.11 8.55
C ILE D 58 10.53 -8.73 9.49
N LEU D 59 11.66 -9.44 9.40
CA LEU D 59 12.81 -9.12 10.24
C LEU D 59 13.30 -7.70 10.00
N GLU D 60 13.32 -7.28 8.73
CA GLU D 60 13.77 -5.94 8.36
C GLU D 60 12.90 -4.87 9.04
N ALA D 61 11.60 -5.13 9.17
CA ALA D 61 10.74 -4.18 9.87
C ALA D 61 11.15 -4.05 11.33
N GLY D 62 11.62 -5.14 11.94
CA GLY D 62 12.21 -5.03 13.26
C GLY D 62 13.50 -4.25 13.26
N ARG D 63 14.43 -4.60 12.34
CA ARG D 63 15.72 -3.93 12.27
C ARG D 63 15.61 -2.42 12.09
N LEU D 64 14.66 -1.98 11.26
CA LEU D 64 14.52 -0.56 10.98
C LEU D 64 13.75 0.20 12.04
N SER D 65 13.33 -0.48 13.11
CA SER D 65 12.54 0.18 14.13
C SER D 65 13.38 1.21 14.88
N PRO D 66 12.75 2.29 15.33
CA PRO D 66 13.46 3.26 16.16
C PRO D 66 13.62 2.72 17.59
N SER D 67 14.59 3.31 18.30
CA SER D 67 14.86 2.96 19.69
C SER D 67 15.42 4.18 20.41
N SER D 68 15.16 4.24 21.73
CA SER D 68 15.65 5.36 22.53
C SER D 68 17.18 5.47 22.39
N VAL D 69 17.68 6.69 22.16
CA VAL D 69 19.09 7.04 21.96
C VAL D 69 19.68 6.27 20.77
N GLY D 70 18.82 5.70 19.94
CA GLY D 70 19.25 4.92 18.80
C GLY D 70 20.09 3.69 19.13
N LEU D 71 19.97 3.17 20.35
CA LEU D 71 20.87 2.13 20.82
C LEU D 71 20.48 0.73 20.35
N GLU D 72 19.35 0.55 19.65
CA GLU D 72 18.90 -0.74 19.16
C GLU D 72 19.21 -1.89 20.11
N PRO D 73 18.62 -1.91 21.33
CA PRO D 73 19.10 -2.82 22.38
C PRO D 73 18.45 -4.18 22.34
N TRP D 74 18.46 -4.81 21.16
CA TRP D 74 17.67 -6.02 20.94
C TRP D 74 18.45 -7.05 20.14
N GLN D 75 17.90 -8.27 20.14
CA GLN D 75 18.38 -9.38 19.32
C GLN D 75 17.17 -10.23 19.03
N PHE D 76 16.97 -10.64 17.78
CA PHE D 76 15.84 -11.48 17.39
C PHE D 76 16.36 -12.90 17.17
N VAL D 77 15.86 -13.83 17.98
CA VAL D 77 16.26 -15.23 17.88
C VAL D 77 15.14 -16.03 17.25
N VAL D 78 15.43 -16.64 16.09
CA VAL D 78 14.44 -17.41 15.34
C VAL D 78 14.56 -18.87 15.76
N VAL D 79 13.61 -19.36 16.54
CA VAL D 79 13.69 -20.69 17.10
C VAL D 79 12.87 -21.60 16.21
N GLN D 80 13.55 -22.26 15.28
CA GLN D 80 12.96 -23.27 14.43
C GLN D 80 13.20 -24.69 14.94
N ASN D 81 14.20 -24.86 15.81
CA ASN D 81 14.47 -26.16 16.44
C ASN D 81 13.25 -26.64 17.21
N LYS D 82 12.73 -27.81 16.80
CA LYS D 82 11.52 -28.34 17.43
C LYS D 82 11.73 -28.64 18.91
N GLU D 83 12.93 -29.08 19.29
N GLU D 83 12.93 -29.10 19.29
CA GLU D 83 13.17 -29.48 20.67
CA GLU D 83 13.14 -29.47 20.69
C GLU D 83 13.19 -28.26 21.59
C GLU D 83 13.16 -28.24 21.59
N LEU D 84 13.83 -27.17 21.16
CA LEU D 84 13.82 -25.96 21.97
C LEU D 84 12.42 -25.36 22.03
N ARG D 85 11.67 -25.47 20.95
CA ARG D 85 10.30 -24.97 20.93
C ARG D 85 9.46 -25.68 22.00
N GLU D 86 9.68 -27.00 22.14
CA GLU D 86 8.93 -27.80 23.13
C GLU D 86 9.37 -27.48 24.55
N LYS D 87 10.66 -27.30 24.79
CA LYS D 87 11.09 -26.85 26.12
C LYS D 87 10.40 -25.54 26.50
N LEU D 88 10.27 -24.61 25.55
CA LEU D 88 9.60 -23.35 25.87
C LEU D 88 8.11 -23.58 26.12
N ARG D 89 7.51 -24.46 25.33
CA ARG D 89 6.07 -24.68 25.42
C ARG D 89 5.71 -25.14 26.82
N GLN D 90 6.58 -25.94 27.43
CA GLN D 90 6.30 -26.50 28.75
C GLN D 90 6.16 -25.40 29.79
N VAL D 91 6.79 -24.26 29.58
CA VAL D 91 6.78 -23.18 30.55
C VAL D 91 6.08 -21.94 30.01
N SER D 92 5.28 -22.10 28.95
CA SER D 92 4.63 -20.98 28.24
C SER D 92 3.14 -21.27 28.00
N TRP D 93 2.33 -21.04 29.05
CA TRP D 93 0.90 -21.29 28.99
C TRP D 93 0.22 -20.52 27.86
N GLY D 94 0.74 -19.33 27.54
CA GLY D 94 0.17 -18.53 26.46
C GLY D 94 0.50 -18.98 25.06
N ALA D 95 1.40 -19.94 24.89
CA ALA D 95 1.88 -20.27 23.55
C ALA D 95 1.60 -21.71 23.17
N GLN D 96 0.54 -22.31 23.75
CA GLN D 96 0.35 -23.76 23.58
C GLN D 96 0.07 -24.13 22.13
N GLY D 97 -0.74 -23.34 21.43
CA GLY D 97 -1.02 -23.67 20.05
C GLY D 97 -0.02 -23.07 19.06
N GLN D 98 0.60 -21.97 19.47
CA GLN D 98 1.51 -21.25 18.57
C GLN D 98 2.83 -21.98 18.42
N LEU D 99 3.43 -22.43 19.53
CA LEU D 99 4.76 -23.02 19.42
C LEU D 99 4.80 -24.22 18.49
N PRO D 100 3.87 -25.16 18.57
CA PRO D 100 3.97 -26.35 17.71
C PRO D 100 3.71 -26.06 16.25
N THR D 101 2.98 -25.00 15.92
CA THR D 101 2.49 -24.83 14.57
C THR D 101 3.07 -23.61 13.82
N ALA D 102 3.67 -22.65 14.51
CA ALA D 102 4.12 -21.45 13.83
C ALA D 102 5.14 -21.77 12.74
N SER D 103 5.00 -21.08 11.60
CA SER D 103 6.03 -21.17 10.54
C SER D 103 7.39 -20.72 11.08
N HIS D 104 7.41 -19.59 11.77
CA HIS D 104 8.59 -19.02 12.36
C HIS D 104 8.25 -18.53 13.76
N PHE D 105 9.17 -18.73 14.69
CA PHE D 105 8.95 -18.30 16.07
C PHE D 105 10.13 -17.46 16.52
N VAL D 106 9.86 -16.30 17.12
CA VAL D 106 10.90 -15.32 17.42
C VAL D 106 10.91 -14.98 18.91
N LEU D 107 12.08 -15.12 19.53
CA LEU D 107 12.34 -14.52 20.83
C LEU D 107 12.95 -13.14 20.62
N LEU D 108 12.28 -12.12 21.11
CA LEU D 108 12.86 -10.79 21.16
C LEU D 108 13.60 -10.69 22.50
N LEU D 109 14.92 -10.58 22.44
CA LEU D 109 15.76 -10.35 23.60
C LEU D 109 16.09 -8.88 23.71
N GLY D 110 16.26 -8.41 24.95
CA GLY D 110 16.80 -7.09 25.20
C GLY D 110 18.20 -7.21 25.75
N ARG D 111 19.00 -6.17 25.51
CA ARG D 111 20.29 -6.00 26.18
C ARG D 111 20.06 -5.90 27.69
N THR D 112 20.96 -6.50 28.45
CA THR D 112 20.84 -6.41 29.89
C THR D 112 21.33 -5.07 30.41
N ALA D 113 21.03 -4.81 31.68
CA ALA D 113 21.39 -3.52 32.25
C ALA D 113 22.87 -3.21 32.12
N LYS D 114 23.73 -4.23 32.31
CA LYS D 114 25.18 -4.00 32.23
C LYS D 114 25.63 -3.57 30.84
N GLU D 115 24.77 -3.70 29.84
CA GLU D 115 25.13 -3.28 28.49
C GLU D 115 24.79 -1.83 28.19
N MET D 116 24.03 -1.14 29.06
CA MET D 116 23.32 0.05 28.59
C MET D 116 23.69 1.35 29.30
N ARG D 117 24.72 1.37 30.14
CA ARG D 117 25.14 2.63 30.74
C ARG D 117 26.22 3.34 29.94
N ARG D 118 26.51 4.58 30.36
CA ARG D 118 27.43 5.43 29.63
C ARG D 118 28.83 4.83 29.51
N ASP D 119 29.20 3.91 30.40
CA ASP D 119 30.51 3.28 30.40
C ASP D 119 30.45 1.86 29.87
N SER D 120 29.30 1.45 29.32
CA SER D 120 29.17 0.12 28.73
C SER D 120 29.78 0.11 27.33
N GLY D 121 30.50 -0.97 27.00
CA GLY D 121 31.15 -1.04 25.70
C GLY D 121 30.16 -1.14 24.56
N TYR D 122 29.06 -1.85 24.77
CA TYR D 122 28.02 -1.93 23.73
C TYR D 122 27.57 -0.54 23.29
N VAL D 123 27.28 0.33 24.27
CA VAL D 123 26.83 1.69 23.96
C VAL D 123 27.88 2.49 23.21
N ALA D 124 29.15 2.42 23.65
CA ALA D 124 30.19 3.17 22.96
C ALA D 124 30.38 2.66 21.54
N ASP D 125 30.36 1.34 21.35
N ASP D 125 30.36 1.34 21.35
CA ASP D 125 30.58 0.79 20.02
CA ASP D 125 30.57 0.78 20.02
C ASP D 125 29.39 1.07 19.11
C ASP D 125 29.39 1.09 19.11
N GLN D 126 28.17 0.99 19.64
CA GLN D 126 26.99 1.27 18.81
C GLN D 126 26.97 2.73 18.37
N LEU D 127 27.27 3.64 19.29
CA LEU D 127 27.18 5.05 18.94
C LEU D 127 28.30 5.47 17.97
N LYS D 128 29.51 4.98 18.20
CA LYS D 128 30.63 5.39 17.36
C LYS D 128 30.60 4.73 15.99
N HIS D 129 30.37 3.42 15.96
CA HIS D 129 30.59 2.64 14.76
C HIS D 129 29.33 2.40 13.95
N VAL D 130 28.17 2.37 14.56
CA VAL D 130 26.93 2.24 13.80
C VAL D 130 26.28 3.59 13.57
N LYS D 131 26.08 4.38 14.63
CA LYS D 131 25.45 5.68 14.46
C LYS D 131 26.38 6.76 13.94
N LYS D 132 27.69 6.50 13.89
CA LYS D 132 28.69 7.45 13.39
C LYS D 132 28.61 8.78 14.12
N MET D 133 28.42 8.73 15.41
CA MET D 133 28.26 9.98 16.16
C MET D 133 29.63 10.62 16.34
N PRO D 134 29.76 11.93 16.08
CA PRO D 134 31.09 12.56 16.15
C PRO D 134 31.71 12.49 17.55
N GLU D 135 33.03 12.73 17.59
CA GLU D 135 33.79 12.58 18.82
C GLU D 135 33.28 13.48 19.93
N ASP D 136 33.19 14.78 19.67
CA ASP D 136 32.73 15.72 20.69
C ASP D 136 31.36 15.29 21.21
N ILE D 137 30.46 14.91 20.31
CA ILE D 137 29.10 14.57 20.71
C ILE D 137 29.08 13.28 21.52
N ILE D 138 29.89 12.30 21.12
CA ILE D 138 29.88 11.06 21.89
C ILE D 138 30.45 11.33 23.29
N GLU D 139 31.37 12.30 23.40
CA GLU D 139 31.92 12.63 24.71
C GLU D 139 30.86 13.28 25.58
N ASN D 140 30.18 14.29 25.04
CA ASN D 140 29.08 14.93 25.78
C ASN D 140 27.99 13.93 26.12
N MET D 141 27.73 12.98 25.23
CA MET D 141 26.69 11.99 25.46
C MET D 141 27.07 11.05 26.59
N LEU D 142 28.33 10.62 26.66
CA LEU D 142 28.73 9.57 27.59
C LEU D 142 29.59 10.03 28.76
N LYS D 143 29.86 11.33 28.88
CA LYS D 143 30.62 11.84 30.02
C LYS D 143 29.83 11.66 31.31
N GLU D 144 30.55 11.79 32.42
CA GLU D 144 29.90 11.82 33.72
C GLU D 144 28.86 12.94 33.75
N ASP D 145 27.65 12.60 34.19
CA ASP D 145 26.53 13.55 34.19
C ASP D 145 26.31 14.17 32.82
N GLY D 146 26.61 13.41 31.76
CA GLY D 146 26.30 13.82 30.41
C GLY D 146 24.88 13.42 30.02
N VAL D 147 24.62 13.53 28.72
CA VAL D 147 23.25 13.41 28.24
C VAL D 147 22.65 12.07 28.64
N LEU D 148 23.40 10.98 28.43
CA LEU D 148 22.83 9.66 28.67
C LEU D 148 22.56 9.45 30.16
N GLU D 149 23.52 9.81 31.01
CA GLU D 149 23.40 9.57 32.45
C GLU D 149 22.31 10.44 33.06
N SER D 150 22.34 11.74 32.76
CA SER D 150 21.31 12.65 33.23
C SER D 150 19.93 12.15 32.85
N PHE D 151 19.77 11.65 31.61
CA PHE D 151 18.48 11.11 31.21
C PHE D 151 18.17 9.81 31.94
N GLN D 152 19.10 8.83 31.88
CA GLN D 152 18.79 7.52 32.43
C GLN D 152 18.55 7.59 33.95
N ASP D 153 19.39 8.34 34.67
CA ASP D 153 19.27 8.39 36.11
C ASP D 153 18.24 9.42 36.59
N GLY D 154 18.53 10.70 36.36
CA GLY D 154 17.67 11.76 36.90
C GLY D 154 16.30 11.82 36.27
N ASP D 155 16.21 11.64 34.94
CA ASP D 155 14.92 11.78 34.29
C ASP D 155 14.06 10.52 34.42
N PHE D 156 14.61 9.34 34.09
CA PHE D 156 13.81 8.12 34.04
C PHE D 156 14.04 7.14 35.18
N HIS D 157 14.99 7.42 36.09
CA HIS D 157 15.19 6.62 37.31
C HIS D 157 15.54 5.17 36.99
N LEU D 158 16.39 5.00 35.97
CA LEU D 158 16.74 3.65 35.52
C LEU D 158 17.83 3.01 36.39
N TYR D 159 18.52 3.80 37.19
CA TYR D 159 19.55 3.31 38.11
C TYR D 159 18.95 2.70 39.39
N GLU D 160 17.62 2.67 39.53
CA GLU D 160 16.97 2.19 40.74
C GLU D 160 16.98 0.67 40.85
N SER D 161 17.29 -0.05 39.76
CA SER D 161 17.42 -1.49 39.79
C SER D 161 17.86 -1.93 38.41
N ASP D 162 18.43 -3.15 38.34
CA ASP D 162 18.66 -3.74 37.03
C ASP D 162 17.34 -3.86 36.26
N ARG D 163 16.27 -4.20 36.97
CA ARG D 163 14.98 -4.42 36.31
C ARG D 163 14.44 -3.13 35.71
N ALA D 164 14.67 -2.01 36.37
CA ALA D 164 14.18 -0.75 35.82
C ALA D 164 14.84 -0.44 34.48
N MET D 165 16.15 -0.66 34.40
CA MET D 165 16.88 -0.47 33.13
C MET D 165 16.44 -1.48 32.09
N PHE D 166 16.32 -2.74 32.48
CA PHE D 166 15.92 -3.77 31.55
C PHE D 166 14.50 -3.52 31.04
N ASP D 167 13.59 -3.12 31.93
CA ASP D 167 12.24 -2.84 31.41
C ASP D 167 12.24 -1.69 30.42
N TRP D 168 13.12 -0.71 30.60
CA TRP D 168 13.24 0.36 29.60
C TRP D 168 13.74 -0.20 28.27
N VAL D 169 14.79 -1.03 28.30
CA VAL D 169 15.21 -1.73 27.07
C VAL D 169 14.03 -2.48 26.46
N SER D 170 13.26 -3.18 27.31
CA SER D 170 12.19 -4.03 26.83
C SER D 170 11.11 -3.21 26.13
N LYS D 171 10.81 -2.00 26.64
CA LYS D 171 9.88 -1.12 25.93
C LYS D 171 10.34 -0.93 24.49
N GLN D 172 11.65 -0.75 24.29
CA GLN D 172 12.16 -0.57 22.94
C GLN D 172 11.86 -1.80 22.09
N THR D 173 12.03 -2.99 22.64
CA THR D 173 11.74 -4.21 21.89
C THR D 173 10.28 -4.27 21.45
N TYR D 174 9.35 -3.64 22.19
CA TYR D 174 7.95 -3.76 21.81
C TYR D 174 7.65 -2.92 20.57
N ILE D 175 8.45 -1.88 20.34
CA ILE D 175 8.41 -1.15 19.06
C ILE D 175 8.73 -2.09 17.91
N ALA D 176 9.83 -2.84 18.03
CA ALA D 176 10.18 -3.83 17.01
C ALA D 176 9.11 -4.91 16.88
N LEU D 177 8.57 -5.38 18.00
CA LEU D 177 7.50 -6.36 17.96
C LEU D 177 6.32 -5.86 17.12
N ALA D 178 5.86 -4.64 17.43
CA ALA D 178 4.69 -4.09 16.75
C ALA D 178 4.95 -3.93 15.26
N ASN D 179 6.14 -3.48 14.90
CA ASN D 179 6.45 -3.24 13.49
C ASN D 179 6.53 -4.57 12.74
N MET D 180 7.10 -5.61 13.36
CA MET D 180 7.11 -6.91 12.71
C MET D 180 5.71 -7.44 12.48
N MET D 181 4.82 -7.30 13.47
CA MET D 181 3.46 -7.80 13.32
C MET D 181 2.72 -7.04 12.22
N THR D 182 2.88 -5.72 12.20
CA THR D 182 2.22 -4.88 11.20
C THR D 182 2.78 -5.15 9.80
N ALA D 183 4.08 -5.30 9.68
CA ALA D 183 4.67 -5.61 8.38
C ALA D 183 4.14 -6.93 7.86
N ALA D 184 4.06 -7.96 8.73
CA ALA D 184 3.53 -9.24 8.29
C ALA D 184 2.08 -9.10 7.83
N ALA D 185 1.27 -8.38 8.61
CA ALA D 185 -0.13 -8.23 8.28
C ALA D 185 -0.33 -7.52 6.96
N LEU D 186 0.55 -6.57 6.65
CA LEU D 186 0.40 -5.81 5.40
C LEU D 186 0.59 -6.70 4.18
N ILE D 187 1.27 -7.82 4.32
CA ILE D 187 1.44 -8.76 3.23
C ILE D 187 0.72 -10.07 3.49
N GLY D 188 -0.30 -10.03 4.37
CA GLY D 188 -1.20 -11.14 4.53
C GLY D 188 -0.71 -12.29 5.39
N ILE D 189 0.27 -12.05 6.25
CA ILE D 189 0.83 -13.08 7.12
C ILE D 189 0.38 -12.82 8.55
N ASP D 190 -0.07 -13.87 9.23
CA ASP D 190 -0.58 -13.79 10.58
C ASP D 190 0.55 -13.88 11.61
N SER D 191 0.25 -13.41 12.81
CA SER D 191 1.21 -13.41 13.91
C SER D 191 0.46 -13.54 15.23
N CYS D 192 1.23 -13.70 16.29
CA CYS D 192 0.72 -13.60 17.65
C CYS D 192 1.82 -13.14 18.59
N PRO D 193 1.64 -12.01 19.26
CA PRO D 193 2.56 -11.62 20.31
C PRO D 193 2.30 -12.43 21.56
N ILE D 194 3.39 -12.72 22.32
CA ILE D 194 3.31 -13.69 23.39
C ILE D 194 4.09 -13.25 24.61
N GLU D 195 3.38 -12.98 25.70
CA GLU D 195 3.95 -12.74 27.02
C GLU D 195 3.67 -13.91 27.96
N GLY D 196 2.85 -14.87 27.55
CA GLY D 196 2.32 -15.89 28.45
C GLY D 196 3.31 -17.01 28.73
N PHE D 197 4.36 -16.68 29.50
CA PHE D 197 5.41 -17.65 29.80
C PHE D 197 5.96 -17.29 31.16
N ASN D 198 6.55 -18.28 31.83
CA ASN D 198 7.19 -18.01 33.11
C ASN D 198 8.57 -17.41 32.89
N TYR D 199 8.79 -16.19 33.35
CA TYR D 199 10.04 -15.54 33.04
C TYR D 199 11.22 -16.33 33.58
N ASP D 200 11.15 -16.70 34.86
CA ASP D 200 12.29 -17.37 35.49
C ASP D 200 12.63 -18.65 34.76
N LYS D 201 11.63 -19.46 34.42
CA LYS D 201 11.94 -20.71 33.74
C LYS D 201 12.46 -20.48 32.33
N VAL D 202 11.88 -19.51 31.60
CA VAL D 202 12.36 -19.25 30.24
C VAL D 202 13.78 -18.72 30.31
N HIS D 203 14.03 -17.81 31.26
CA HIS D 203 15.37 -17.28 31.41
C HIS D 203 16.39 -18.38 31.64
N ASP D 204 16.12 -19.25 32.62
CA ASP D 204 17.05 -20.34 32.92
C ASP D 204 17.25 -21.23 31.69
N ILE D 205 16.20 -21.51 30.95
CA ILE D 205 16.35 -22.34 29.74
C ILE D 205 17.27 -21.66 28.73
N LEU D 206 16.99 -20.38 28.41
CA LEU D 206 17.79 -19.70 27.39
C LEU D 206 19.22 -19.48 27.85
N GLU D 207 19.40 -19.22 29.14
CA GLU D 207 20.75 -19.08 29.68
C GLU D 207 21.54 -20.36 29.48
N LYS D 208 20.90 -21.51 29.71
CA LYS D 208 21.61 -22.78 29.61
C LYS D 208 21.83 -23.19 28.16
N GLU D 209 20.99 -22.72 27.24
CA GLU D 209 21.21 -23.01 25.83
C GLU D 209 22.28 -22.12 25.22
N GLY D 210 22.74 -21.10 25.94
CA GLY D 210 23.70 -20.17 25.41
C GLY D 210 23.10 -19.01 24.64
N VAL D 211 21.76 -18.95 24.59
CA VAL D 211 21.07 -17.92 23.79
C VAL D 211 21.28 -16.53 24.35
N LEU D 212 21.54 -16.42 25.67
CA LEU D 212 21.68 -15.11 26.30
C LEU D 212 23.10 -14.56 26.26
N GLU D 213 24.05 -15.30 25.66
CA GLU D 213 25.39 -14.80 25.37
C GLU D 213 26.06 -14.18 26.59
N ASP D 214 26.42 -15.06 27.53
CA ASP D 214 27.14 -14.69 28.74
C ASP D 214 26.53 -13.44 29.39
N GLY D 215 25.21 -13.49 29.52
CA GLY D 215 24.45 -12.47 30.23
C GLY D 215 24.39 -11.13 29.54
N ARG D 216 24.60 -11.07 28.22
CA ARG D 216 24.44 -9.81 27.51
C ARG D 216 22.99 -9.54 27.13
N PHE D 217 22.16 -10.59 27.11
CA PHE D 217 20.75 -10.47 26.75
C PHE D 217 19.86 -11.16 27.78
N ASP D 218 18.58 -10.78 27.78
CA ASP D 218 17.55 -11.47 28.55
C ASP D 218 16.25 -11.45 27.73
N ILE D 219 15.35 -12.38 28.05
CA ILE D 219 14.09 -12.49 27.29
C ILE D 219 13.21 -11.28 27.59
N SER D 220 12.65 -10.69 26.53
CA SER D 220 11.67 -9.62 26.69
C SER D 220 10.26 -10.10 26.37
N VAL D 221 10.04 -10.62 25.17
CA VAL D 221 8.72 -10.98 24.67
C VAL D 221 8.95 -11.91 23.50
N MET D 222 7.91 -12.66 23.12
CA MET D 222 7.96 -13.63 22.03
C MET D 222 6.98 -13.26 20.94
N ALA D 223 7.17 -13.85 19.76
CA ALA D 223 6.28 -13.60 18.63
C ALA D 223 6.28 -14.77 17.68
N ALA D 224 5.09 -15.21 17.32
CA ALA D 224 4.84 -16.29 16.37
C ALA D 224 4.35 -15.71 15.06
N PHE D 225 4.73 -16.36 13.95
CA PHE D 225 4.32 -15.95 12.60
C PHE D 225 3.89 -17.16 11.80
N GLY D 226 2.91 -16.96 10.94
CA GLY D 226 2.46 -18.01 10.04
C GLY D 226 1.14 -17.63 9.40
N TYR D 227 0.41 -18.64 8.93
CA TYR D 227 -0.89 -18.47 8.31
C TYR D 227 -1.99 -19.07 9.18
N ARG D 228 -3.09 -18.32 9.36
CA ARG D 228 -4.20 -18.81 10.18
C ARG D 228 -4.72 -20.13 9.61
N VAL D 229 -5.35 -20.92 10.49
CA VAL D 229 -6.13 -22.07 10.06
C VAL D 229 -7.61 -21.84 10.26
N LYS D 230 -8.00 -20.95 11.16
CA LYS D 230 -9.39 -20.63 11.41
C LYS D 230 -9.54 -19.12 11.34
N GLU D 231 -10.73 -18.68 10.98
CA GLU D 231 -10.97 -17.25 10.99
C GLU D 231 -11.32 -16.78 12.38
N PRO D 232 -10.83 -15.62 12.78
CA PRO D 232 -11.06 -15.13 14.14
C PRO D 232 -12.45 -14.49 14.28
N ARG D 233 -12.87 -14.37 15.53
CA ARG D 233 -14.07 -13.61 15.88
C ARG D 233 -13.87 -12.12 15.58
N PRO D 234 -14.96 -11.38 15.48
CA PRO D 234 -14.87 -9.93 15.33
C PRO D 234 -13.95 -9.29 16.36
N LYS D 235 -13.07 -8.39 15.86
CA LYS D 235 -12.13 -7.70 16.74
C LYS D 235 -12.89 -6.71 17.63
N THR D 236 -12.44 -6.57 18.86
CA THR D 236 -13.01 -5.62 19.80
C THR D 236 -11.96 -4.68 20.36
N ARG D 237 -12.32 -3.40 20.44
CA ARG D 237 -11.51 -2.37 21.04
C ARG D 237 -12.42 -1.36 21.71
N ARG D 238 -11.83 -0.65 22.68
CA ARG D 238 -12.43 0.55 23.22
C ARG D 238 -12.66 1.56 22.11
N ALA D 239 -13.64 2.41 22.30
CA ALA D 239 -13.94 3.43 21.34
C ALA D 239 -12.97 4.57 21.39
N LEU D 240 -12.83 5.26 20.26
CA LEU D 240 -11.92 6.39 20.18
C LEU D 240 -12.26 7.45 21.19
N ASP D 241 -13.57 7.65 21.49
CA ASP D 241 -13.92 8.65 22.48
C ASP D 241 -13.69 8.17 23.90
N GLN D 242 -13.34 6.91 24.10
CA GLN D 242 -12.89 6.43 25.39
C GLN D 242 -11.40 6.64 25.60
N ILE D 243 -10.61 6.49 24.53
CA ILE D 243 -9.15 6.43 24.70
C ILE D 243 -8.43 7.70 24.28
N VAL D 244 -9.09 8.63 23.58
CA VAL D 244 -8.46 9.87 23.18
C VAL D 244 -9.07 11.05 23.94
N LYS D 245 -8.21 11.96 24.35
CA LYS D 245 -8.60 13.20 25.02
C LYS D 245 -7.83 14.33 24.36
N TRP D 246 -8.49 15.47 24.17
CA TRP D 246 -7.89 16.64 23.56
C TRP D 246 -7.74 17.71 24.63
N VAL D 247 -6.58 18.36 24.65
CA VAL D 247 -6.35 19.56 25.44
C VAL D 247 -6.05 20.66 24.45
N GLU D 248 -7.07 21.43 24.07
CA GLU D 248 -6.92 22.42 23.02
C GLU D 248 -6.58 23.78 23.59
N THR E 23 -29.95 -2.23 27.55
CA THR E 23 -29.26 -1.38 26.59
C THR E 23 -29.43 -1.94 25.17
N GLU E 24 -29.76 -3.23 25.05
CA GLU E 24 -30.07 -3.74 23.71
C GLU E 24 -31.41 -3.20 23.25
N GLN E 25 -32.35 -3.00 24.18
CA GLN E 25 -33.63 -2.39 23.82
C GLN E 25 -33.46 -0.90 23.56
N SER E 26 -32.57 -0.24 24.30
CA SER E 26 -32.29 1.16 23.99
C SER E 26 -31.60 1.27 22.64
N LYS E 27 -30.74 0.31 22.29
CA LYS E 27 -30.11 0.36 20.97
C LYS E 27 -31.13 0.15 19.86
N LYS E 28 -32.05 -0.81 20.03
CA LYS E 28 -33.10 -0.99 19.03
C LYS E 28 -33.91 0.29 18.89
N GLN E 29 -34.24 0.95 20.01
CA GLN E 29 -35.02 2.17 19.93
C GLN E 29 -34.24 3.29 19.23
N GLU E 30 -32.93 3.38 19.49
CA GLU E 30 -32.11 4.37 18.79
C GLU E 30 -32.12 4.13 17.27
N ILE E 31 -32.04 2.86 16.85
CA ILE E 31 -32.06 2.54 15.43
C ILE E 31 -33.43 2.86 14.83
N LEU E 32 -34.51 2.50 15.53
CA LEU E 32 -35.83 2.85 15.01
C LEU E 32 -35.99 4.35 14.93
N ASP E 33 -35.42 5.10 15.89
CA ASP E 33 -35.51 6.56 15.82
C ASP E 33 -34.86 7.07 14.54
N ALA E 34 -33.76 6.43 14.12
CA ALA E 34 -33.09 6.83 12.88
C ALA E 34 -33.94 6.50 11.65
N PHE E 35 -34.57 5.32 11.63
CA PHE E 35 -35.52 5.01 10.56
C PHE E 35 -36.68 5.98 10.52
N GLN E 36 -37.10 6.51 11.68
CA GLN E 36 -38.17 7.51 11.69
C GLN E 36 -37.69 8.87 11.24
N PHE E 37 -36.44 9.19 11.57
CA PHE E 37 -35.82 10.46 11.18
C PHE E 37 -35.71 10.57 9.68
N ARG E 38 -35.27 9.52 9.02
CA ARG E 38 -35.13 9.55 7.58
C ARG E 38 -36.50 9.73 6.93
N HIS E 39 -36.56 10.64 5.97
CA HIS E 39 -37.78 10.86 5.20
C HIS E 39 -37.37 11.37 3.84
N ALA E 40 -38.33 11.43 2.92
CA ALA E 40 -38.04 11.88 1.55
C ALA E 40 -37.95 13.40 1.55
N THR E 41 -36.78 13.92 1.92
CA THR E 41 -36.57 15.35 2.08
C THR E 41 -36.67 16.06 0.72
N LYS E 42 -37.62 17.01 0.63
CA LYS E 42 -37.90 17.65 -0.66
C LYS E 42 -36.98 18.81 -0.95
N GLU E 43 -36.40 19.38 0.12
CA GLU E 43 -35.56 20.57 0.02
C GLU E 43 -34.59 20.52 1.18
N PHE E 44 -33.32 20.81 0.93
CA PHE E 44 -32.30 20.84 1.98
C PHE E 44 -31.94 22.28 2.30
N ASP E 45 -31.28 22.48 3.44
CA ASP E 45 -30.68 23.75 3.81
C ASP E 45 -29.39 23.96 3.03
N PRO E 46 -29.38 24.87 2.05
CA PRO E 46 -28.15 25.05 1.23
C PRO E 46 -26.98 25.65 2.00
N ASP E 47 -27.19 26.06 3.25
CA ASP E 47 -26.13 26.67 4.03
C ASP E 47 -25.45 25.68 4.95
N ARG E 48 -25.86 24.41 4.93
CA ARG E 48 -25.24 23.36 5.77
C ARG E 48 -24.65 22.30 4.85
N LYS E 49 -23.33 22.17 4.86
CA LYS E 49 -22.65 21.17 4.05
C LYS E 49 -22.26 19.99 4.92
N ILE E 50 -22.51 18.78 4.42
CA ILE E 50 -22.00 17.59 5.10
C ILE E 50 -20.48 17.64 5.07
N SER E 51 -19.86 17.28 6.18
CA SER E 51 -18.41 17.24 6.25
C SER E 51 -17.84 16.20 5.31
N ASP E 52 -16.61 16.43 4.86
CA ASP E 52 -15.95 15.45 4.04
C ASP E 52 -15.91 14.08 4.73
N GLU E 53 -15.64 14.07 6.04
N GLU E 53 -15.65 14.08 6.04
CA GLU E 53 -15.58 12.82 6.79
CA GLU E 53 -15.58 12.83 6.80
C GLU E 53 -16.94 12.14 6.80
C GLU E 53 -16.94 12.13 6.81
N ASP E 54 -18.01 12.89 7.05
CA ASP E 54 -19.33 12.27 7.14
C ASP E 54 -19.75 11.73 5.79
N PHE E 55 -19.39 12.44 4.71
CA PHE E 55 -19.82 11.98 3.39
C PHE E 55 -19.03 10.74 2.99
N GLN E 56 -17.75 10.67 3.34
CA GLN E 56 -16.98 9.46 3.06
C GLN E 56 -17.56 8.26 3.78
N PHE E 57 -18.08 8.48 4.98
CA PHE E 57 -18.75 7.42 5.74
C PHE E 57 -20.00 6.93 5.01
N ILE E 58 -20.81 7.86 4.52
CA ILE E 58 -21.99 7.50 3.70
C ILE E 58 -21.59 6.68 2.47
N LEU E 59 -20.55 7.11 1.76
CA LEU E 59 -20.10 6.37 0.60
C LEU E 59 -19.64 4.97 0.98
N GLU E 60 -18.99 4.86 2.14
CA GLU E 60 -18.50 3.58 2.62
C GLU E 60 -19.66 2.63 2.91
N ALA E 61 -20.77 3.15 3.38
CA ALA E 61 -21.94 2.31 3.56
C ALA E 61 -22.40 1.73 2.24
N GLY E 62 -22.30 2.54 1.18
CA GLY E 62 -22.59 2.02 -0.16
C GLY E 62 -21.58 0.96 -0.55
N ARG E 63 -20.28 1.27 -0.37
CA ARG E 63 -19.22 0.36 -0.79
C ARG E 63 -19.32 -1.00 -0.11
N LEU E 64 -19.64 -1.02 1.18
CA LEU E 64 -19.67 -2.27 1.92
C LEU E 64 -20.97 -3.06 1.68
N SER E 65 -21.86 -2.58 0.82
CA SER E 65 -23.10 -3.30 0.60
C SER E 65 -22.89 -4.64 -0.09
N PRO E 66 -23.71 -5.62 0.24
CA PRO E 66 -23.73 -6.87 -0.51
C PRO E 66 -24.33 -6.67 -1.89
N SER E 67 -24.03 -7.62 -2.77
CA SER E 67 -24.54 -7.64 -4.13
C SER E 67 -24.54 -9.09 -4.60
N SER E 68 -25.43 -9.39 -5.56
CA SER E 68 -25.58 -10.75 -6.03
C SER E 68 -24.26 -11.21 -6.64
N VAL E 69 -23.82 -12.42 -6.28
CA VAL E 69 -22.58 -13.00 -6.79
C VAL E 69 -21.38 -12.12 -6.45
N GLY E 70 -21.58 -11.19 -5.52
CA GLY E 70 -20.50 -10.33 -5.09
C GLY E 70 -19.93 -9.43 -6.16
N LEU E 71 -20.71 -9.15 -7.21
CA LEU E 71 -20.16 -8.48 -8.39
C LEU E 71 -20.10 -6.95 -8.27
N GLU E 72 -20.70 -6.37 -7.25
CA GLU E 72 -20.62 -4.92 -6.97
C GLU E 72 -20.83 -4.11 -8.26
N PRO E 73 -21.97 -4.29 -8.94
CA PRO E 73 -22.14 -3.79 -10.30
C PRO E 73 -22.59 -2.34 -10.37
N TRP E 74 -21.87 -1.46 -9.68
CA TRP E 74 -22.32 -0.11 -9.47
C TRP E 74 -21.16 0.88 -9.53
N GLN E 75 -21.54 2.15 -9.69
CA GLN E 75 -20.62 3.29 -9.61
C GLN E 75 -21.45 4.42 -9.03
N PHE E 76 -20.85 5.17 -8.10
CA PHE E 76 -21.51 6.30 -7.46
C PHE E 76 -20.84 7.57 -7.99
N VAL E 77 -21.61 8.43 -8.64
CA VAL E 77 -21.09 9.67 -9.24
C VAL E 77 -21.60 10.82 -8.39
N VAL E 78 -20.69 11.54 -7.75
CA VAL E 78 -21.06 12.65 -6.88
C VAL E 78 -21.09 13.90 -7.74
N VAL E 79 -22.29 14.43 -7.98
CA VAL E 79 -22.47 15.55 -8.90
C VAL E 79 -22.59 16.83 -8.07
N GLN E 80 -21.46 17.51 -7.90
CA GLN E 80 -21.42 18.80 -7.22
C GLN E 80 -21.45 19.97 -8.20
N ASN E 81 -21.01 19.73 -9.44
CA ASN E 81 -21.07 20.75 -10.47
C ASN E 81 -22.48 21.30 -10.63
N LYS E 82 -22.60 22.62 -10.46
CA LYS E 82 -23.91 23.26 -10.50
C LYS E 82 -24.52 23.17 -11.89
N GLU E 83 -23.71 23.32 -12.93
CA GLU E 83 -24.26 23.29 -14.28
C GLU E 83 -24.82 21.92 -14.61
N LEU E 84 -24.15 20.85 -14.19
CA LEU E 84 -24.67 19.52 -14.47
C LEU E 84 -25.90 19.23 -13.62
N ARG E 85 -25.89 19.70 -12.36
CA ARG E 85 -27.09 19.59 -11.51
C ARG E 85 -28.28 20.25 -12.19
N GLU E 86 -28.08 21.44 -12.77
CA GLU E 86 -29.16 22.15 -13.45
C GLU E 86 -29.67 21.44 -14.71
N LYS E 87 -28.75 20.90 -15.53
CA LYS E 87 -29.16 20.09 -16.67
C LYS E 87 -30.05 18.94 -16.21
N LEU E 88 -29.66 18.27 -15.12
CA LEU E 88 -30.48 17.19 -14.60
C LEU E 88 -31.81 17.72 -14.10
N ARG E 89 -31.80 18.88 -13.43
CA ARG E 89 -33.02 19.43 -12.88
C ARG E 89 -34.06 19.63 -13.96
N GLN E 90 -33.62 20.05 -15.15
CA GLN E 90 -34.52 20.36 -16.25
C GLN E 90 -35.29 19.13 -16.71
N VAL E 91 -34.76 17.93 -16.46
CA VAL E 91 -35.40 16.70 -16.93
C VAL E 91 -35.76 15.78 -15.76
N SER E 92 -35.76 16.31 -14.53
CA SER E 92 -36.02 15.52 -13.31
C SER E 92 -37.12 16.13 -12.47
N TRP E 93 -38.36 15.85 -12.85
CA TRP E 93 -39.52 16.43 -12.19
C TRP E 93 -39.57 16.14 -10.70
N GLY E 94 -38.93 15.05 -10.26
CA GLY E 94 -39.00 14.69 -8.86
C GLY E 94 -37.89 15.28 -8.03
N ALA E 95 -37.01 16.08 -8.63
CA ALA E 95 -35.84 16.56 -7.92
C ALA E 95 -35.73 18.07 -7.91
N GLN E 96 -36.87 18.78 -7.96
CA GLN E 96 -36.79 20.22 -8.18
C GLN E 96 -36.20 20.95 -6.97
N GLY E 97 -36.56 20.55 -5.77
CA GLY E 97 -36.04 21.20 -4.58
C GLY E 97 -34.70 20.63 -4.14
N GLN E 98 -34.46 19.36 -4.48
CA GLN E 98 -33.28 18.66 -3.98
C GLN E 98 -32.01 19.03 -4.76
N LEU E 99 -32.12 19.13 -6.09
CA LEU E 99 -30.93 19.38 -6.90
C LEU E 99 -30.28 20.71 -6.59
N PRO E 100 -31.00 21.82 -6.44
CA PRO E 100 -30.35 23.09 -6.09
C PRO E 100 -29.86 23.20 -4.66
N THR E 101 -30.34 22.38 -3.72
CA THR E 101 -30.03 22.59 -2.32
C THR E 101 -29.21 21.49 -1.67
N ALA E 102 -29.14 20.31 -2.25
CA ALA E 102 -28.49 19.20 -1.56
C ALA E 102 -27.01 19.49 -1.34
N SER E 103 -26.51 19.08 -0.17
CA SER E 103 -25.07 19.19 0.10
C SER E 103 -24.27 18.36 -0.91
N HIS E 104 -24.70 17.12 -1.14
CA HIS E 104 -24.09 16.16 -2.04
C HIS E 104 -25.22 15.51 -2.82
N PHE E 105 -24.99 15.27 -4.11
CA PHE E 105 -25.98 14.65 -4.98
C PHE E 105 -25.31 13.49 -5.69
N VAL E 106 -25.90 12.30 -5.58
CA VAL E 106 -25.26 11.07 -6.04
C VAL E 106 -26.10 10.42 -7.13
N LEU E 107 -25.44 10.11 -8.23
CA LEU E 107 -25.99 9.25 -9.27
C LEU E 107 -25.50 7.84 -9.03
N LEU E 108 -26.43 6.90 -8.83
CA LEU E 108 -26.07 5.49 -8.71
C LEU E 108 -26.20 4.87 -10.10
N LEU E 109 -25.04 4.54 -10.70
CA LEU E 109 -25.06 3.86 -11.98
C LEU E 109 -24.93 2.34 -11.78
N GLY E 110 -25.52 1.60 -12.71
CA GLY E 110 -25.34 0.16 -12.80
C GLY E 110 -24.51 -0.21 -14.01
N ARG E 111 -23.69 -1.24 -13.86
CA ARG E 111 -23.04 -1.89 -15.00
C ARG E 111 -24.07 -2.31 -16.04
N THR E 112 -23.74 -2.17 -17.30
CA THR E 112 -24.68 -2.54 -18.34
C THR E 112 -24.59 -4.02 -18.65
N ALA E 113 -25.56 -4.48 -19.44
CA ALA E 113 -25.72 -5.90 -19.68
C ALA E 113 -24.45 -6.52 -20.24
N LYS E 114 -23.75 -5.81 -21.12
CA LYS E 114 -22.55 -6.38 -21.72
C LYS E 114 -21.44 -6.60 -20.71
N GLU E 115 -21.55 -6.02 -19.52
CA GLU E 115 -20.55 -6.10 -18.48
C GLU E 115 -20.74 -7.27 -17.51
N MET E 116 -21.86 -7.97 -17.58
CA MET E 116 -22.31 -8.80 -16.48
C MET E 116 -22.49 -10.27 -16.80
N ARG E 117 -22.03 -10.72 -17.96
CA ARG E 117 -22.18 -12.11 -18.38
C ARG E 117 -20.92 -12.91 -18.05
N ARG E 118 -21.04 -14.24 -18.23
CA ARG E 118 -19.97 -15.16 -17.86
C ARG E 118 -18.66 -14.83 -18.59
N ASP E 119 -18.76 -14.23 -19.77
CA ASP E 119 -17.61 -13.97 -20.61
C ASP E 119 -17.21 -12.49 -20.61
N SER E 120 -17.81 -11.68 -19.73
CA SER E 120 -17.46 -10.27 -19.64
C SER E 120 -16.17 -10.12 -18.83
N GLY E 121 -15.29 -9.24 -19.31
CA GLY E 121 -14.05 -9.02 -18.57
C GLY E 121 -14.27 -8.48 -17.16
N TYR E 122 -15.26 -7.62 -16.99
CA TYR E 122 -15.52 -7.03 -15.68
C TYR E 122 -15.78 -8.12 -14.64
N VAL E 123 -16.62 -9.09 -15.01
CA VAL E 123 -16.95 -10.19 -14.11
C VAL E 123 -15.70 -10.99 -13.76
N ALA E 124 -14.91 -11.35 -14.76
CA ALA E 124 -13.72 -12.15 -14.49
C ALA E 124 -12.73 -11.41 -13.60
N ASP E 125 -12.52 -10.12 -13.87
N ASP E 125 -12.50 -10.12 -13.89
CA ASP E 125 -11.54 -9.36 -13.10
CA ASP E 125 -11.55 -9.34 -13.11
C ASP E 125 -12.03 -9.12 -11.69
C ASP E 125 -12.04 -9.15 -11.69
N GLN E 126 -13.34 -8.90 -11.52
CA GLN E 126 -13.88 -8.68 -10.18
C GLN E 126 -13.75 -9.94 -9.34
N LEU E 127 -14.11 -11.09 -9.90
CA LEU E 127 -14.02 -12.32 -9.12
C LEU E 127 -12.58 -12.72 -8.86
N LYS E 128 -11.70 -12.55 -9.83
CA LYS E 128 -10.32 -12.97 -9.64
C LYS E 128 -9.57 -12.03 -8.74
N HIS E 129 -9.64 -10.72 -9.02
CA HIS E 129 -8.74 -9.78 -8.37
C HIS E 129 -9.31 -9.10 -7.14
N VAL E 130 -10.62 -8.95 -7.03
CA VAL E 130 -11.22 -8.39 -5.83
C VAL E 130 -11.68 -9.48 -4.88
N LYS E 131 -12.43 -10.45 -5.40
CA LYS E 131 -12.99 -11.49 -4.54
C LYS E 131 -12.01 -12.62 -4.26
N LYS E 132 -10.86 -12.62 -4.94
CA LYS E 132 -9.83 -13.64 -4.70
C LYS E 132 -10.41 -15.04 -4.85
N MET E 133 -11.29 -15.20 -5.83
CA MET E 133 -11.89 -16.49 -6.08
C MET E 133 -10.83 -17.44 -6.64
N PRO E 134 -10.65 -18.60 -6.03
CA PRO E 134 -9.68 -19.57 -6.57
C PRO E 134 -10.03 -19.95 -8.00
N GLU E 135 -8.99 -20.20 -8.80
CA GLU E 135 -9.22 -20.39 -10.23
C GLU E 135 -10.09 -21.62 -10.50
N ASP E 136 -10.05 -22.62 -9.62
CA ASP E 136 -10.96 -23.76 -9.78
C ASP E 136 -12.41 -23.32 -9.64
N ILE E 137 -12.69 -22.47 -8.66
CA ILE E 137 -14.05 -21.99 -8.46
C ILE E 137 -14.44 -21.00 -9.57
N ILE E 138 -13.51 -20.12 -9.99
CA ILE E 138 -13.84 -19.22 -11.10
C ILE E 138 -14.23 -20.04 -12.31
N GLU E 139 -13.47 -21.11 -12.60
CA GLU E 139 -13.71 -21.91 -13.79
C GLU E 139 -15.15 -22.40 -13.79
N ASN E 140 -15.58 -23.01 -12.69
CA ASN E 140 -16.94 -23.51 -12.59
C ASN E 140 -17.95 -22.36 -12.62
N MET E 141 -17.62 -21.23 -12.00
CA MET E 141 -18.54 -20.10 -12.01
C MET E 141 -18.84 -19.63 -13.43
N LEU E 142 -17.81 -19.55 -14.29
CA LEU E 142 -17.90 -18.80 -15.52
C LEU E 142 -17.89 -19.66 -16.79
N LYS E 143 -17.64 -20.97 -16.69
CA LYS E 143 -17.76 -21.87 -17.83
C LYS E 143 -19.16 -21.79 -18.45
N GLU E 144 -19.27 -22.23 -19.71
CA GLU E 144 -20.59 -22.34 -20.33
C GLU E 144 -21.46 -23.27 -19.48
N ASP E 145 -22.71 -22.85 -19.23
CA ASP E 145 -23.63 -23.55 -18.33
C ASP E 145 -23.01 -23.77 -16.94
N GLY E 146 -22.16 -22.85 -16.51
CA GLY E 146 -21.64 -22.85 -15.15
C GLY E 146 -22.62 -22.20 -14.18
N VAL E 147 -22.11 -21.87 -13.00
CA VAL E 147 -22.98 -21.38 -11.94
C VAL E 147 -23.65 -20.07 -12.37
N LEU E 148 -22.85 -19.13 -12.89
CA LEU E 148 -23.40 -17.82 -13.23
C LEU E 148 -24.44 -17.91 -14.34
N GLU E 149 -24.11 -18.59 -15.43
CA GLU E 149 -25.04 -18.58 -16.55
C GLU E 149 -26.28 -19.40 -16.24
N SER E 150 -26.10 -20.54 -15.56
CA SER E 150 -27.25 -21.33 -15.12
C SER E 150 -28.21 -20.47 -14.30
N PHE E 151 -27.65 -19.64 -13.42
CA PHE E 151 -28.47 -18.75 -12.61
C PHE E 151 -29.08 -17.62 -13.44
N GLN E 152 -28.23 -16.90 -14.19
CA GLN E 152 -28.71 -15.73 -14.90
C GLN E 152 -29.73 -16.09 -15.96
N ASP E 153 -29.51 -17.21 -16.66
CA ASP E 153 -30.39 -17.56 -17.78
C ASP E 153 -31.54 -18.43 -17.31
N GLY E 154 -31.23 -19.62 -16.80
CA GLY E 154 -32.29 -20.55 -16.43
C GLY E 154 -33.11 -20.08 -15.25
N ASP E 155 -32.43 -19.63 -14.20
CA ASP E 155 -33.14 -19.31 -12.95
C ASP E 155 -33.85 -17.97 -13.01
N PHE E 156 -33.17 -16.91 -13.46
CA PHE E 156 -33.73 -15.56 -13.37
C PHE E 156 -34.08 -14.95 -14.71
N HIS E 157 -33.76 -15.63 -15.81
CA HIS E 157 -34.23 -15.24 -17.16
C HIS E 157 -33.67 -13.88 -17.59
N LEU E 158 -32.42 -13.63 -17.24
CA LEU E 158 -31.78 -12.34 -17.55
C LEU E 158 -31.23 -12.25 -18.98
N TYR E 159 -31.11 -13.38 -19.69
CA TYR E 159 -30.72 -13.34 -21.10
C TYR E 159 -31.88 -12.90 -21.99
N GLU E 160 -33.08 -12.79 -21.43
CA GLU E 160 -34.26 -12.44 -22.20
C GLU E 160 -34.13 -11.09 -22.90
N SER E 161 -33.41 -10.15 -22.29
CA SER E 161 -33.20 -8.83 -22.86
C SER E 161 -32.07 -8.16 -22.11
N ASP E 162 -31.55 -7.10 -22.72
CA ASP E 162 -30.60 -6.25 -22.03
C ASP E 162 -31.24 -5.61 -20.81
N ARG E 163 -32.51 -5.19 -20.96
CA ARG E 163 -33.21 -4.52 -19.86
C ARG E 163 -33.37 -5.45 -18.67
N ALA E 164 -33.78 -6.70 -18.92
CA ALA E 164 -33.92 -7.65 -17.81
C ALA E 164 -32.62 -7.74 -17.03
N MET E 165 -31.49 -7.86 -17.76
CA MET E 165 -30.19 -7.91 -17.11
C MET E 165 -29.88 -6.61 -16.38
N PHE E 166 -30.15 -5.47 -17.01
CA PHE E 166 -29.82 -4.22 -16.35
C PHE E 166 -30.69 -4.03 -15.11
N ASP E 167 -31.97 -4.39 -15.20
CA ASP E 167 -32.84 -4.23 -14.03
C ASP E 167 -32.39 -5.08 -12.85
N TRP E 168 -31.84 -6.26 -13.10
CA TRP E 168 -31.26 -7.05 -12.03
C TRP E 168 -30.06 -6.36 -11.42
N VAL E 169 -29.17 -5.79 -12.26
CA VAL E 169 -28.09 -4.98 -11.72
C VAL E 169 -28.65 -3.85 -10.85
N SER E 170 -29.66 -3.15 -11.37
CA SER E 170 -30.25 -2.01 -10.69
C SER E 170 -30.82 -2.40 -9.33
N LYS E 171 -31.42 -3.58 -9.23
CA LYS E 171 -31.84 -4.04 -7.89
C LYS E 171 -30.67 -4.02 -6.92
N GLN E 172 -29.48 -4.47 -7.35
CA GLN E 172 -28.34 -4.46 -6.45
C GLN E 172 -28.04 -3.04 -6.01
N THR E 173 -28.12 -2.07 -6.95
CA THR E 173 -27.83 -0.69 -6.61
C THR E 173 -28.80 -0.16 -5.55
N TYR E 174 -30.01 -0.71 -5.47
CA TYR E 174 -30.96 -0.21 -4.47
C TYR E 174 -30.59 -0.67 -3.07
N ILE E 175 -29.84 -1.77 -2.95
CA ILE E 175 -29.24 -2.13 -1.66
C ILE E 175 -28.28 -1.03 -1.21
N ALA E 176 -27.36 -0.63 -2.11
CA ALA E 176 -26.44 0.44 -1.77
C ALA E 176 -27.17 1.73 -1.45
N LEU E 177 -28.19 2.06 -2.23
CA LEU E 177 -29.00 3.24 -1.94
C LEU E 177 -29.57 3.19 -0.54
N ALA E 178 -30.21 2.07 -0.18
CA ALA E 178 -30.84 1.96 1.13
C ALA E 178 -29.81 2.14 2.25
N ASN E 179 -28.67 1.48 2.12
CA ASN E 179 -27.65 1.55 3.14
C ASN E 179 -27.06 2.94 3.27
N MET E 180 -26.90 3.67 2.15
CA MET E 180 -26.39 5.04 2.25
C MET E 180 -27.38 5.94 2.97
N MET E 181 -28.67 5.84 2.65
CA MET E 181 -29.62 6.68 3.39
C MET E 181 -29.73 6.30 4.85
N THR E 182 -29.70 5.00 5.19
CA THR E 182 -29.79 4.62 6.61
C THR E 182 -28.54 5.02 7.39
N ALA E 183 -27.36 4.86 6.78
CA ALA E 183 -26.14 5.31 7.43
C ALA E 183 -26.19 6.80 7.70
N ALA E 184 -26.61 7.58 6.71
CA ALA E 184 -26.75 9.02 6.88
C ALA E 184 -27.71 9.34 8.02
N ALA E 185 -28.86 8.66 8.05
CA ALA E 185 -29.89 8.96 9.05
C ALA E 185 -29.41 8.64 10.45
N LEU E 186 -28.64 7.56 10.59
CA LEU E 186 -28.11 7.16 11.88
C LEU E 186 -27.21 8.23 12.48
N ILE E 187 -26.60 9.08 11.66
CA ILE E 187 -25.79 10.18 12.20
C ILE E 187 -26.47 11.52 11.95
N GLY E 188 -27.79 11.51 11.81
CA GLY E 188 -28.54 12.76 11.77
C GLY E 188 -28.49 13.53 10.46
N ILE E 189 -28.19 12.87 9.34
CA ILE E 189 -28.12 13.48 8.03
C ILE E 189 -29.28 13.01 7.18
N ASP E 190 -29.98 13.97 6.58
CA ASP E 190 -31.16 13.70 5.75
C ASP E 190 -30.73 13.30 4.33
N SER E 191 -31.69 12.71 3.61
CA SER E 191 -31.49 12.24 2.25
C SER E 191 -32.82 12.26 1.53
N CYS E 192 -32.78 11.98 0.23
CA CYS E 192 -33.96 11.69 -0.57
C CYS E 192 -33.59 10.76 -1.71
N PRO E 193 -34.22 9.58 -1.81
CA PRO E 193 -34.07 8.75 -3.02
C PRO E 193 -34.90 9.35 -4.13
N ILE E 194 -34.40 9.24 -5.37
CA ILE E 194 -35.00 9.95 -6.50
C ILE E 194 -35.03 9.08 -7.75
N GLU E 195 -36.24 8.77 -8.17
CA GLU E 195 -36.55 8.12 -9.43
C GLU E 195 -37.24 9.05 -10.40
N GLY E 196 -37.64 10.23 -9.96
CA GLY E 196 -38.53 11.07 -10.76
C GLY E 196 -37.76 11.86 -11.81
N PHE E 197 -37.30 11.14 -12.84
CA PHE E 197 -36.54 11.73 -13.92
C PHE E 197 -36.86 10.98 -15.20
N ASN E 198 -36.69 11.67 -16.33
CA ASN E 198 -36.89 11.04 -17.63
C ASN E 198 -35.66 10.21 -17.95
N TYR E 199 -35.82 8.90 -18.01
CA TYR E 199 -34.67 8.02 -18.20
C TYR E 199 -33.90 8.37 -19.46
N ASP E 200 -34.62 8.53 -20.58
CA ASP E 200 -33.97 8.74 -21.87
C ASP E 200 -33.16 10.03 -21.85
N LYS E 201 -33.77 11.11 -21.33
CA LYS E 201 -33.08 12.39 -21.30
C LYS E 201 -31.87 12.35 -20.37
N VAL E 202 -32.02 11.77 -19.17
CA VAL E 202 -30.88 11.67 -18.25
C VAL E 202 -29.79 10.81 -18.86
N HIS E 203 -30.17 9.68 -19.46
CA HIS E 203 -29.20 8.85 -20.13
C HIS E 203 -28.38 9.66 -21.13
N ASP E 204 -29.06 10.48 -21.93
CA ASP E 204 -28.38 11.22 -22.98
C ASP E 204 -27.38 12.22 -22.40
N ILE E 205 -27.81 12.99 -21.40
CA ILE E 205 -26.93 13.94 -20.73
C ILE E 205 -25.70 13.23 -20.20
N LEU E 206 -25.91 12.14 -19.46
CA LEU E 206 -24.75 11.48 -18.86
C LEU E 206 -23.85 10.84 -19.91
N GLU E 207 -24.42 10.32 -21.00
CA GLU E 207 -23.58 9.75 -22.05
C GLU E 207 -22.68 10.83 -22.66
N LYS E 208 -23.27 11.99 -22.95
CA LYS E 208 -22.51 13.10 -23.51
C LYS E 208 -21.45 13.64 -22.58
N GLU E 209 -21.72 13.63 -21.28
CA GLU E 209 -20.78 14.09 -20.26
C GLU E 209 -19.63 13.12 -20.08
N GLY E 210 -19.71 11.91 -20.66
CA GLY E 210 -18.71 10.89 -20.45
C GLY E 210 -18.88 10.08 -19.19
N VAL E 211 -19.95 10.29 -18.43
CA VAL E 211 -20.14 9.60 -17.15
C VAL E 211 -20.43 8.12 -17.33
N LEU E 212 -20.93 7.71 -18.49
CA LEU E 212 -21.27 6.30 -18.68
C LEU E 212 -20.11 5.47 -19.22
N GLU E 213 -18.94 6.06 -19.43
CA GLU E 213 -17.69 5.34 -19.72
C GLU E 213 -17.89 4.34 -20.86
N ASP E 214 -18.18 4.88 -22.04
CA ASP E 214 -18.26 4.07 -23.27
C ASP E 214 -19.26 2.93 -23.12
N GLY E 215 -20.43 3.23 -22.54
CA GLY E 215 -21.49 2.26 -22.41
C GLY E 215 -21.27 1.17 -21.38
N ARG E 216 -20.32 1.36 -20.45
CA ARG E 216 -20.11 0.41 -19.38
C ARG E 216 -21.15 0.57 -18.27
N PHE E 217 -21.75 1.75 -18.15
CA PHE E 217 -22.70 2.08 -17.10
C PHE E 217 -23.96 2.70 -17.69
N ASP E 218 -25.06 2.62 -16.93
CA ASP E 218 -26.26 3.39 -17.23
C ASP E 218 -26.87 3.85 -15.90
N ILE E 219 -27.68 4.89 -15.98
CA ILE E 219 -28.29 5.44 -14.75
C ILE E 219 -29.26 4.43 -14.16
N SER E 220 -29.18 4.24 -12.84
CA SER E 220 -30.13 3.43 -12.10
C SER E 220 -31.10 4.26 -11.26
N VAL E 221 -30.57 5.04 -10.31
CA VAL E 221 -31.38 5.82 -9.39
C VAL E 221 -30.49 6.93 -8.84
N MET E 222 -31.11 7.98 -8.30
CA MET E 222 -30.35 9.06 -7.70
C MET E 222 -30.65 9.24 -6.23
N ALA E 223 -29.77 9.96 -5.55
CA ALA E 223 -29.91 10.17 -4.12
C ALA E 223 -29.30 11.50 -3.72
N ALA E 224 -30.07 12.28 -2.98
CA ALA E 224 -29.63 13.56 -2.45
C ALA E 224 -29.37 13.43 -0.95
N PHE E 225 -28.37 14.16 -0.47
CA PHE E 225 -27.99 14.17 0.92
C PHE E 225 -27.80 15.60 1.43
N GLY E 226 -28.21 15.83 2.66
CA GLY E 226 -28.01 17.12 3.27
C GLY E 226 -28.79 17.23 4.57
N TYR E 227 -29.08 18.46 4.96
CA TYR E 227 -29.81 18.74 6.17
C TYR E 227 -31.16 19.37 5.83
N ARG E 228 -32.23 18.87 6.46
CA ARG E 228 -33.56 19.36 6.15
C ARG E 228 -33.63 20.86 6.41
N VAL E 229 -34.48 21.52 5.64
CA VAL E 229 -34.77 22.93 5.85
C VAL E 229 -36.07 23.12 6.64
N LYS E 230 -36.94 22.11 6.69
CA LYS E 230 -38.18 22.19 7.46
C LYS E 230 -38.50 20.82 8.03
N GLU E 231 -39.31 20.80 9.09
CA GLU E 231 -39.67 19.51 9.65
C GLU E 231 -40.75 18.82 8.80
N PRO E 232 -40.64 17.51 8.61
CA PRO E 232 -41.58 16.79 7.75
C PRO E 232 -42.90 16.47 8.44
N ARG E 233 -43.91 16.15 7.61
CA ARG E 233 -45.17 15.62 8.14
C ARG E 233 -44.91 14.28 8.81
N PRO E 234 -45.82 13.82 9.67
CA PRO E 234 -45.63 12.49 10.30
C PRO E 234 -45.52 11.38 9.27
N LYS E 235 -44.64 10.41 9.56
CA LYS E 235 -44.46 9.29 8.64
C LYS E 235 -45.70 8.40 8.67
N THR E 236 -46.01 7.82 7.50
CA THR E 236 -47.14 6.89 7.34
C THR E 236 -46.65 5.61 6.67
N ARG E 237 -47.08 4.47 7.22
CA ARG E 237 -46.79 3.18 6.63
C ARG E 237 -47.99 2.28 6.86
N ARG E 238 -48.09 1.25 6.03
CA ARG E 238 -48.97 0.13 6.35
C ARG E 238 -48.54 -0.51 7.67
N ALA E 239 -49.49 -1.10 8.37
CA ALA E 239 -49.13 -1.71 9.63
C ALA E 239 -48.29 -2.97 9.45
N LEU E 240 -47.44 -3.25 10.44
CA LEU E 240 -46.64 -4.48 10.42
C LEU E 240 -47.51 -5.71 10.27
N ASP E 241 -48.61 -5.79 11.05
CA ASP E 241 -49.47 -6.95 10.91
C ASP E 241 -50.36 -6.90 9.66
N GLN E 242 -50.24 -5.86 8.82
CA GLN E 242 -50.79 -5.94 7.47
C GLN E 242 -49.83 -6.56 6.47
N ILE E 243 -48.53 -6.28 6.63
CA ILE E 243 -47.60 -6.60 5.56
C ILE E 243 -46.78 -7.84 5.83
N VAL E 244 -46.85 -8.40 7.03
CA VAL E 244 -46.10 -9.59 7.41
C VAL E 244 -47.06 -10.75 7.60
N LYS E 245 -46.77 -11.87 6.97
CA LYS E 245 -47.54 -13.10 7.13
C LYS E 245 -46.64 -14.22 7.61
N TRP E 246 -47.13 -15.01 8.56
CA TRP E 246 -46.36 -16.08 9.16
C TRP E 246 -46.90 -17.42 8.68
N VAL E 247 -46.00 -18.29 8.22
CA VAL E 247 -46.36 -19.66 7.84
C VAL E 247 -45.68 -20.60 8.83
N GLU E 248 -46.49 -21.23 9.68
CA GLU E 248 -45.96 -22.08 10.72
C GLU E 248 -46.06 -23.55 10.35
N GLY F 18 -10.94 17.92 18.40
CA GLY F 18 -12.07 18.04 19.28
C GLY F 18 -12.50 16.77 19.99
N SER F 19 -13.08 16.93 21.19
CA SER F 19 -13.75 15.81 21.84
C SER F 19 -14.99 15.37 21.08
N HIS F 20 -15.69 16.30 20.45
CA HIS F 20 -16.88 15.94 19.69
C HIS F 20 -16.52 15.13 18.44
N MET F 21 -15.43 15.51 17.75
CA MET F 21 -14.96 14.67 16.64
C MET F 21 -14.82 13.21 17.08
N MET F 22 -14.38 12.98 18.31
CA MET F 22 -14.13 11.61 18.76
C MET F 22 -15.44 10.86 18.99
N THR F 23 -16.42 11.52 19.59
CA THR F 23 -17.73 10.89 19.80
C THR F 23 -18.42 10.61 18.48
N GLU F 24 -18.42 11.60 17.57
N GLU F 24 -18.43 11.61 17.59
CA GLU F 24 -19.01 11.40 16.26
CA GLU F 24 -18.99 11.40 16.25
C GLU F 24 -18.30 10.27 15.52
C GLU F 24 -18.30 10.24 15.57
N GLN F 25 -16.97 10.20 15.62
CA GLN F 25 -16.24 9.13 14.98
C GLN F 25 -16.60 7.78 15.60
N SER F 26 -16.82 7.75 16.92
CA SER F 26 -17.10 6.47 17.57
C SER F 26 -18.45 5.90 17.13
N LYS F 27 -19.46 6.77 17.00
CA LYS F 27 -20.75 6.35 16.46
C LYS F 27 -20.65 5.84 15.02
N LYS F 28 -19.93 6.57 14.16
CA LYS F 28 -19.70 6.07 12.82
C LYS F 28 -18.99 4.72 12.86
N GLN F 29 -18.00 4.57 13.74
CA GLN F 29 -17.28 3.31 13.81
C GLN F 29 -18.19 2.14 14.20
N GLU F 30 -19.11 2.37 15.14
CA GLU F 30 -20.04 1.31 15.52
C GLU F 30 -20.87 0.87 14.31
N ILE F 31 -21.30 1.81 13.48
CA ILE F 31 -22.11 1.47 12.32
C ILE F 31 -21.26 0.76 11.27
N LEU F 32 -20.05 1.26 11.01
CA LEU F 32 -19.19 0.53 10.09
C LEU F 32 -18.87 -0.88 10.58
N ASP F 33 -18.71 -1.04 11.90
CA ASP F 33 -18.47 -2.36 12.45
C ASP F 33 -19.62 -3.29 12.15
N ALA F 34 -20.87 -2.77 12.18
CA ALA F 34 -22.02 -3.60 11.82
C ALA F 34 -22.00 -3.98 10.35
N PHE F 35 -21.62 -3.02 9.47
CA PHE F 35 -21.50 -3.34 8.05
C PHE F 35 -20.42 -4.39 7.81
N GLN F 36 -19.37 -4.39 8.64
CA GLN F 36 -18.32 -5.40 8.50
C GLN F 36 -18.75 -6.75 9.07
N PHE F 37 -19.60 -6.71 10.10
CA PHE F 37 -20.10 -7.91 10.75
C PHE F 37 -21.04 -8.68 9.84
N ARG F 38 -21.89 -7.96 9.13
CA ARG F 38 -22.77 -8.60 8.19
C ARG F 38 -21.98 -9.25 7.07
N HIS F 39 -22.36 -10.46 6.74
CA HIS F 39 -21.77 -11.18 5.62
C HIS F 39 -22.81 -12.19 5.14
N ALA F 40 -22.55 -12.81 4.00
CA ALA F 40 -23.47 -13.74 3.38
C ALA F 40 -23.34 -15.09 4.11
N THR F 41 -24.03 -15.18 5.25
CA THR F 41 -23.90 -16.35 6.11
C THR F 41 -24.48 -17.60 5.45
N LYS F 42 -23.67 -18.65 5.34
CA LYS F 42 -24.04 -19.82 4.56
C LYS F 42 -24.81 -20.83 5.37
N GLU F 43 -24.63 -20.80 6.68
CA GLU F 43 -25.24 -21.75 7.61
C GLU F 43 -25.41 -21.06 8.94
N PHE F 44 -26.51 -21.37 9.64
CA PHE F 44 -26.79 -20.76 10.92
C PHE F 44 -26.88 -21.82 12.02
N ASP F 45 -26.86 -21.35 13.25
CA ASP F 45 -26.99 -22.22 14.43
C ASP F 45 -28.39 -22.77 14.48
N PRO F 46 -28.59 -24.08 14.35
CA PRO F 46 -29.96 -24.62 14.27
C PRO F 46 -30.69 -24.59 15.59
N ASP F 47 -30.04 -24.28 16.69
CA ASP F 47 -30.68 -24.30 17.99
C ASP F 47 -30.69 -22.95 18.69
N ARG F 48 -30.13 -21.92 18.07
CA ARG F 48 -30.20 -20.57 18.63
C ARG F 48 -31.18 -19.77 17.79
N LYS F 49 -32.29 -19.38 18.39
CA LYS F 49 -33.33 -18.67 17.70
C LYS F 49 -33.26 -17.18 18.05
N ILE F 50 -33.51 -16.35 17.04
CA ILE F 50 -33.69 -14.92 17.27
C ILE F 50 -34.92 -14.79 18.13
N SER F 51 -34.88 -13.87 19.09
CA SER F 51 -36.05 -13.63 19.94
C SER F 51 -37.19 -13.01 19.14
N ASP F 52 -38.44 -13.30 19.55
CA ASP F 52 -39.56 -12.73 18.82
C ASP F 52 -39.49 -11.19 18.78
N GLU F 53 -39.01 -10.58 19.86
N GLU F 53 -39.03 -10.57 19.87
CA GLU F 53 -38.92 -9.12 19.91
CA GLU F 53 -38.91 -9.11 19.90
C GLU F 53 -37.82 -8.60 18.98
C GLU F 53 -37.83 -8.62 18.95
N ASP F 54 -36.67 -9.27 18.95
CA ASP F 54 -35.60 -8.89 18.02
C ASP F 54 -36.06 -9.05 16.57
N PHE F 55 -36.78 -10.14 16.26
CA PHE F 55 -37.22 -10.32 14.89
C PHE F 55 -38.28 -9.32 14.50
N GLN F 56 -39.18 -8.97 15.41
CA GLN F 56 -40.13 -7.92 15.09
C GLN F 56 -39.41 -6.61 14.74
N PHE F 57 -38.34 -6.28 15.48
CA PHE F 57 -37.52 -5.11 15.15
C PHE F 57 -36.91 -5.21 13.76
N ILE F 58 -36.42 -6.38 13.38
CA ILE F 58 -35.87 -6.55 12.04
C ILE F 58 -36.96 -6.29 10.98
N LEU F 59 -38.15 -6.90 11.16
CA LEU F 59 -39.24 -6.67 10.22
C LEU F 59 -39.63 -5.21 10.15
N GLU F 60 -39.58 -4.51 11.29
CA GLU F 60 -39.93 -3.10 11.33
C GLU F 60 -39.00 -2.26 10.45
N ALA F 61 -37.73 -2.63 10.42
CA ALA F 61 -36.79 -1.95 9.52
C ALA F 61 -37.22 -2.08 8.06
N GLY F 62 -37.74 -3.23 7.67
CA GLY F 62 -38.38 -3.37 6.38
C GLY F 62 -39.57 -2.44 6.24
N ARG F 63 -40.50 -2.52 7.19
CA ARG F 63 -41.72 -1.74 7.10
C ARG F 63 -41.46 -0.26 6.94
N LEU F 64 -40.53 0.28 7.72
CA LEU F 64 -40.22 1.70 7.67
C LEU F 64 -39.36 2.08 6.46
N SER F 65 -39.05 1.16 5.57
CA SER F 65 -38.23 1.50 4.39
C SER F 65 -39.01 2.44 3.45
N PRO F 66 -38.30 3.31 2.75
CA PRO F 66 -38.95 4.10 1.70
C PRO F 66 -39.23 3.26 0.47
N SER F 67 -40.18 3.76 -0.33
CA SER F 67 -40.53 3.14 -1.59
C SER F 67 -40.98 4.22 -2.56
N SER F 68 -40.79 3.96 -3.84
CA SER F 68 -41.17 4.92 -4.86
C SER F 68 -42.67 5.17 -4.78
N VAL F 69 -43.03 6.46 -4.80
CA VAL F 69 -44.40 6.98 -4.69
C VAL F 69 -45.03 6.56 -3.36
N GLY F 70 -44.22 6.13 -2.40
CA GLY F 70 -44.77 5.72 -1.13
C GLY F 70 -45.67 4.53 -1.16
N LEU F 71 -45.57 3.70 -2.18
CA LEU F 71 -46.59 2.67 -2.38
C LEU F 71 -46.33 1.37 -1.63
N GLU F 72 -45.20 1.20 -0.92
CA GLU F 72 -44.90 0.03 -0.10
C GLU F 72 -45.33 -1.27 -0.79
N PRO F 73 -44.84 -1.54 -1.99
CA PRO F 73 -45.42 -2.61 -2.84
C PRO F 73 -44.90 -4.00 -2.51
N TRP F 74 -44.89 -4.33 -1.21
CA TRP F 74 -44.27 -5.54 -0.75
C TRP F 74 -45.13 -6.25 0.28
N GLN F 75 -44.76 -7.51 0.54
CA GLN F 75 -45.27 -8.32 1.64
C GLN F 75 -44.14 -9.25 2.07
N PHE F 76 -43.97 -9.45 3.37
CA PHE F 76 -42.89 -10.25 3.92
C PHE F 76 -43.50 -11.52 4.47
N VAL F 77 -43.10 -12.67 3.95
CA VAL F 77 -43.63 -13.96 4.40
C VAL F 77 -42.56 -14.68 5.20
N VAL F 78 -42.85 -14.91 6.48
CA VAL F 78 -41.92 -15.61 7.38
C VAL F 78 -42.25 -17.10 7.33
N VAL F 79 -41.39 -17.85 6.66
CA VAL F 79 -41.61 -19.28 6.41
C VAL F 79 -40.86 -20.06 7.48
N GLN F 80 -41.57 -20.38 8.57
CA GLN F 80 -41.01 -21.19 9.64
C GLN F 80 -41.34 -22.66 9.47
N ASN F 81 -42.40 -22.95 8.73
CA ASN F 81 -42.83 -24.31 8.43
C ASN F 81 -41.71 -25.10 7.78
N LYS F 82 -41.25 -26.15 8.47
CA LYS F 82 -40.09 -26.90 7.97
C LYS F 82 -40.40 -27.55 6.63
N GLU F 83 -41.66 -27.94 6.41
CA GLU F 83 -41.97 -28.66 5.18
C GLU F 83 -41.91 -27.74 3.97
N LEU F 84 -42.43 -26.52 4.09
CA LEU F 84 -42.36 -25.58 2.98
C LEU F 84 -40.93 -25.13 2.74
N ARG F 85 -40.15 -24.93 3.81
CA ARG F 85 -38.73 -24.63 3.65
C ARG F 85 -38.04 -25.69 2.81
N GLU F 86 -38.39 -26.96 3.03
CA GLU F 86 -37.73 -28.02 2.28
C GLU F 86 -38.19 -28.07 0.83
N LYS F 87 -39.46 -27.76 0.57
CA LYS F 87 -39.92 -27.62 -0.82
C LYS F 87 -39.10 -26.56 -1.54
N LEU F 88 -38.88 -25.41 -0.89
CA LEU F 88 -38.08 -24.35 -1.49
C LEU F 88 -36.63 -24.75 -1.63
N ARG F 89 -36.11 -25.49 -0.64
CA ARG F 89 -34.72 -25.91 -0.71
C ARG F 89 -34.44 -26.75 -1.95
N GLN F 90 -35.41 -27.58 -2.33
CA GLN F 90 -35.24 -28.46 -3.48
C GLN F 90 -35.05 -27.70 -4.78
N VAL F 91 -35.45 -26.43 -4.82
CA VAL F 91 -35.39 -25.62 -6.03
C VAL F 91 -34.56 -24.35 -5.84
N SER F 92 -33.76 -24.28 -4.77
CA SER F 92 -33.00 -23.06 -4.42
C SER F 92 -31.55 -23.43 -4.21
N TRP F 93 -30.80 -23.52 -5.32
CA TRP F 93 -29.39 -23.93 -5.26
C TRP F 93 -28.58 -23.05 -4.31
N GLY F 94 -28.95 -21.79 -4.15
CA GLY F 94 -28.20 -20.87 -3.31
C GLY F 94 -28.54 -20.88 -1.85
N ALA F 95 -29.51 -21.71 -1.40
CA ALA F 95 -30.00 -21.65 -0.02
C ALA F 95 -29.87 -22.99 0.71
N GLN F 96 -28.92 -23.82 0.29
CA GLN F 96 -28.85 -25.18 0.81
C GLN F 96 -28.53 -25.22 2.29
N GLY F 97 -27.59 -24.40 2.75
CA GLY F 97 -27.28 -24.37 4.17
C GLY F 97 -28.23 -23.50 4.96
N GLN F 98 -28.79 -22.49 4.32
CA GLN F 98 -29.53 -21.45 5.02
C GLN F 98 -30.96 -21.90 5.32
N LEU F 99 -31.64 -22.53 4.36
CA LEU F 99 -33.03 -22.90 4.61
C LEU F 99 -33.18 -23.88 5.76
N PRO F 100 -32.36 -24.92 5.90
CA PRO F 100 -32.55 -25.84 7.04
C PRO F 100 -32.20 -25.25 8.39
N THR F 101 -31.28 -24.29 8.45
CA THR F 101 -30.73 -23.86 9.72
C THR F 101 -31.14 -22.47 10.17
N ALA F 102 -31.69 -21.64 9.30
CA ALA F 102 -31.99 -20.27 9.66
C ALA F 102 -32.97 -20.24 10.83
N SER F 103 -32.74 -19.32 11.77
CA SER F 103 -33.77 -19.06 12.79
C SER F 103 -35.10 -18.64 12.15
N HIS F 104 -35.03 -17.63 11.27
CA HIS F 104 -36.16 -17.10 10.55
C HIS F 104 -35.82 -16.99 9.08
N PHE F 105 -36.79 -17.29 8.22
CA PHE F 105 -36.59 -17.23 6.78
C PHE F 105 -37.67 -16.40 6.14
N VAL F 106 -37.28 -15.40 5.35
CA VAL F 106 -38.23 -14.44 4.83
C VAL F 106 -38.29 -14.48 3.31
N LEU F 107 -39.50 -14.59 2.76
CA LEU F 107 -39.79 -14.31 1.37
C LEU F 107 -40.24 -12.86 1.24
N LEU F 108 -39.51 -12.07 0.46
CA LEU F 108 -39.94 -10.73 0.12
C LEU F 108 -40.71 -10.84 -1.20
N LEU F 109 -42.01 -10.58 -1.14
CA LEU F 109 -42.88 -10.57 -2.29
C LEU F 109 -43.09 -9.15 -2.76
N GLY F 110 -43.26 -8.98 -4.07
CA GLY F 110 -43.62 -7.70 -4.67
C GLY F 110 -45.03 -7.75 -5.21
N ARG F 111 -45.75 -6.62 -5.12
CA ARG F 111 -47.00 -6.46 -5.85
C ARG F 111 -46.79 -6.72 -7.34
N THR F 112 -47.78 -7.37 -7.95
CA THR F 112 -47.69 -7.63 -9.37
C THR F 112 -48.11 -6.40 -10.18
N ALA F 113 -47.86 -6.47 -11.49
CA ALA F 113 -48.11 -5.33 -12.38
C ALA F 113 -49.56 -4.85 -12.32
N LYS F 114 -50.52 -5.77 -12.18
CA LYS F 114 -51.92 -5.35 -12.14
C LYS F 114 -52.23 -4.53 -10.90
N GLU F 115 -51.43 -4.66 -9.82
CA GLU F 115 -51.66 -3.96 -8.57
C GLU F 115 -51.10 -2.54 -8.56
N MET F 116 -50.27 -2.16 -9.54
CA MET F 116 -49.44 -0.96 -9.42
C MET F 116 -49.72 0.14 -10.43
N ARG F 117 -50.81 0.07 -11.19
N ARG F 117 -50.83 0.07 -11.18
CA ARG F 117 -51.11 1.09 -12.17
CA ARG F 117 -51.15 1.07 -12.17
C ARG F 117 -52.08 2.13 -11.60
C ARG F 117 -52.07 2.14 -11.59
N ARG F 118 -52.20 3.26 -12.31
CA ARG F 118 -52.98 4.38 -11.81
C ARG F 118 -54.44 4.02 -11.56
N ASP F 119 -54.94 2.97 -12.23
CA ASP F 119 -56.33 2.53 -12.04
C ASP F 119 -56.42 1.25 -11.21
N SER F 120 -55.37 0.93 -10.46
CA SER F 120 -55.36 -0.22 -9.57
C SER F 120 -55.94 0.16 -8.22
N GLY F 121 -56.75 -0.74 -7.66
CA GLY F 121 -57.33 -0.46 -6.38
C GLY F 121 -56.30 -0.34 -5.27
N TYR F 122 -55.27 -1.18 -5.32
CA TYR F 122 -54.26 -1.14 -4.27
C TYR F 122 -53.64 0.26 -4.16
N VAL F 123 -53.27 0.83 -5.29
CA VAL F 123 -52.65 2.15 -5.30
C VAL F 123 -53.59 3.19 -4.75
N ALA F 124 -54.85 3.20 -5.22
CA ALA F 124 -55.80 4.16 -4.71
C ALA F 124 -56.00 4.03 -3.20
N ASP F 125 -56.15 2.80 -2.71
CA ASP F 125 -56.37 2.61 -1.29
C ASP F 125 -55.13 3.01 -0.48
N GLN F 126 -53.94 2.70 -1.01
CA GLN F 126 -52.72 3.02 -0.27
C GLN F 126 -52.56 4.53 -0.13
N LEU F 127 -52.75 5.26 -1.22
CA LEU F 127 -52.57 6.71 -1.17
C LEU F 127 -53.63 7.38 -0.32
N LYS F 128 -54.86 6.86 -0.38
CA LYS F 128 -55.97 7.50 0.34
C LYS F 128 -55.92 7.18 1.83
N HIS F 129 -55.89 5.91 2.19
CA HIS F 129 -56.09 5.55 3.59
C HIS F 129 -54.81 5.44 4.39
N VAL F 130 -53.68 5.14 3.76
CA VAL F 130 -52.43 5.06 4.49
C VAL F 130 -51.66 6.37 4.40
N LYS F 131 -51.41 6.83 3.18
CA LYS F 131 -50.64 8.05 3.02
C LYS F 131 -51.46 9.31 3.28
N LYS F 132 -52.78 9.20 3.40
CA LYS F 132 -53.67 10.33 3.68
C LYS F 132 -53.50 11.44 2.66
N MET F 133 -53.32 11.06 1.41
CA MET F 133 -53.11 12.04 0.36
C MET F 133 -54.44 12.72 0.06
N PRO F 134 -54.49 14.06 0.06
CA PRO F 134 -55.78 14.74 -0.18
C PRO F 134 -56.37 14.39 -1.53
N GLU F 135 -57.69 14.50 -1.61
CA GLU F 135 -58.41 14.06 -2.81
C GLU F 135 -57.91 14.77 -4.05
N ASP F 136 -57.72 16.09 -3.99
CA ASP F 136 -57.26 16.80 -5.18
C ASP F 136 -55.90 16.26 -5.64
N ILE F 137 -54.98 16.06 -4.69
CA ILE F 137 -53.68 15.50 -5.07
C ILE F 137 -53.83 14.08 -5.61
N ILE F 138 -54.68 13.25 -4.98
CA ILE F 138 -54.91 11.91 -5.52
C ILE F 138 -55.35 11.99 -6.97
N GLU F 139 -56.28 12.91 -7.27
CA GLU F 139 -56.84 13.03 -8.62
C GLU F 139 -55.74 13.32 -9.63
N ASN F 140 -54.93 14.34 -9.34
CA ASN F 140 -53.79 14.66 -10.19
C ASN F 140 -52.83 13.47 -10.28
N MET F 141 -52.66 12.73 -9.20
CA MET F 141 -51.68 11.66 -9.24
C MET F 141 -52.17 10.51 -10.11
N LEU F 142 -53.48 10.23 -10.09
CA LEU F 142 -53.99 9.01 -10.70
C LEU F 142 -54.81 9.22 -11.97
N LYS F 143 -55.00 10.46 -12.43
CA LYS F 143 -55.69 10.67 -13.69
C LYS F 143 -54.91 10.11 -14.88
N GLU F 144 -55.60 9.95 -16.01
CA GLU F 144 -54.93 9.63 -17.25
C GLU F 144 -53.87 10.69 -17.52
N ASP F 145 -52.65 10.23 -17.81
CA ASP F 145 -51.52 11.11 -18.07
C ASP F 145 -51.21 12.02 -16.89
N GLY F 146 -51.56 11.58 -15.69
CA GLY F 146 -51.21 12.30 -14.47
C GLY F 146 -49.83 11.93 -14.00
N VAL F 147 -49.57 12.22 -12.72
CA VAL F 147 -48.20 12.10 -12.21
C VAL F 147 -47.71 10.65 -12.31
N LEU F 148 -48.51 9.71 -11.81
CA LEU F 148 -48.06 8.32 -11.75
C LEU F 148 -47.88 7.73 -13.14
N GLU F 149 -48.81 7.99 -14.05
CA GLU F 149 -48.68 7.33 -15.34
C GLU F 149 -47.64 8.02 -16.21
N SER F 150 -47.52 9.36 -16.12
CA SER F 150 -46.46 10.05 -16.83
C SER F 150 -45.09 9.54 -16.38
N PHE F 151 -44.94 9.28 -15.08
CA PHE F 151 -43.70 8.71 -14.56
C PHE F 151 -43.54 7.27 -15.03
N GLN F 152 -44.52 6.43 -14.77
CA GLN F 152 -44.37 5.01 -15.05
C GLN F 152 -44.17 4.76 -16.54
N ASP F 153 -44.97 5.42 -17.38
CA ASP F 153 -44.93 5.17 -18.81
C ASP F 153 -43.82 5.96 -19.48
N GLY F 154 -43.98 7.29 -19.54
CA GLY F 154 -43.04 8.10 -20.29
C GLY F 154 -41.65 8.10 -19.72
N ASP F 155 -41.52 8.17 -18.39
CA ASP F 155 -40.19 8.35 -17.81
C ASP F 155 -39.44 7.03 -17.68
N PHE F 156 -40.12 5.99 -17.14
CA PHE F 156 -39.45 4.75 -16.76
C PHE F 156 -39.84 3.55 -17.64
N HIS F 157 -40.75 3.74 -18.60
CA HIS F 157 -41.05 2.72 -19.61
C HIS F 157 -41.57 1.42 -18.99
N LEU F 158 -42.34 1.55 -17.91
CA LEU F 158 -42.80 0.36 -17.18
C LEU F 158 -44.05 -0.25 -17.78
N TYR F 159 -44.68 0.42 -18.75
CA TYR F 159 -45.81 -0.13 -19.49
C TYR F 159 -45.35 -1.05 -20.61
N GLU F 160 -44.04 -1.09 -20.87
CA GLU F 160 -43.52 -1.93 -21.94
C GLU F 160 -43.93 -3.38 -21.75
N SER F 161 -43.98 -3.85 -20.51
CA SER F 161 -44.22 -5.26 -20.23
C SER F 161 -44.54 -5.41 -18.74
N ASP F 162 -45.22 -6.51 -18.41
CA ASP F 162 -45.49 -6.76 -17.00
C ASP F 162 -44.19 -6.96 -16.24
N ARG F 163 -43.17 -7.53 -16.90
CA ARG F 163 -41.91 -7.77 -16.21
C ARG F 163 -41.20 -6.48 -15.87
N ALA F 164 -41.26 -5.49 -16.78
CA ALA F 164 -40.61 -4.22 -16.46
C ALA F 164 -41.27 -3.60 -15.24
N MET F 165 -42.59 -3.67 -15.16
CA MET F 165 -43.30 -3.10 -14.02
C MET F 165 -42.97 -3.87 -12.74
N PHE F 166 -42.91 -5.20 -12.80
CA PHE F 166 -42.61 -5.96 -11.60
C PHE F 166 -41.16 -5.74 -11.17
N ASP F 167 -40.24 -5.65 -12.13
CA ASP F 167 -38.86 -5.46 -11.72
C ASP F 167 -38.65 -4.11 -11.04
N TRP F 168 -39.43 -3.09 -11.42
CA TRP F 168 -39.42 -1.83 -10.68
C TRP F 168 -39.91 -2.02 -9.25
N VAL F 169 -41.02 -2.74 -9.08
CA VAL F 169 -41.49 -3.09 -7.74
C VAL F 169 -40.40 -3.84 -6.99
N SER F 170 -39.75 -4.78 -7.66
CA SER F 170 -38.73 -5.59 -7.02
C SER F 170 -37.58 -4.72 -6.53
N LYS F 171 -37.18 -3.70 -7.31
CA LYS F 171 -36.15 -2.78 -6.81
C LYS F 171 -36.52 -2.19 -5.46
N GLN F 172 -37.79 -1.78 -5.28
CA GLN F 172 -38.23 -1.27 -3.98
C GLN F 172 -38.05 -2.29 -2.86
N THR F 173 -38.38 -3.57 -3.12
CA THR F 173 -38.19 -4.60 -2.10
C THR F 173 -36.72 -4.78 -1.72
N TYR F 174 -35.75 -4.43 -2.60
CA TYR F 174 -34.35 -4.54 -2.23
C TYR F 174 -33.95 -3.48 -1.20
N ILE F 175 -34.67 -2.36 -1.16
CA ILE F 175 -34.44 -1.38 -0.09
C ILE F 175 -34.81 -2.00 1.25
N ALA F 176 -35.99 -2.64 1.29
CA ALA F 176 -36.38 -3.29 2.52
C ALA F 176 -35.43 -4.42 2.88
N LEU F 177 -35.01 -5.22 1.90
CA LEU F 177 -34.03 -6.27 2.16
C LEU F 177 -32.77 -5.72 2.83
N ALA F 178 -32.20 -4.68 2.24
CA ALA F 178 -30.99 -4.07 2.78
C ALA F 178 -31.17 -3.61 4.20
N ASN F 179 -32.27 -2.94 4.48
CA ASN F 179 -32.50 -2.38 5.79
C ASN F 179 -32.74 -3.46 6.84
N MET F 180 -33.40 -4.57 6.46
CA MET F 180 -33.55 -5.68 7.40
C MET F 180 -32.19 -6.28 7.74
N MET F 181 -31.31 -6.43 6.74
CA MET F 181 -30.01 -7.02 7.00
C MET F 181 -29.16 -6.11 7.88
N THR F 182 -29.21 -4.81 7.62
CA THR F 182 -28.41 -3.87 8.40
C THR F 182 -28.93 -3.76 9.83
N ALA F 183 -30.26 -3.66 9.98
CA ALA F 183 -30.86 -3.65 11.31
C ALA F 183 -30.44 -4.87 12.11
N ALA F 184 -30.52 -6.06 11.50
CA ALA F 184 -30.08 -7.27 12.18
C ALA F 184 -28.62 -7.16 12.59
N ALA F 185 -27.77 -6.73 11.67
CA ALA F 185 -26.35 -6.69 11.97
C ALA F 185 -26.06 -5.73 13.12
N LEU F 186 -26.76 -4.59 13.14
CA LEU F 186 -26.56 -3.62 14.20
C LEU F 186 -26.82 -4.20 15.59
N ILE F 187 -27.58 -5.28 15.70
CA ILE F 187 -27.82 -5.92 16.99
C ILE F 187 -27.23 -7.34 17.02
N GLY F 188 -26.20 -7.58 16.19
CA GLY F 188 -25.43 -8.80 16.35
C GLY F 188 -26.04 -10.01 15.73
N ILE F 189 -26.99 -9.84 14.82
CA ILE F 189 -27.70 -10.95 14.19
C ILE F 189 -27.24 -11.07 12.74
N ASP F 190 -26.93 -12.29 12.33
CA ASP F 190 -26.50 -12.58 10.98
C ASP F 190 -27.67 -12.78 10.01
N SER F 191 -27.37 -12.65 8.73
CA SER F 191 -28.36 -12.77 7.68
C SER F 191 -27.67 -13.30 6.44
N CYS F 192 -28.50 -13.65 5.47
CA CYS F 192 -28.01 -13.89 4.11
C CYS F 192 -29.07 -13.55 3.08
N PRO F 193 -28.79 -12.62 2.16
CA PRO F 193 -29.73 -12.39 1.04
C PRO F 193 -29.60 -13.51 0.03
N ILE F 194 -30.71 -13.84 -0.65
CA ILE F 194 -30.79 -15.06 -1.46
C ILE F 194 -31.58 -14.81 -2.74
N GLU F 195 -30.89 -14.84 -3.88
CA GLU F 195 -31.48 -14.87 -5.19
C GLU F 195 -31.34 -16.24 -5.86
N GLY F 196 -30.55 -17.12 -5.27
CA GLY F 196 -30.17 -18.39 -5.88
C GLY F 196 -31.30 -19.41 -5.90
N PHE F 197 -32.32 -19.11 -6.67
CA PHE F 197 -33.43 -20.03 -6.79
C PHE F 197 -34.02 -19.96 -8.19
N ASN F 198 -34.61 -21.08 -8.60
CA ASN F 198 -35.32 -21.09 -9.86
C ASN F 198 -36.62 -20.32 -9.73
N TYR F 199 -36.73 -19.22 -10.46
CA TYR F 199 -37.89 -18.36 -10.31
C TYR F 199 -39.18 -19.11 -10.61
N ASP F 200 -39.20 -19.84 -11.73
CA ASP F 200 -40.43 -20.47 -12.16
C ASP F 200 -40.91 -21.49 -11.13
N LYS F 201 -39.99 -22.30 -10.60
CA LYS F 201 -40.41 -23.35 -9.67
C LYS F 201 -40.85 -22.77 -8.33
N VAL F 202 -40.14 -21.76 -7.83
CA VAL F 202 -40.53 -21.11 -6.58
C VAL F 202 -41.88 -20.44 -6.75
N HIS F 203 -42.09 -19.78 -7.89
CA HIS F 203 -43.38 -19.18 -8.16
C HIS F 203 -44.50 -20.21 -8.04
N ASP F 204 -44.36 -21.33 -8.77
CA ASP F 204 -45.37 -22.38 -8.72
C ASP F 204 -45.61 -22.87 -7.29
N ILE F 205 -44.55 -23.14 -6.54
CA ILE F 205 -44.72 -23.56 -5.16
C ILE F 205 -45.55 -22.53 -4.39
N LEU F 206 -45.17 -21.25 -4.49
CA LEU F 206 -45.85 -20.23 -3.70
C LEU F 206 -47.28 -20.01 -4.17
N GLU F 207 -47.51 -20.08 -5.49
CA GLU F 207 -48.86 -19.96 -6.02
C GLU F 207 -49.74 -21.06 -5.42
N LYS F 208 -49.22 -22.30 -5.41
CA LYS F 208 -50.04 -23.40 -4.91
C LYS F 208 -50.34 -23.26 -3.42
N GLU F 209 -49.37 -22.75 -2.64
CA GLU F 209 -49.51 -22.59 -1.20
C GLU F 209 -50.45 -21.45 -0.80
N GLY F 210 -50.92 -20.65 -1.76
CA GLY F 210 -51.76 -19.51 -1.47
C GLY F 210 -51.03 -18.23 -1.11
N VAL F 211 -49.70 -18.26 -1.09
CA VAL F 211 -48.88 -17.15 -0.63
C VAL F 211 -48.94 -15.96 -1.57
N LEU F 212 -49.25 -16.17 -2.85
CA LEU F 212 -49.29 -15.06 -3.79
C LEU F 212 -50.65 -14.36 -3.87
N GLU F 213 -51.63 -14.79 -3.07
CA GLU F 213 -52.91 -14.08 -2.90
C GLU F 213 -53.57 -13.74 -4.23
N ASP F 214 -53.87 -14.79 -5.00
CA ASP F 214 -54.68 -14.63 -6.21
C ASP F 214 -53.98 -13.72 -7.22
N GLY F 215 -52.68 -13.94 -7.40
CA GLY F 215 -51.93 -13.15 -8.34
C GLY F 215 -51.66 -11.71 -7.94
N ARG F 216 -51.87 -11.34 -6.68
CA ARG F 216 -51.55 -10.00 -6.22
C ARG F 216 -50.06 -9.83 -5.96
N PHE F 217 -49.35 -10.91 -5.69
CA PHE F 217 -47.94 -10.85 -5.33
C PHE F 217 -47.14 -11.82 -6.19
N ASP F 218 -45.84 -11.59 -6.31
CA ASP F 218 -44.91 -12.58 -6.85
C ASP F 218 -43.61 -12.50 -6.07
N ILE F 219 -42.79 -13.55 -6.19
CA ILE F 219 -41.54 -13.60 -5.42
C ILE F 219 -40.56 -12.60 -6.00
N SER F 220 -39.89 -11.86 -5.12
CA SER F 220 -38.80 -10.96 -5.50
C SER F 220 -37.43 -11.47 -5.07
N VAL F 221 -37.22 -11.70 -3.77
CA VAL F 221 -35.94 -12.10 -3.23
C VAL F 221 -36.20 -12.72 -1.86
N MET F 222 -35.27 -13.50 -1.37
CA MET F 222 -35.37 -14.14 -0.07
C MET F 222 -34.28 -13.67 0.88
N ALA F 223 -34.48 -13.96 2.17
CA ALA F 223 -33.49 -13.55 3.17
C ALA F 223 -33.59 -14.46 4.37
N ALA F 224 -32.44 -14.98 4.77
CA ALA F 224 -32.29 -15.79 5.97
C ALA F 224 -31.69 -14.96 7.10
N PHE F 225 -32.08 -15.31 8.34
CA PHE F 225 -31.59 -14.66 9.54
C PHE F 225 -31.30 -15.69 10.61
N GLY F 226 -30.26 -15.42 11.40
CA GLY F 226 -29.83 -16.34 12.43
C GLY F 226 -28.52 -15.91 13.02
N TYR F 227 -27.88 -16.85 13.72
CA TYR F 227 -26.57 -16.67 14.29
C TYR F 227 -25.57 -17.57 13.58
N ARG F 228 -24.41 -17.01 13.28
CA ARG F 228 -23.39 -17.77 12.55
C ARG F 228 -22.91 -18.95 13.39
N VAL F 229 -22.41 -19.98 12.69
CA VAL F 229 -21.73 -21.10 13.32
C VAL F 229 -20.22 -21.06 13.10
N LYS F 230 -19.75 -20.33 12.12
CA LYS F 230 -18.36 -20.30 11.68
C LYS F 230 -18.05 -18.84 11.42
N GLU F 231 -16.83 -18.40 11.77
CA GLU F 231 -16.42 -17.02 11.44
C GLU F 231 -16.07 -16.91 9.96
N PRO F 232 -16.49 -15.82 9.30
CA PRO F 232 -16.24 -15.68 7.86
C PRO F 232 -14.82 -15.24 7.56
N ARG F 233 -14.41 -15.47 6.31
CA ARG F 233 -13.15 -14.95 5.80
C ARG F 233 -13.24 -13.43 5.69
N PRO F 234 -12.10 -12.77 5.53
CA PRO F 234 -12.12 -11.30 5.44
C PRO F 234 -12.98 -10.82 4.28
N LYS F 235 -13.76 -9.77 4.52
CA LYS F 235 -14.60 -9.20 3.50
C LYS F 235 -13.76 -8.55 2.42
N THR F 236 -14.24 -8.63 1.18
CA THR F 236 -13.57 -8.02 0.03
C THR F 236 -14.53 -7.13 -0.75
N ARG F 237 -14.05 -5.94 -1.10
CA ARG F 237 -14.80 -5.01 -1.90
C ARG F 237 -13.84 -4.28 -2.82
N ARG F 238 -14.39 -3.75 -3.91
CA ARG F 238 -13.67 -2.76 -4.71
C ARG F 238 -13.33 -1.55 -3.86
N ALA F 239 -12.25 -0.86 -4.22
CA ALA F 239 -11.79 0.28 -3.46
C ALA F 239 -12.70 1.48 -3.73
N LEU F 240 -12.71 2.40 -2.78
CA LEU F 240 -13.51 3.61 -2.94
C LEU F 240 -13.08 4.40 -4.17
N ASP F 241 -11.78 4.46 -4.46
CA ASP F 241 -11.36 5.23 -5.65
C ASP F 241 -11.60 4.49 -6.95
N GLN F 242 -12.15 3.28 -6.92
CA GLN F 242 -12.61 2.63 -8.12
C GLN F 242 -14.08 2.86 -8.38
N ILE F 243 -14.89 2.89 -7.32
CA ILE F 243 -16.33 2.95 -7.51
C ILE F 243 -16.92 4.35 -7.40
N VAL F 244 -16.18 5.33 -6.90
CA VAL F 244 -16.70 6.67 -6.71
C VAL F 244 -16.04 7.60 -7.71
N LYS F 245 -16.86 8.38 -8.40
CA LYS F 245 -16.37 9.43 -9.29
C LYS F 245 -16.98 10.76 -8.86
N TRP F 246 -16.22 11.84 -9.01
CA TRP F 246 -16.68 13.18 -8.65
C TRP F 246 -16.76 14.04 -9.90
N VAL F 247 -17.88 14.77 -10.04
CA VAL F 247 -18.06 15.78 -11.07
C VAL F 247 -18.22 17.13 -10.37
N GLU F 248 -17.16 17.92 -10.33
CA GLU F 248 -17.17 19.12 -9.50
C GLU F 248 -17.26 20.40 -10.30
N1 FMN G . 30.23 -10.11 -25.53
C2 FMN G . 29.62 -11.10 -26.21
O2 FMN G . 30.03 -12.29 -26.08
N3 FMN G . 28.56 -10.89 -27.02
C4 FMN G . 28.02 -9.67 -27.21
O4 FMN G . 27.02 -9.50 -27.97
C4A FMN G . 28.62 -8.54 -26.51
N5 FMN G . 28.12 -7.27 -26.62
C5A FMN G . 28.50 -6.32 -25.73
C6 FMN G . 27.80 -5.13 -25.59
C7 FMN G . 28.19 -4.17 -24.64
C7M FMN G . 27.41 -2.89 -24.45
C8 FMN G . 29.36 -4.41 -23.81
C8M FMN G . 29.75 -3.34 -22.81
C9 FMN G . 30.11 -5.58 -23.98
C9A FMN G . 29.71 -6.54 -24.91
N10 FMN G . 30.39 -7.77 -25.01
C10 FMN G . 29.80 -8.84 -25.66
C1' FMN G . 31.56 -8.05 -24.16
C2' FMN G . 32.80 -7.26 -24.52
O2' FMN G . 33.50 -7.88 -25.58
C3' FMN G . 33.66 -7.23 -23.26
O3' FMN G . 32.96 -6.56 -22.20
C4' FMN G . 34.97 -6.47 -23.39
O4' FMN G . 35.77 -7.09 -24.39
C5' FMN G . 35.77 -6.39 -22.07
O5' FMN G . 35.99 -7.70 -21.52
P FMN G . 35.39 -8.07 -20.06
O1P FMN G . 33.95 -7.65 -19.95
O2P FMN G . 35.60 -9.54 -20.03
O3P FMN G . 36.26 -7.40 -19.02
HN3 FMN G . 28.15 -11.70 -27.52
H6 FMN G . 26.94 -4.94 -26.22
HM71 FMN G . 27.13 -2.79 -23.43
HM72 FMN G . 26.55 -2.90 -25.06
HM73 FMN G . 28.02 -2.06 -24.72
HM81 FMN G . 30.11 -2.49 -23.33
HM82 FMN G . 30.53 -3.71 -22.18
HM83 FMN G . 28.91 -3.07 -22.22
H9 FMN G . 31.01 -5.74 -23.38
H1'1 FMN G . 31.30 -7.84 -23.12
H1'2 FMN G . 31.79 -9.12 -24.23
H2' FMN G . 32.55 -6.24 -24.86
HO2' FMN G . 33.38 -8.84 -25.53
H3' FMN G . 33.88 -8.29 -23.06
HO3' FMN G . 32.55 -7.23 -21.61
H4' FMN G . 34.70 -5.44 -23.66
HO4' FMN G . 35.78 -8.04 -24.26
H5'1 FMN G . 36.73 -5.91 -22.26
H5'2 FMN G . 35.22 -5.78 -21.35
C1 PEG H . 2.87 5.79 -21.01
O1 PEG H . 2.53 6.16 -22.34
C2 PEG H . 2.68 4.32 -20.75
O2 PEG H . 3.10 4.00 -19.44
C3 PEG H . 3.34 2.60 -19.26
C4 PEG H . 4.06 2.40 -17.95
O4 PEG H . 3.24 1.81 -16.95
H11 PEG H . 2.32 6.29 -20.40
H12 PEG H . 3.81 6.01 -20.87
HO1 PEG H . 2.95 5.73 -22.96
H21 PEG H . 3.21 3.81 -21.40
H22 PEG H . 1.74 4.10 -20.86
H31 PEG H . 3.87 2.27 -19.99
H32 PEG H . 2.49 2.13 -19.23
H41 PEG H . 4.37 3.26 -17.63
H42 PEG H . 4.83 1.82 -18.11
HO4 PEG H . 3.67 1.44 -16.33
C1 EDO I . 33.65 -11.19 -6.58
O1 EDO I . 32.74 -10.38 -5.83
C2 EDO I . 33.98 -12.46 -5.80
O2 EDO I . 32.76 -13.08 -5.35
H11 EDO I . 34.57 -10.62 -6.77
H12 EDO I . 33.21 -11.44 -7.55
HO1 EDO I . 32.48 -9.61 -6.36
H21 EDO I . 34.62 -12.22 -4.95
H22 EDO I . 34.53 -13.16 -6.45
HO2 EDO I . 32.01 -12.70 -5.84
C1 EDO J . 47.26 14.35 -10.42
O1 EDO J . 48.26 14.81 -9.51
C2 EDO J . 47.97 13.61 -11.55
O2 EDO J . 48.52 14.56 -12.47
H11 EDO J . 46.70 15.20 -10.83
H12 EDO J . 46.56 13.69 -9.91
HO1 EDO J . 48.56 15.69 -9.78
H21 EDO J . 47.26 12.96 -12.07
H22 EDO J . 48.76 12.98 -11.15
HO2 EDO J . 47.81 15.07 -12.87
C1 EDO K . 43.47 -5.23 -15.99
O1 EDO K . 43.24 -5.95 -14.77
C2 EDO K . 44.97 -5.12 -16.27
O2 EDO K . 45.61 -4.28 -15.29
H11 EDO K . 43.04 -4.22 -15.92
H12 EDO K . 42.98 -5.74 -16.82
HO1 EDO K . 44.06 -5.99 -14.27
H21 EDO K . 45.13 -4.70 -17.26
H22 EDO K . 45.41 -6.11 -16.24
HO2 EDO K . 45.06 -4.25 -14.49
C ACT L . 19.30 16.80 -16.16
O ACT L . 19.73 16.80 -17.37
OXT ACT L . 18.90 15.81 -15.44
CH3 ACT L . 19.26 18.19 -15.44
H1 ACT L . 19.91 18.78 -15.86
H2 ACT L . 19.48 18.08 -14.50
H3 ACT L . 18.38 18.58 -15.52
C1 EDO M . 24.76 15.20 -27.39
O1 EDO M . 23.58 14.56 -27.94
C2 EDO M . 25.88 14.21 -27.03
O2 EDO M . 27.02 14.92 -26.50
H11 EDO M . 24.47 15.76 -26.49
H12 EDO M . 25.15 15.92 -28.11
HO1 EDO M . 22.94 15.24 -28.19
H21 EDO M . 26.16 13.65 -27.92
H22 EDO M . 25.51 13.50 -26.29
HO2 EDO M . 27.72 14.29 -26.26
C1 GOL N . 32.62 -8.93 -28.74
O1 GOL N . 32.60 -10.24 -28.13
C2 GOL N . 31.19 -8.33 -28.47
O2 GOL N . 31.19 -6.99 -27.98
C3 GOL N . 30.35 -8.35 -29.73
O3 GOL N . 29.57 -7.12 -29.72
H11 GOL N . 32.79 -8.96 -29.69
H12 GOL N . 33.29 -8.35 -28.37
HO1 GOL N . 31.97 -10.69 -28.53
H2 GOL N . 30.83 -8.94 -27.79
HO2 GOL N . 30.40 -6.67 -28.04
H31 GOL N . 29.81 -9.15 -29.73
H32 GOL N . 30.94 -8.42 -30.50
HO3 GOL N . 30.11 -6.48 -29.81
N1 FMN O . 21.49 16.56 -12.53
C2 FMN O . 21.92 17.85 -12.56
O2 FMN O . 21.79 18.54 -11.51
N3 FMN O . 22.50 18.39 -13.64
C4 FMN O . 22.64 17.73 -14.79
O4 FMN O . 23.18 18.26 -15.78
C4A FMN O . 22.22 16.32 -14.84
N5 FMN O . 22.33 15.56 -15.93
C5A FMN O . 22.21 14.22 -15.80
C6 FMN O . 22.67 13.39 -16.81
C7 FMN O . 22.60 12.01 -16.67
C7M FMN O . 23.10 11.08 -17.75
C8 FMN O . 21.96 11.43 -15.49
C8M FMN O . 21.88 9.93 -15.37
C9 FMN O . 21.46 12.26 -14.49
C9A FMN O . 21.58 13.63 -14.61
N10 FMN O . 21.17 14.46 -13.58
C10 FMN O . 21.58 15.79 -13.62
C1' FMN O . 20.58 13.93 -12.37
C2' FMN O . 19.19 13.34 -12.52
O2' FMN O . 18.24 14.40 -12.46
C3' FMN O . 18.96 12.35 -11.37
O3' FMN O . 19.97 11.34 -11.44
C4' FMN O . 17.60 11.65 -11.37
O4' FMN O . 16.59 12.66 -11.26
C5' FMN O . 17.45 10.62 -10.28
O5' FMN O . 17.84 11.19 -9.02
P FMN O . 19.03 10.63 -8.10
O1P FMN O . 20.24 10.52 -9.00
O2P FMN O . 19.16 11.74 -7.10
O3P FMN O . 18.56 9.28 -7.57
HN3 FMN O . 22.83 19.36 -13.59
H6 FMN O . 23.10 13.82 -17.70
HM71 FMN O . 23.77 10.37 -17.33
HM72 FMN O . 23.60 11.63 -18.50
HM73 FMN O . 22.28 10.57 -18.19
HM81 FMN O . 21.28 9.55 -16.16
HM82 FMN O . 21.44 9.67 -14.45
HM83 FMN O . 22.86 9.52 -15.43
H9 FMN O . 21.00 11.83 -13.61
H1'1 FMN O . 21.23 13.16 -11.99
H1'2 FMN O . 20.53 14.74 -11.65
H2' FMN O . 19.07 12.82 -13.47
HO2' FMN O . 18.01 14.58 -11.54
H3' FMN O . 19.01 12.96 -10.44
HO3' FMN O . 19.69 10.67 -12.09
H4' FMN O . 17.50 11.11 -12.32
HO4' FMN O . 16.31 12.73 -10.35
H5'1 FMN O . 16.42 10.28 -10.23
H5'2 FMN O . 18.08 9.76 -10.50
C1 PEG P . 45.05 7.02 -32.70
O1 PEG P . 44.03 7.84 -33.28
C2 PEG P . 44.79 6.65 -31.24
O2 PEG P . 45.20 7.65 -30.30
C3 PEG P . 46.05 7.11 -29.31
C4 PEG P . 45.68 7.62 -27.95
O4 PEG P . 45.95 6.65 -26.95
H11 PEG P . 45.88 7.49 -32.75
H12 PEG P . 45.10 6.19 -33.21
HO1 PEG P . 43.49 8.16 -32.71
H21 PEG P . 43.84 6.49 -31.13
H22 PEG P . 45.29 5.83 -31.05
H31 PEG P . 46.96 7.37 -29.51
H32 PEG P . 45.97 6.15 -29.32
H41 PEG P . 44.73 7.83 -27.94
H42 PEG P . 46.19 8.42 -27.76
HO4 PEG P . 45.65 6.85 -26.18
C1 EDO Q . 26.98 4.36 1.81
O1 EDO Q . 27.63 3.51 0.85
C2 EDO Q . 28.10 5.26 2.33
O2 EDO Q . 28.12 5.20 3.76
H11 EDO Q . 26.54 3.77 2.61
H12 EDO Q . 26.20 4.94 1.33
HO1 EDO Q . 27.39 3.79 -0.04
H21 EDO Q . 27.95 6.28 2.01
H22 EDO Q . 29.07 4.92 1.94
HO2 EDO Q . 28.82 4.59 4.05
C1 EDO R . 20.65 0.27 -30.99
O1 EDO R . 19.51 -0.49 -30.52
C2 EDO R . 20.94 -0.01 -32.46
O2 EDO R . 21.98 0.88 -32.98
H11 EDO R . 21.53 0.03 -30.40
H12 EDO R . 20.45 1.34 -30.86
HO1 EDO R . 19.49 -0.48 -29.55
H21 EDO R . 20.04 0.14 -33.05
H22 EDO R . 21.26 -1.04 -32.58
HO2 EDO R . 22.37 0.51 -33.80
C1 EDO S . 20.91 0.66 7.18
O1 EDO S . 20.57 -0.35 6.21
C2 EDO S . 19.71 1.57 7.39
O2 EDO S . 19.04 1.71 6.12
H11 EDO S . 21.76 1.24 6.83
H12 EDO S . 21.19 0.19 8.12
HO1 EDO S . 21.30 -0.98 6.12
H21 EDO S . 20.03 2.54 7.76
H22 EDO S . 19.03 1.14 8.13
HO2 EDO S . 19.44 1.12 5.47
S SO4 T . 52.73 -6.98 -33.47
O1 SO4 T . 53.08 -6.80 -32.06
O2 SO4 T . 53.73 -6.29 -34.30
O3 SO4 T . 52.75 -8.41 -33.79
O4 SO4 T . 51.41 -6.43 -33.74
C1 EDO U . 12.38 4.22 -4.45
O1 EDO U . 11.80 3.14 -3.71
C2 EDO U . 13.85 4.29 -4.07
O2 EDO U . 13.93 4.58 -2.67
H11 EDO U . 11.88 5.15 -4.21
H12 EDO U . 12.28 4.04 -5.52
HO1 EDO U . 12.47 2.74 -3.13
H21 EDO U . 14.35 5.07 -4.64
H22 EDO U . 14.35 3.34 -4.28
HO2 EDO U . 14.75 5.07 -2.49
N1 FMN V . 14.63 11.84 19.70
C2 FMN V . 14.54 13.09 20.17
O2 FMN V . 14.92 14.01 19.43
N3 FMN V . 14.06 13.32 21.44
C4 FMN V . 13.65 12.35 22.27
O4 FMN V . 13.20 12.54 23.44
C4A FMN V . 13.69 10.96 21.79
N5 FMN V . 13.29 9.96 22.56
C5A FMN V . 13.02 8.75 22.02
C6 FMN V . 12.24 7.79 22.66
C7 FMN V . 11.96 6.55 22.07
C7M FMN V . 11.12 5.51 22.73
C8 FMN V . 12.50 6.30 20.68
C8M FMN V . 12.15 4.96 20.09
C9 FMN V . 13.28 7.25 20.05
C9A FMN V . 13.57 8.48 20.65
N10 FMN V . 14.30 9.47 19.97
C10 FMN V . 14.25 10.78 20.42
C1' FMN V . 14.84 9.24 18.64
C2' FMN V . 15.96 8.18 18.55
O2' FMN V . 17.14 8.84 18.88
C3' FMN V . 15.93 7.62 17.14
O3' FMN V . 14.69 6.95 16.90
C4' FMN V . 16.99 6.54 16.88
O4' FMN V . 18.23 7.22 17.07
C5' FMN V . 16.84 5.98 15.48
O5' FMN V . 16.84 7.03 14.53
P FMN V . 15.60 7.22 13.46
O1P FMN V . 14.37 7.10 14.32
O2P FMN V . 15.88 8.58 12.89
O3P FMN V . 15.64 6.02 12.53
HN3 FMN V . 14.03 14.31 21.78
H6 FMN V . 11.84 8.01 23.65
HM71 FMN V . 10.29 5.28 22.12
HM72 FMN V . 10.77 5.88 23.67
HM73 FMN V . 11.69 4.64 22.90
HM81 FMN V . 12.49 4.18 20.73
HM82 FMN V . 12.62 4.86 19.15
HM83 FMN V . 11.10 4.89 19.98
H9 FMN V . 13.68 7.04 19.08
H1'1 FMN V . 14.03 8.95 17.98
H1'2 FMN V . 15.24 10.19 18.27
H2' FMN V . 15.84 7.33 19.24
HO2' FMN V . 17.22 9.64 18.34
H3' FMN V . 16.10 8.49 16.50
HO3' FMN V . 14.06 7.57 16.50
H4' FMN V . 16.92 5.67 17.56
HO4' FMN V . 18.19 8.09 16.67
H5'1 FMN V . 17.67 5.29 15.26
H5'2 FMN V . 15.91 5.41 15.40
C1 GOL W . -12.95 4.23 33.42
O1 GOL W . -11.95 3.69 34.27
C2 GOL W . -12.47 5.64 33.03
O2 GOL W . -11.38 6.02 33.79
C3 GOL W . -12.19 5.56 31.50
O3 GOL W . -11.21 6.54 31.17
H11 GOL W . -13.82 4.29 33.85
H12 GOL W . -13.08 3.70 32.61
HO1 GOL W . -12.28 2.98 34.61
H2 GOL W . -13.14 6.33 33.19
HO2 GOL W . -10.68 5.79 33.39
H31 GOL W . -13.02 5.68 31.03
H32 GOL W . -11.91 4.66 31.29
HO3 GOL W . -11.03 6.95 31.89
C ACT X . 6.45 7.32 1.83
O ACT X . 5.86 6.67 2.75
OXT ACT X . 7.39 6.93 1.04
CH3 ACT X . 6.00 8.79 1.61
H1 ACT X . 5.14 8.93 2.04
H2 ACT X . 5.92 8.98 0.66
H3 ACT X . 6.65 9.40 2.01
C ACT Y . -2.16 -12.93 27.06
O ACT Y . -1.23 -12.91 27.95
OXT ACT Y . -2.69 -11.96 26.41
CH3 ACT Y . -2.66 -14.34 26.67
H1 ACT Y . -3.13 -14.30 25.82
H2 ACT Y . -3.27 -14.67 27.36
H3 ACT Y . -1.91 -14.95 26.59
C1 GOL Z . 16.40 10.71 23.94
O1 GOL Z . 16.07 9.47 24.47
C2 GOL Z . 17.23 10.44 22.72
O2 GOL Z . 16.72 9.39 21.99
C3 GOL Z . 17.29 11.80 21.97
O3 GOL Z . 18.13 11.64 20.80
H11 GOL Z . 16.91 11.26 24.56
H12 GOL Z . 15.62 11.24 23.69
HO1 GOL Z . 16.41 8.89 23.98
H2 GOL Z . 18.13 10.17 22.93
HO2 GOL Z . 15.90 9.30 22.18
H31 GOL Z . 17.60 12.47 22.59
H32 GOL Z . 16.38 12.06 21.74
HO3 GOL Z . 18.23 10.81 20.67
N1 FMN AA . -2.15 -14.02 23.11
C2 FMN AA . -1.86 -15.32 23.38
O2 FMN AA . -2.56 -16.19 22.82
N3 FMN AA . -0.80 -15.68 24.16
C4 FMN AA . 0.01 -14.82 24.76
O4 FMN AA . 0.94 -15.19 25.53
C4A FMN AA . -0.22 -13.40 24.49
N5 FMN AA . 0.54 -12.44 25.04
C5A FMN AA . 0.53 -11.20 24.51
C6 FMN AA . 1.53 -10.29 24.81
C7 FMN AA . 1.51 -9.00 24.28
C7M FMN AA . 2.58 -7.98 24.54
C8 FMN AA . 0.37 -8.61 23.41
C8M FMN AA . 0.34 -7.21 22.84
C9 FMN AA . -0.65 -9.51 23.15
C9A FMN AA . -0.64 -10.79 23.68
N10 FMN AA . -1.64 -11.72 23.36
C10 FMN AA . -1.41 -13.06 23.66
C1' FMN AA . -2.82 -11.38 22.57
C2' FMN AA . -3.80 -10.38 23.19
O2' FMN AA . -4.70 -11.09 24.06
C3' FMN AA . -4.52 -9.71 22.04
O3' FMN AA . -3.57 -8.99 21.21
C4' FMN AA . -5.56 -8.68 22.42
O4' FMN AA . -6.53 -9.40 23.19
C5' FMN AA . -6.22 -7.97 21.23
O5' FMN AA . -6.71 -8.93 20.30
P FMN AA . -6.13 -8.91 18.79
O1P FMN AA . -4.62 -8.86 18.96
O2P FMN AA . -6.68 -10.21 18.27
O3P FMN AA . -6.66 -7.70 18.04
HN3 FMN AA . -0.63 -16.70 24.30
H6 FMN AA . 2.35 -10.59 25.45
HM71 FMN AA . 3.01 -7.68 23.62
HM72 FMN AA . 3.34 -8.41 25.16
HM73 FMN AA . 2.17 -7.14 25.03
HM81 FMN AA . 0.33 -6.50 23.64
HM82 FMN AA . -0.52 -7.09 22.23
HM83 FMN AA . 1.21 -7.05 22.25
H9 FMN AA . -1.48 -9.21 22.53
H1'1 FMN AA . -2.48 -10.99 21.61
H1'2 FMN AA . -3.37 -12.31 22.38
H2' FMN AA . -3.28 -9.63 23.81
HO2' FMN AA . -5.08 -11.85 23.57
H3' FMN AA . -5.03 -10.53 21.54
HO3' FMN AA . -3.35 -8.15 21.62
H4' FMN AA . -5.08 -7.85 22.98
HO4' FMN AA . -7.38 -9.39 22.72
H5'1 FMN AA . -7.05 -7.36 21.59
H5'2 FMN AA . -5.50 -7.32 20.75
C1 PEG BA . 28.79 -6.30 23.14
O1 PEG BA . 29.07 -6.46 24.53
C2 PEG BA . 28.39 -7.60 22.52
O2 PEG BA . 28.13 -7.45 21.13
C3 PEG BA . 27.34 -8.52 20.62
C4 PEG BA . 26.90 -8.23 19.22
O4 PEG BA . 27.69 -7.22 18.61
H11 PEG BA . 29.58 -5.97 22.70
H12 PEG BA . 28.07 -5.66 23.04
HO1 PEG BA . 28.37 -6.51 25.03
H21 PEG BA . 27.58 -7.94 22.95
H22 PEG BA . 29.11 -8.25 22.64
H31 PEG BA . 26.56 -8.63 21.19
H32 PEG BA . 27.86 -9.33 20.64
H41 PEG BA . 25.98 -7.94 19.24
H42 PEG BA . 26.98 -9.04 18.69
HO4 PEG BA . 27.29 -6.79 18.00
N1 FMN CA . -39.39 11.56 -3.62
C2 FMN CA . -39.18 12.66 -4.36
O2 FMN CA . -39.40 13.79 -3.85
N3 FMN CA . -38.73 12.60 -5.63
C4 FMN CA . -38.46 11.44 -6.24
O4 FMN CA . -38.07 11.46 -7.43
C4A FMN CA . -38.62 10.20 -5.49
N5 FMN CA . -38.34 9.01 -6.02
C5A FMN CA . -38.15 7.96 -5.19
C6 FMN CA . -37.48 6.81 -5.64
C7 FMN CA . -37.33 5.74 -4.76
C7M FMN CA . -36.63 4.49 -5.19
C8 FMN CA . -37.86 5.83 -3.39
C8M FMN CA . -37.64 4.65 -2.49
C9 FMN CA . -38.52 6.96 -2.96
C9A FMN CA . -38.68 8.04 -3.82
N10 FMN CA . -39.29 9.21 -3.35
C10 FMN CA . -39.15 10.33 -4.12
C1' FMN CA . -39.78 9.30 -1.97
C2' FMN CA . -41.01 8.46 -1.63
O2' FMN CA . -42.16 9.16 -2.15
C3' FMN CA . -41.03 8.27 -0.13
O3' FMN CA . -39.89 7.49 0.22
C4' FMN CA . -42.24 7.49 0.37
O4' FMN CA . -43.37 8.32 0.09
C5' FMN CA . -42.11 7.19 1.85
O5' FMN CA . -41.92 8.40 2.57
P FMN CA . -40.64 8.62 3.54
O1P FMN CA . -39.43 8.19 2.73
O2P FMN CA . -40.73 10.12 3.86
O3P FMN CA . -40.81 7.77 4.78
HN3 FMN CA . -38.58 13.49 -6.15
H6 FMN CA . -37.08 6.76 -6.64
HM71 FMN CA . -35.76 4.34 -4.60
HM72 FMN CA . -36.35 4.55 -6.21
HM73 FMN CA . -37.27 3.66 -5.05
HM81 FMN CA . -38.11 3.80 -2.90
HM82 FMN CA . -38.06 4.85 -1.54
HM83 FMN CA . -36.60 4.46 -2.39
H9 FMN CA . -38.92 7.00 -1.95
H1'1 FMN CA . -38.97 9.00 -1.30
H1'2 FMN CA . -40.02 10.35 -1.76
H2' FMN CA . -41.01 7.45 -2.07
HO2' FMN CA . -42.11 10.09 -1.88
H3' FMN CA . -41.04 9.28 0.31
HO3' FMN CA . -39.16 8.08 0.48
H4' FMN CA . -42.35 6.52 -0.12
HO4' FMN CA . -43.16 9.24 0.34
H5'1 FMN CA . -43.01 6.69 2.21
H5'2 FMN CA . -41.26 6.53 2.02
C1 PGE DA . -11.87 -0.26 -12.02
O1 PGE DA . -11.65 -1.65 -12.20
C2 PGE DA . -12.43 0.32 -13.30
O2 PGE DA . -13.71 -0.23 -13.53
C3 PGE DA . -13.62 -1.29 -14.46
C4 PGE DA . -13.87 -0.78 -15.86
O4 PGE DA . -15.43 -3.24 -18.58
C6 PGE DA . -14.36 -3.86 -17.88
C5 PGE DA . -13.90 -3.02 -16.70
O3 PGE DA . -14.57 -1.76 -16.63
H1 PGE DA . -10.94 0.28 -11.77
H12 PGE DA . -12.60 -0.06 -11.21
HO1 PGE DA . -12.48 -2.07 -12.42
H2 PGE DA . -12.47 1.41 -13.22
H22 PGE DA . -11.74 0.07 -14.13
H3 PGE DA . -14.36 -2.07 -14.23
H32 PGE DA . -12.62 -1.76 -14.44
H4 PGE DA . -12.91 -0.53 -16.34
H42 PGE DA . -14.47 0.15 -15.79
HO4 PGE DA . -15.85 -2.60 -18.00
H6 PGE DA . -13.50 -4.01 -18.54
H62 PGE DA . -14.66 -4.84 -17.49
H5 PGE DA . -12.81 -2.86 -16.81
H52 PGE DA . -14.07 -3.60 -15.78
C1 EDO EA . -31.72 10.87 14.84
O1 EDO EA . -32.43 9.66 15.14
C2 EDO EA . -30.33 10.55 14.32
O2 EDO EA . -29.35 11.16 15.19
H11 EDO EA . -31.64 11.48 15.74
H12 EDO EA . -32.27 11.45 14.10
HO1 EDO EA . -33.12 9.52 14.48
H21 EDO EA . -30.22 10.95 13.30
H22 EDO EA . -30.18 9.48 14.27
HO2 EDO EA . -28.48 11.10 14.78
C1 GOL FA . -48.16 4.09 10.40
O1 GOL FA . -48.90 5.14 9.70
C2 GOL FA . -47.06 4.67 11.37
O2 GOL FA . -46.82 3.79 12.48
C3 GOL FA . -45.75 4.84 10.52
O3 GOL FA . -44.72 5.28 11.39
H11 GOL FA . -47.71 3.49 9.77
H12 GOL FA . -48.74 3.53 10.92
HO1 GOL FA . -48.44 5.85 9.76
H2 GOL FA . -47.36 5.52 11.71
HO2 GOL FA . -46.89 2.98 12.21
H31 GOL FA . -45.94 5.47 9.80
H32 GOL FA . -45.56 4.00 10.09
HO3 GOL FA . -44.46 4.60 11.83
C ACT GA . -25.57 -15.51 -5.47
O ACT GA . -24.79 -14.63 -4.91
OXT ACT GA . -26.54 -15.35 -6.28
CH3 ACT GA . -25.34 -17.01 -5.11
H1 ACT GA . -24.91 -17.06 -4.23
H2 ACT GA . -24.76 -17.41 -5.77
H3 ACT GA . -26.17 -17.48 -5.08
C ACT HA . -13.38 -2.11 16.35
O ACT HA . -13.65 -2.29 17.57
OXT ACT HA . -13.83 -1.21 15.55
CH3 ACT HA . -12.34 -3.11 15.73
H1 ACT HA . -12.79 -3.71 15.12
H2 ACT HA . -11.93 -3.62 16.44
H3 ACT HA . -11.66 -2.61 15.25
C1 GOL IA . -41.49 9.88 -7.48
O1 GOL IA . -41.09 8.55 -7.50
C2 GOL IA . -42.24 10.03 -6.18
O2 GOL IA . -41.71 9.18 -5.20
C3 GOL IA . -42.27 11.53 -5.85
O3 GOL IA . -42.83 11.67 -4.51
H11 GOL IA . -42.07 10.12 -8.22
H12 GOL IA . -40.75 10.51 -7.50
HO1 GOL IA . -41.03 8.30 -6.67
H2 GOL IA . -43.17 9.74 -6.28
HO2 GOL IA . -42.20 9.26 -4.50
H31 GOL IA . -42.78 12.00 -6.54
H32 GOL IA . -41.37 11.89 -5.93
HO3 GOL IA . -42.21 11.48 -3.97
N1 FMN JA . -25.33 -15.89 -1.11
C2 FMN JA . -25.73 -17.20 -1.07
O2 FMN JA . -25.08 -18.02 -0.36
N3 FMN JA . -26.81 -17.61 -1.76
C4 FMN JA . -27.56 -16.80 -2.53
O4 FMN JA . -28.55 -17.20 -3.15
C4A FMN JA . -27.19 -15.38 -2.63
N5 FMN JA . -27.91 -14.52 -3.38
C5A FMN JA . -27.73 -13.19 -3.19
C6 FMN JA . -28.67 -12.27 -3.64
C7 FMN JA . -28.51 -10.91 -3.39
C7M FMN JA . -29.52 -9.92 -3.88
C8 FMN JA . -27.33 -10.44 -2.68
C8M FMN JA . -27.12 -8.96 -2.41
C9 FMN JA . -26.37 -11.34 -2.25
C9A FMN JA . -26.53 -12.71 -2.46
N10 FMN JA . -25.61 -13.62 -1.93
C10 FMN JA . -25.99 -14.98 -1.88
C1' FMN JA . -24.46 -13.21 -1.17
C2' FMN JA . -23.40 -12.54 -2.06
O2' FMN JA . -22.66 -13.57 -2.70
C3' FMN JA . -22.58 -11.70 -1.12
O3' FMN JA . -23.40 -10.68 -0.49
C4' FMN JA . -21.45 -10.93 -1.81
O4' FMN JA . -20.55 -11.88 -2.40
C5' FMN JA . -20.73 -10.00 -0.84
O5' FMN JA . -20.23 -10.66 0.30
P FMN JA . -20.74 -10.39 1.81
O1P FMN JA . -22.25 -10.23 1.84
O2P FMN JA . -20.22 -11.56 2.62
O3P FMN JA . -20.08 -9.16 2.33
HN3 FMN JA . -27.08 -18.61 -1.69
H6 FMN JA . -29.54 -12.62 -4.18
HM71 FMN JA . -29.83 -9.30 -3.08
HM72 FMN JA . -30.36 -10.44 -4.26
HM73 FMN JA . -29.09 -9.32 -4.64
HM81 FMN JA . -27.15 -8.43 -3.32
HM82 FMN JA . -26.18 -8.81 -1.94
HM83 FMN JA . -27.89 -8.61 -1.77
H9 FMN JA . -25.49 -10.98 -1.73
H1'1 FMN JA . -24.78 -12.52 -0.39
H1'2 FMN JA . -24.02 -14.08 -0.68
H2' FMN JA . -23.79 -11.90 -2.86
HO2' FMN JA . -21.95 -13.86 -2.11
H3' FMN JA . -22.19 -12.43 -0.40
HO3' FMN JA . -23.68 -10.04 -1.15
H4' FMN JA . -21.86 -10.29 -2.60
HO4' FMN JA . -19.76 -11.98 -1.84
H5'1 FMN JA . -19.90 -9.52 -1.37
H5'2 FMN JA . -21.42 -9.22 -0.53
C1 GOL KA . -13.62 -4.30 3.37
O1 GOL KA . -13.23 -3.52 4.47
C2 GOL KA . -12.72 -3.85 2.15
O2 GOL KA . -11.86 -2.85 2.62
C3 GOL KA . -12.04 -5.14 1.58
O3 GOL KA . -11.40 -4.88 0.27
H11 GOL KA . -14.56 -4.18 3.14
H12 GOL KA . -13.52 -5.25 3.52
HO1 GOL KA . -12.84 -2.82 4.15
H2 GOL KA . -13.21 -3.46 1.41
HO2 GOL KA . -11.48 -2.50 1.93
H31 GOL KA . -12.73 -5.82 1.51
H32 GOL KA . -11.42 -5.47 2.24
HO3 GOL KA . -11.75 -4.18 -0.05
C1 PGE LA . -55.59 -5.80 -3.37
O1 PGE LA . -55.96 -4.72 -4.21
C2 PGE LA . -55.22 -5.26 -2.00
O2 PGE LA . -54.82 -6.31 -1.15
C3 PGE LA . -55.12 -6.08 0.23
C4 PGE LA . -53.81 -5.77 0.95
O4 PGE LA . -55.04 -5.50 5.10
C6 PGE LA . -55.53 -4.81 3.95
C5 PGE LA . -54.45 -4.55 2.90
O3 PGE LA . -54.02 -5.77 2.33
H1 PGE LA . -54.73 -6.37 -3.76
H12 PGE LA . -56.42 -6.51 -3.24
HO1 PGE LA . -55.55 -3.92 -3.86
H2 PGE LA . -56.07 -4.71 -1.58
H22 PGE LA . -54.39 -4.54 -2.13
H3 PGE LA . -55.59 -6.95 0.69
H32 PGE LA . -55.80 -5.22 0.34
H4 PGE LA . -53.43 -4.79 0.61
H42 PGE LA . -53.07 -6.53 0.67
HO4 PGE LA . -54.07 -5.56 5.04
H6 PGE LA . -55.96 -3.83 4.22
H62 PGE LA . -56.33 -5.40 3.45
H5 PGE LA . -53.61 -4.02 3.38
H52 PGE LA . -54.86 -3.87 2.13
#